data_6SUR
#
_entry.id   6SUR
#
_cell.length_a   48.400
_cell.length_b   204.900
_cell.length_c   107.200
_cell.angle_alpha   90.000
_cell.angle_beta   92.600
_cell.angle_gamma   90.000
#
_symmetry.space_group_name_H-M   'P 1 21 1'
#
loop_
_entity.id
_entity.type
_entity.pdbx_description
1 polymer 'Ras-related protein Rab-33B'
2 polymer 'Autophagy-related protein 16-1'
3 non-polymer 'MAGNESIUM ION'
4 non-polymer "GUANOSINE-5'-TRIPHOSPHATE"
#
loop_
_entity_poly.entity_id
_entity_poly.type
_entity_poly.pdbx_seq_one_letter_code
_entity_poly.pdbx_strand_id
1 'polypeptide(L)'
;RSRIFKIIVIGDSNVGKTCLTYRFCAGRFPDRTEATIGVDFRERAVDIDGERIKIQLWDTAGLERFRKSMVQHYYRNVHA
VVFVYDMTNMASFHSLPAWIEECKQHLLANDIPRILVGNKCDLRSAIQVPTDLAQKFADTHSMPLFETSAKNPNDNDHVE
AIFMTLAHKLKSH
;
A,B,C,D,E,F
2 'polypeptide(L)' DLEVANQTLKDEYDALQITFTALEEKLRKTTEENQELVTRWMAEKAQEANRLNAENE I,J,K,L,M,N
#
# COMPACT_ATOMS: atom_id res chain seq x y z
N SER A 2 -0.02 -2.76 10.09
CA SER A 2 0.45 -4.13 10.00
C SER A 2 1.78 -4.30 10.74
N ARG A 3 1.72 -4.81 11.96
CA ARG A 3 2.90 -4.95 12.79
C ARG A 3 3.87 -5.95 12.16
N ILE A 4 5.15 -5.60 12.19
CA ILE A 4 6.21 -6.36 11.54
C ILE A 4 7.09 -7.00 12.59
N PHE A 5 7.30 -8.32 12.47
CA PHE A 5 8.14 -9.06 13.41
C PHE A 5 9.42 -9.50 12.72
N LYS A 6 10.56 -9.13 13.31
CA LYS A 6 11.87 -9.50 12.80
C LYS A 6 12.31 -10.83 13.40
N ILE A 7 12.56 -11.82 12.56
CA ILE A 7 13.04 -13.12 13.03
C ILE A 7 14.33 -13.43 12.27
N ILE A 8 15.44 -13.54 13.00
CA ILE A 8 16.70 -13.84 12.36
C ILE A 8 16.93 -15.35 12.42
N VAL A 9 17.66 -15.87 11.43
CA VAL A 9 17.96 -17.28 11.32
C VAL A 9 19.47 -17.44 11.32
N ILE A 10 20.01 -18.00 12.41
CA ILE A 10 21.45 -18.16 12.62
C ILE A 10 21.79 -19.64 12.50
N GLY A 11 23.01 -19.93 12.10
CA GLY A 11 23.48 -21.29 11.97
C GLY A 11 24.72 -21.35 11.13
N ASP A 12 25.33 -22.53 11.09
CA ASP A 12 26.51 -22.70 10.28
C ASP A 12 26.18 -22.57 8.79
N SER A 13 27.23 -22.60 8.00
CA SER A 13 27.07 -22.54 6.55
C SER A 13 26.60 -23.89 6.03
N ASN A 14 25.80 -23.85 4.97
CA ASN A 14 25.34 -25.03 4.25
C ASN A 14 24.42 -25.90 5.11
N VAL A 15 23.80 -25.35 6.14
CA VAL A 15 22.85 -26.14 6.92
C VAL A 15 21.44 -26.08 6.36
N GLY A 16 21.12 -25.03 5.60
CA GLY A 16 19.81 -24.97 4.97
C GLY A 16 18.97 -23.81 5.44
N LYS A 17 19.61 -22.73 5.86
CA LYS A 17 18.88 -21.54 6.29
C LYS A 17 18.10 -20.94 5.14
N THR A 18 18.75 -20.80 3.98
CA THR A 18 18.09 -20.21 2.82
C THR A 18 16.91 -21.05 2.35
N CYS A 19 17.05 -22.38 2.37
CA CYS A 19 15.97 -23.24 1.91
C CYS A 19 14.78 -23.19 2.86
N LEU A 20 15.01 -23.02 4.16
CA LEU A 20 13.90 -22.94 5.11
C LEU A 20 13.14 -21.63 4.98
N THR A 21 13.86 -20.51 4.94
CA THR A 21 13.20 -19.22 4.79
C THR A 21 12.47 -19.14 3.45
N TYR A 22 13.08 -19.63 2.37
CA TYR A 22 12.41 -19.63 1.07
C TYR A 22 11.19 -20.54 1.07
N ARG A 23 11.25 -21.65 1.83
CA ARG A 23 10.12 -22.56 1.93
C ARG A 23 8.94 -21.91 2.63
N PHE A 24 9.20 -21.09 3.64
CA PHE A 24 8.13 -20.42 4.35
C PHE A 24 7.55 -19.26 3.55
N CYS A 25 8.41 -18.47 2.90
CA CYS A 25 7.96 -17.26 2.20
C CYS A 25 7.46 -17.57 0.80
N ALA A 26 8.15 -18.43 0.07
CA ALA A 26 7.76 -18.74 -1.29
C ALA A 26 6.89 -19.98 -1.39
N GLY A 27 6.72 -20.71 -0.29
CA GLY A 27 5.81 -21.83 -0.36
C GLY A 27 6.30 -22.95 -1.23
N ARG A 28 7.58 -22.94 -1.61
CA ARG A 28 8.11 -24.02 -2.42
C ARG A 28 9.61 -24.21 -2.19
N PHE A 29 10.08 -25.44 -2.42
CA PHE A 29 11.49 -25.75 -2.18
C PHE A 29 12.33 -25.10 -3.28
N PRO A 30 13.40 -24.38 -2.95
CA PRO A 30 14.17 -23.70 -4.02
C PRO A 30 14.97 -24.72 -4.84
N ASP A 31 14.81 -24.67 -6.16
CA ASP A 31 15.52 -25.62 -7.01
C ASP A 31 17.02 -25.34 -7.11
N ARG A 32 17.47 -24.11 -6.81
CA ARG A 32 18.89 -23.76 -6.90
C ARG A 32 19.19 -22.61 -5.93
N THR A 33 20.26 -22.76 -5.15
CA THR A 33 20.70 -21.74 -4.20
C THR A 33 22.20 -21.60 -4.27
N GLU A 34 22.69 -20.48 -3.71
CA GLU A 34 24.12 -20.24 -3.58
C GLU A 34 24.40 -19.70 -2.18
N ALA A 35 25.69 -19.49 -1.89
CA ALA A 35 26.09 -19.02 -0.56
C ALA A 35 25.55 -17.62 -0.32
N THR A 36 24.83 -17.47 0.80
CA THR A 36 24.23 -16.19 1.12
C THR A 36 25.29 -15.20 1.57
N ILE A 37 25.28 -14.01 0.96
CA ILE A 37 26.23 -12.95 1.29
C ILE A 37 25.52 -11.95 2.18
N GLY A 38 26.06 -11.72 3.38
CA GLY A 38 25.41 -10.78 4.27
C GLY A 38 24.09 -11.30 4.80
N VAL A 39 23.00 -10.63 4.41
CA VAL A 39 21.67 -11.05 4.79
C VAL A 39 20.91 -11.31 3.50
N ASP A 40 19.78 -11.99 3.64
CA ASP A 40 18.88 -12.20 2.52
C ASP A 40 17.46 -12.08 3.07
N PHE A 41 16.79 -10.98 2.76
CA PHE A 41 15.56 -10.60 3.44
C PHE A 41 14.35 -11.19 2.72
N ARG A 42 13.49 -11.89 3.47
CA ARG A 42 12.28 -12.47 2.91
C ARG A 42 11.10 -12.17 3.82
N GLU A 43 10.04 -11.63 3.24
CA GLU A 43 8.89 -11.18 4.00
C GLU A 43 7.66 -11.96 3.54
N ARG A 44 6.76 -12.20 4.49
CA ARG A 44 5.51 -12.89 4.21
C ARG A 44 4.42 -12.35 5.12
N ALA A 45 3.28 -12.01 4.54
CA ALA A 45 2.13 -11.56 5.30
C ALA A 45 1.30 -12.76 5.72
N VAL A 46 0.82 -12.74 6.97
CA VAL A 46 0.07 -13.85 7.53
C VAL A 46 -1.08 -13.28 8.35
N ASP A 47 -2.08 -14.12 8.60
CA ASP A 47 -3.24 -13.76 9.41
C ASP A 47 -3.24 -14.62 10.67
N ILE A 48 -2.78 -14.03 11.78
CA ILE A 48 -2.76 -14.70 13.08
C ILE A 48 -3.87 -14.09 13.93
N ASP A 49 -4.84 -14.91 14.33
CA ASP A 49 -5.95 -14.48 15.18
C ASP A 49 -6.67 -13.27 14.60
N GLY A 50 -6.83 -13.26 13.28
CA GLY A 50 -7.51 -12.18 12.61
C GLY A 50 -6.66 -10.96 12.31
N GLU A 51 -5.54 -10.78 12.99
CA GLU A 51 -4.65 -9.66 12.73
C GLU A 51 -3.66 -9.98 11.62
N ARG A 52 -3.45 -9.03 10.73
CA ARG A 52 -2.53 -9.19 9.62
C ARG A 52 -1.13 -8.79 10.09
N ILE A 53 -0.20 -9.73 10.03
CA ILE A 53 1.16 -9.56 10.54
C ILE A 53 2.14 -9.85 9.41
N LYS A 54 3.16 -9.00 9.30
CA LYS A 54 4.24 -9.18 8.33
C LYS A 54 5.42 -9.84 9.04
N ILE A 55 5.67 -11.09 8.71
CA ILE A 55 6.83 -11.81 9.25
C ILE A 55 8.03 -11.50 8.38
N GLN A 56 9.11 -11.05 9.01
CA GLN A 56 10.30 -10.60 8.28
C GLN A 56 11.45 -11.51 8.67
N LEU A 57 11.72 -12.52 7.85
CA LEU A 57 12.78 -13.47 8.13
C LEU A 57 14.09 -12.93 7.58
N TRP A 58 15.14 -12.98 8.39
CA TRP A 58 16.47 -12.58 7.94
C TRP A 58 17.31 -13.84 7.78
N ASP A 59 17.62 -14.20 6.54
CA ASP A 59 18.50 -15.30 6.18
C ASP A 59 19.94 -14.82 6.34
N THR A 60 20.48 -14.95 7.56
CA THR A 60 21.84 -14.52 7.81
C THR A 60 22.83 -15.43 7.08
N ALA A 61 24.09 -14.99 7.01
CA ALA A 61 25.14 -15.77 6.40
C ALA A 61 25.76 -16.70 7.43
N GLY A 62 26.41 -17.75 6.93
CA GLY A 62 27.05 -18.71 7.79
C GLY A 62 28.56 -18.73 7.66
N LEU A 63 29.04 -18.16 6.55
CA LEU A 63 30.47 -18.05 6.31
C LEU A 63 30.99 -16.80 7.01
N GLU A 64 32.06 -16.96 7.79
CA GLU A 64 32.54 -15.86 8.61
C GLU A 64 33.02 -14.69 7.77
N ARG A 65 33.63 -14.97 6.62
CA ARG A 65 34.10 -13.87 5.76
C ARG A 65 32.97 -13.12 5.10
N PHE A 66 31.75 -13.66 5.09
CA PHE A 66 30.61 -13.02 4.47
C PHE A 66 29.60 -12.48 5.49
N ARG A 67 29.93 -12.49 6.78
CA ARG A 67 29.04 -11.97 7.81
C ARG A 67 29.74 -11.23 8.93
N LYS A 68 31.06 -11.08 8.89
CA LYS A 68 31.78 -10.53 10.03
C LYS A 68 31.37 -9.09 10.31
N SER A 69 30.86 -8.37 9.31
CA SER A 69 30.48 -6.97 9.46
C SER A 69 29.00 -6.76 9.70
N MET A 70 28.18 -7.81 9.63
CA MET A 70 26.74 -7.67 9.68
C MET A 70 26.13 -8.08 11.01
N VAL A 71 26.95 -8.51 11.97
CA VAL A 71 26.40 -9.18 13.14
C VAL A 71 25.47 -8.26 13.93
N GLN A 72 25.87 -7.02 14.16
CA GLN A 72 25.03 -6.15 14.98
C GLN A 72 23.83 -5.61 14.21
N HIS A 73 23.87 -5.62 12.89
CA HIS A 73 22.65 -5.36 12.14
C HIS A 73 21.64 -6.49 12.32
N TYR A 74 22.12 -7.72 12.57
CA TYR A 74 21.23 -8.84 12.83
C TYR A 74 20.49 -8.64 14.15
N TYR A 75 21.22 -8.33 15.22
CA TYR A 75 20.67 -8.34 16.57
C TYR A 75 20.20 -6.96 17.00
N ARG A 76 19.66 -6.16 16.08
CA ARG A 76 19.08 -4.88 16.44
C ARG A 76 17.58 -4.97 16.19
N ASN A 77 16.80 -4.71 17.23
CA ASN A 77 15.35 -4.77 17.16
C ASN A 77 14.88 -6.14 16.72
N VAL A 78 15.65 -7.17 17.07
CA VAL A 78 15.30 -8.54 16.74
C VAL A 78 14.17 -8.99 17.67
N HIS A 79 13.17 -9.67 17.12
CA HIS A 79 12.04 -10.13 17.91
C HIS A 79 12.11 -11.62 18.23
N ALA A 80 12.72 -12.42 17.36
CA ALA A 80 12.84 -13.86 17.61
C ALA A 80 14.11 -14.36 16.91
N VAL A 81 14.72 -15.39 17.48
CA VAL A 81 15.96 -15.95 16.97
C VAL A 81 15.76 -17.44 16.73
N VAL A 82 16.13 -17.91 15.54
CA VAL A 82 16.00 -19.30 15.15
C VAL A 82 17.38 -19.84 14.87
N PHE A 83 17.85 -20.74 15.71
CA PHE A 83 19.11 -21.44 15.50
C PHE A 83 18.86 -22.69 14.67
N VAL A 84 19.76 -22.95 13.74
CA VAL A 84 19.60 -24.06 12.80
C VAL A 84 20.86 -24.90 12.76
N TYR A 85 20.70 -26.22 12.81
CA TYR A 85 21.80 -27.15 12.61
C TYR A 85 21.36 -28.20 11.59
N ASP A 86 22.35 -28.85 11.01
CA ASP A 86 22.13 -29.88 10.01
C ASP A 86 22.10 -31.25 10.69
N MET A 87 20.97 -31.96 10.59
CA MET A 87 20.84 -33.26 11.24
C MET A 87 21.77 -34.32 10.66
N THR A 88 22.31 -34.08 9.47
CA THR A 88 23.27 -34.97 8.84
C THR A 88 24.70 -34.48 8.99
N ASN A 89 24.96 -33.65 9.99
CA ASN A 89 26.29 -33.06 10.20
C ASN A 89 26.44 -32.80 11.70
N MET A 90 27.10 -33.73 12.39
CA MET A 90 27.33 -33.56 13.82
C MET A 90 28.15 -32.31 14.11
N ALA A 91 29.06 -31.94 13.20
CA ALA A 91 29.89 -30.76 13.41
C ALA A 91 29.06 -29.49 13.50
N SER A 92 27.98 -29.40 12.72
CA SER A 92 27.11 -28.23 12.79
C SER A 92 26.34 -28.19 14.10
N PHE A 93 26.08 -29.34 14.70
CA PHE A 93 25.44 -29.38 16.01
C PHE A 93 26.40 -28.90 17.10
N HIS A 94 27.66 -29.34 17.04
CA HIS A 94 28.64 -28.93 18.03
C HIS A 94 28.95 -27.45 17.93
N SER A 95 28.58 -26.80 16.82
CA SER A 95 28.81 -25.38 16.70
C SER A 95 27.72 -24.54 17.34
N LEU A 96 26.64 -25.17 17.81
CA LEU A 96 25.56 -24.40 18.43
C LEU A 96 25.98 -23.62 19.67
N PRO A 97 26.81 -24.16 20.58
CA PRO A 97 27.27 -23.32 21.70
C PRO A 97 27.93 -22.03 21.24
N ALA A 98 28.67 -22.07 20.13
CA ALA A 98 29.30 -20.86 19.62
C ALA A 98 28.26 -19.83 19.18
N TRP A 99 27.21 -20.28 18.48
CA TRP A 99 26.19 -19.34 18.03
C TRP A 99 25.38 -18.79 19.21
N ILE A 100 25.12 -19.61 20.21
CA ILE A 100 24.40 -19.14 21.39
C ILE A 100 25.25 -18.11 22.14
N GLU A 101 26.57 -18.29 22.15
CA GLU A 101 27.45 -17.27 22.72
C GLU A 101 27.36 -15.98 21.92
N GLU A 102 27.35 -16.08 20.59
CA GLU A 102 27.21 -14.89 19.76
C GLU A 102 25.92 -14.16 20.08
N CYS A 103 24.83 -14.90 20.29
CA CYS A 103 23.55 -14.29 20.60
C CYS A 103 23.57 -13.61 21.97
N LYS A 104 24.05 -14.32 22.99
CA LYS A 104 24.06 -13.75 24.35
C LYS A 104 24.94 -12.51 24.41
N GLN A 105 26.07 -12.52 23.71
CA GLN A 105 26.96 -11.37 23.78
C GLN A 105 26.33 -10.13 23.15
N HIS A 106 25.47 -10.31 22.15
CA HIS A 106 24.79 -9.22 21.46
C HIS A 106 23.43 -8.85 22.04
N LEU A 107 22.92 -9.62 23.00
CA LEU A 107 21.63 -9.32 23.62
C LEU A 107 21.75 -9.35 25.13
N LEU A 108 21.25 -8.33 25.80
CA LEU A 108 21.22 -8.31 27.25
C LEU A 108 19.86 -8.72 27.81
N ALA A 109 18.85 -8.90 26.95
CA ALA A 109 17.49 -9.19 27.36
C ALA A 109 17.15 -10.62 27.03
N ASN A 110 16.64 -11.35 28.02
CA ASN A 110 16.21 -12.73 27.89
C ASN A 110 14.69 -12.84 27.72
N ASP A 111 14.06 -11.84 27.11
CA ASP A 111 12.62 -11.89 26.92
C ASP A 111 12.25 -12.42 25.54
N ILE A 112 13.19 -12.50 24.61
CA ILE A 112 12.81 -12.83 23.24
C ILE A 112 12.86 -14.34 23.04
N PRO A 113 11.92 -14.88 22.25
CA PRO A 113 11.87 -16.32 22.03
C PRO A 113 13.04 -16.81 21.18
N ARG A 114 13.65 -17.90 21.63
CA ARG A 114 14.72 -18.56 20.92
C ARG A 114 14.30 -20.01 20.68
N ILE A 115 14.49 -20.50 19.45
CA ILE A 115 14.13 -21.88 19.14
C ILE A 115 15.33 -22.54 18.46
N LEU A 116 15.35 -23.87 18.54
CA LEU A 116 16.40 -24.68 17.93
C LEU A 116 15.76 -25.58 16.87
N VAL A 117 16.34 -25.57 15.67
CA VAL A 117 15.77 -26.29 14.53
C VAL A 117 16.87 -27.12 13.87
N GLY A 118 16.58 -28.40 13.64
CA GLY A 118 17.44 -29.28 12.87
C GLY A 118 16.85 -29.55 11.51
N ASN A 119 17.63 -29.32 10.47
CA ASN A 119 17.15 -29.41 9.11
C ASN A 119 17.59 -30.72 8.45
N LYS A 120 17.06 -30.96 7.25
CA LYS A 120 17.47 -32.09 6.40
C LYS A 120 17.13 -33.43 7.04
N CYS A 121 15.96 -33.51 7.69
CA CYS A 121 15.56 -34.78 8.28
C CYS A 121 15.06 -35.77 7.24
N ASP A 122 14.83 -35.32 6.01
CA ASP A 122 14.42 -36.26 4.95
C ASP A 122 15.50 -37.26 4.60
N LEU A 123 16.77 -36.94 4.87
CA LEU A 123 17.88 -37.83 4.60
C LEU A 123 18.01 -38.81 5.77
N ARG A 124 17.00 -39.67 5.90
CA ARG A 124 16.88 -40.54 7.07
C ARG A 124 18.06 -41.49 7.21
N SER A 125 18.69 -41.85 6.09
CA SER A 125 19.82 -42.77 6.11
C SER A 125 21.13 -42.12 6.55
N ALA A 126 21.20 -40.79 6.62
CA ALA A 126 22.44 -40.10 6.96
C ALA A 126 22.31 -39.22 8.18
N ILE A 127 21.23 -39.33 8.96
CA ILE A 127 21.08 -38.53 10.16
C ILE A 127 22.19 -38.87 11.14
N GLN A 128 22.84 -37.83 11.67
CA GLN A 128 23.94 -38.02 12.61
C GLN A 128 23.67 -37.50 14.00
N VAL A 129 22.71 -36.58 14.18
CA VAL A 129 22.43 -35.99 15.48
C VAL A 129 21.22 -36.73 16.07
N PRO A 130 21.40 -37.53 17.13
CA PRO A 130 20.25 -38.20 17.74
C PRO A 130 19.27 -37.19 18.30
N THR A 131 17.99 -37.54 18.25
CA THR A 131 16.95 -36.65 18.73
C THR A 131 17.08 -36.40 20.22
N ASP A 132 17.56 -37.39 20.97
CA ASP A 132 17.66 -37.25 22.42
C ASP A 132 18.77 -36.26 22.79
N LEU A 133 19.90 -36.32 22.09
CA LEU A 133 21.00 -35.41 22.38
C LEU A 133 20.61 -33.96 22.08
N ALA A 134 20.05 -33.71 20.90
CA ALA A 134 19.65 -32.35 20.56
C ALA A 134 18.55 -31.86 21.48
N GLN A 135 17.67 -32.75 21.93
CA GLN A 135 16.63 -32.35 22.89
C GLN A 135 17.24 -31.97 24.23
N LYS A 136 18.22 -32.76 24.69
CA LYS A 136 18.86 -32.52 25.97
C LYS A 136 19.60 -31.18 25.95
N PHE A 137 20.21 -30.85 24.81
CA PHE A 137 20.85 -29.55 24.65
C PHE A 137 19.82 -28.43 24.54
N ALA A 138 18.77 -28.62 23.74
CA ALA A 138 17.71 -27.64 23.65
C ALA A 138 17.11 -27.34 25.02
N ASP A 139 16.96 -28.37 25.87
CA ASP A 139 16.42 -28.17 27.21
C ASP A 139 17.40 -27.39 28.08
N THR A 140 18.70 -27.59 27.89
CA THR A 140 19.70 -26.91 28.71
C THR A 140 19.57 -25.40 28.59
N HIS A 141 19.45 -24.91 27.36
CA HIS A 141 19.35 -23.49 27.11
C HIS A 141 17.91 -23.00 27.06
N SER A 142 16.95 -23.85 27.45
CA SER A 142 15.54 -23.49 27.49
C SER A 142 15.05 -22.99 26.13
N MET A 143 15.09 -23.91 25.16
CA MET A 143 14.59 -23.66 23.82
C MET A 143 13.78 -24.86 23.37
N PRO A 144 12.76 -24.65 22.54
CA PRO A 144 12.07 -25.77 21.93
C PRO A 144 12.87 -26.32 20.76
N LEU A 145 12.81 -27.64 20.59
CA LEU A 145 13.48 -28.32 19.50
C LEU A 145 12.47 -28.69 18.42
N PHE A 146 12.87 -28.49 17.17
CA PHE A 146 12.05 -28.85 16.03
C PHE A 146 12.94 -29.53 15.00
N GLU A 147 12.67 -30.80 14.72
CA GLU A 147 13.37 -31.52 13.68
C GLU A 147 12.48 -31.55 12.44
N THR A 148 12.99 -30.96 11.35
CA THR A 148 12.18 -30.74 10.15
C THR A 148 13.04 -30.85 8.90
N SER A 149 12.41 -30.59 7.76
CA SER A 149 13.08 -30.64 6.46
C SER A 149 12.43 -29.61 5.55
N ALA A 150 13.27 -28.87 4.83
CA ALA A 150 12.74 -27.92 3.86
C ALA A 150 12.18 -28.64 2.64
N LYS A 151 12.75 -29.79 2.30
CA LYS A 151 12.38 -30.48 1.06
C LYS A 151 11.20 -31.42 1.25
N ASN A 152 11.28 -32.33 2.21
CA ASN A 152 10.22 -33.31 2.44
C ASN A 152 10.21 -33.76 3.90
N PRO A 153 9.55 -33.00 4.76
CA PRO A 153 9.33 -33.43 6.17
C PRO A 153 8.07 -34.28 6.30
N ASN A 154 8.14 -35.51 5.80
CA ASN A 154 7.00 -36.43 5.85
C ASN A 154 6.62 -36.73 7.29
N ASP A 155 5.48 -36.18 7.73
CA ASP A 155 4.98 -36.36 9.10
C ASP A 155 5.99 -35.89 10.15
N ASN A 156 6.79 -34.88 9.82
CA ASN A 156 7.83 -34.43 10.73
C ASN A 156 7.91 -32.89 10.73
N ASP A 157 7.08 -32.26 11.56
CA ASP A 157 7.14 -30.83 11.88
C ASP A 157 7.35 -29.91 10.66
N HIS A 158 6.34 -29.84 9.79
CA HIS A 158 6.40 -28.95 8.64
C HIS A 158 6.81 -27.52 9.00
N VAL A 159 7.56 -26.89 8.09
CA VAL A 159 8.22 -25.61 8.36
C VAL A 159 7.20 -24.52 8.68
N GLU A 160 6.12 -24.41 7.89
CA GLU A 160 5.16 -23.35 8.13
C GLU A 160 4.59 -23.44 9.54
N ALA A 161 4.29 -24.66 9.99
CA ALA A 161 3.82 -24.85 11.37
C ALA A 161 4.82 -24.30 12.37
N ILE A 162 6.11 -24.39 12.07
CA ILE A 162 7.12 -23.88 12.99
C ILE A 162 7.06 -22.37 13.09
N PHE A 163 7.20 -21.68 11.96
CA PHE A 163 7.19 -20.22 11.98
C PHE A 163 5.83 -19.66 12.39
N MET A 164 4.72 -20.32 12.02
CA MET A 164 3.42 -19.87 12.50
C MET A 164 3.34 -19.97 14.02
N THR A 165 3.91 -21.03 14.60
CA THR A 165 3.95 -21.15 16.05
C THR A 165 4.78 -20.02 16.66
N LEU A 166 5.93 -19.72 16.07
CA LEU A 166 6.78 -18.67 16.60
C LEU A 166 6.09 -17.31 16.50
N ALA A 167 5.43 -17.04 15.38
CA ALA A 167 4.70 -15.78 15.24
C ALA A 167 3.49 -15.73 16.16
N HIS A 168 2.81 -16.86 16.34
CA HIS A 168 1.67 -16.91 17.23
C HIS A 168 2.09 -16.60 18.67
N LYS A 169 3.26 -17.12 19.07
CA LYS A 169 3.79 -16.79 20.40
C LYS A 169 4.21 -15.33 20.47
N LEU A 170 4.66 -14.74 19.36
CA LEU A 170 5.07 -13.35 19.37
C LEU A 170 3.89 -12.39 19.46
N LYS A 171 2.74 -12.77 18.91
CA LYS A 171 1.59 -11.88 18.94
C LYS A 171 1.06 -11.68 20.35
N SER A 172 1.17 -12.71 21.20
CA SER A 172 0.66 -12.65 22.57
C SER A 172 1.36 -11.56 23.38
N SER B 2 3.57 12.22 -11.89
CA SER B 2 4.17 10.91 -11.64
C SER B 2 5.05 10.45 -12.80
N ARG B 3 5.18 11.28 -13.83
CA ARG B 3 5.93 10.90 -15.01
C ARG B 3 7.41 10.70 -14.67
N ILE B 4 7.96 9.60 -15.13
CA ILE B 4 9.37 9.26 -14.92
C ILE B 4 10.05 9.24 -16.28
N PHE B 5 11.15 9.97 -16.42
CA PHE B 5 11.89 10.00 -17.68
C PHE B 5 13.22 9.29 -17.45
N LYS B 6 13.49 8.29 -18.29
CA LYS B 6 14.71 7.51 -18.21
C LYS B 6 15.79 8.16 -19.05
N ILE B 7 16.91 8.51 -18.42
CA ILE B 7 18.05 9.11 -19.09
C ILE B 7 19.28 8.26 -18.79
N ILE B 8 19.85 7.68 -19.81
CA ILE B 8 21.02 6.82 -19.66
C ILE B 8 22.27 7.67 -19.88
N VAL B 9 23.36 7.26 -19.22
CA VAL B 9 24.64 7.95 -19.32
C VAL B 9 25.64 6.96 -19.85
N ILE B 10 26.07 7.16 -21.09
CA ILE B 10 26.96 6.24 -21.79
C ILE B 10 28.34 6.87 -21.93
N GLY B 11 29.36 6.04 -21.96
CA GLY B 11 30.72 6.54 -22.13
C GLY B 11 31.73 5.51 -21.70
N ASP B 12 32.99 5.81 -22.00
CA ASP B 12 34.08 4.92 -21.59
C ASP B 12 34.21 4.91 -20.07
N SER B 13 35.11 4.06 -19.58
CA SER B 13 35.38 3.97 -18.15
C SER B 13 36.23 5.15 -17.72
N ASN B 14 36.02 5.57 -16.46
CA ASN B 14 36.79 6.63 -15.81
C ASN B 14 36.54 7.99 -16.42
N VAL B 15 35.42 8.17 -17.12
CA VAL B 15 35.15 9.48 -17.70
C VAL B 15 34.40 10.41 -16.74
N GLY B 16 33.69 9.86 -15.77
CA GLY B 16 33.01 10.70 -14.79
C GLY B 16 31.51 10.59 -14.86
N LYS B 17 31.02 9.43 -15.30
CA LYS B 17 29.58 9.21 -15.33
C LYS B 17 29.00 9.23 -13.93
N THR B 18 29.65 8.51 -13.01
CA THR B 18 29.18 8.45 -11.64
C THR B 18 29.22 9.83 -10.99
N CYS B 19 30.29 10.58 -11.24
CA CYS B 19 30.43 11.90 -10.63
C CYS B 19 29.43 12.89 -11.20
N LEU B 20 29.08 12.78 -12.49
CA LEU B 20 28.10 13.70 -13.06
C LEU B 20 26.69 13.39 -12.56
N THR B 21 26.29 12.13 -12.58
CA THR B 21 24.97 11.76 -12.07
C THR B 21 24.85 12.07 -10.59
N TYR B 22 25.90 11.79 -9.81
CA TYR B 22 25.88 12.12 -8.40
C TYR B 22 25.86 13.63 -8.18
N ARG B 23 26.51 14.38 -9.07
CA ARG B 23 26.48 15.84 -8.97
C ARG B 23 25.09 16.38 -9.22
N PHE B 24 24.34 15.80 -10.14
CA PHE B 24 23.00 16.30 -10.42
C PHE B 24 22.03 15.91 -9.32
N CYS B 25 22.12 14.68 -8.81
CA CYS B 25 21.12 14.21 -7.84
C CYS B 25 21.48 14.63 -6.42
N ALA B 26 22.74 14.50 -6.05
CA ALA B 26 23.17 14.82 -4.70
C ALA B 26 23.75 16.23 -4.56
N GLY B 27 23.92 16.95 -5.66
CA GLY B 27 24.41 18.32 -5.57
C GLY B 27 25.84 18.50 -5.15
N ARG B 28 26.58 17.42 -4.93
CA ARG B 28 27.97 17.43 -4.51
C ARG B 28 28.80 16.38 -5.24
N PHE B 29 30.08 16.64 -5.27
CA PHE B 29 31.04 15.77 -5.96
C PHE B 29 31.39 14.59 -5.09
N PRO B 30 31.30 13.37 -5.60
CA PRO B 30 31.62 12.20 -4.76
C PRO B 30 33.13 12.11 -4.56
N ASP B 31 33.55 12.00 -3.31
CA ASP B 31 34.98 11.99 -2.99
C ASP B 31 35.66 10.70 -3.44
N ARG B 32 35.26 9.56 -2.87
CA ARG B 32 35.92 8.29 -3.08
C ARG B 32 35.04 7.44 -3.98
N THR B 33 35.52 7.16 -5.19
CA THR B 33 34.74 6.48 -6.23
C THR B 33 35.45 5.24 -6.73
N GLU B 34 34.66 4.21 -7.03
CA GLU B 34 35.15 2.96 -7.58
C GLU B 34 34.49 2.73 -8.94
N ALA B 35 34.87 1.62 -9.57
CA ALA B 35 34.30 1.24 -10.86
C ALA B 35 32.85 0.84 -10.71
N THR B 36 31.98 1.43 -11.51
CA THR B 36 30.56 1.13 -11.42
C THR B 36 30.28 -0.28 -11.94
N ILE B 37 29.58 -1.08 -11.14
CA ILE B 37 29.24 -2.46 -11.49
C ILE B 37 27.79 -2.45 -11.96
N GLY B 38 27.56 -2.88 -13.19
CA GLY B 38 26.20 -2.87 -13.70
C GLY B 38 25.68 -1.46 -13.91
N VAL B 39 24.64 -1.08 -13.16
CA VAL B 39 24.06 0.24 -13.20
C VAL B 39 24.05 0.82 -11.79
N ASP B 40 24.07 2.15 -11.70
CA ASP B 40 23.73 2.88 -10.48
C ASP B 40 22.55 3.78 -10.80
N PHE B 41 21.41 3.52 -10.18
CA PHE B 41 20.19 4.27 -10.47
C PHE B 41 20.12 5.47 -9.55
N ARG B 42 19.97 6.66 -10.12
CA ARG B 42 19.85 7.89 -9.35
C ARG B 42 18.69 8.70 -9.87
N GLU B 43 17.80 9.08 -8.96
CA GLU B 43 16.56 9.76 -9.31
C GLU B 43 16.49 11.11 -8.63
N ARG B 44 15.87 12.07 -9.31
CA ARG B 44 15.67 13.40 -8.77
C ARG B 44 14.36 13.97 -9.28
N ALA B 45 13.52 14.46 -8.36
CA ALA B 45 12.25 15.07 -8.71
C ALA B 45 12.39 16.57 -8.93
N VAL B 46 11.72 17.08 -9.96
CA VAL B 46 11.74 18.50 -10.31
C VAL B 46 10.34 18.92 -10.74
N ASP B 47 10.11 20.23 -10.72
CA ASP B 47 8.85 20.81 -11.17
C ASP B 47 9.14 21.64 -12.41
N ILE B 48 8.82 21.07 -13.56
CA ILE B 48 9.04 21.71 -14.86
C ILE B 48 7.70 22.20 -15.37
N ASP B 49 7.59 23.51 -15.57
CA ASP B 49 6.39 24.15 -16.10
C ASP B 49 5.17 23.77 -15.27
N GLY B 50 5.35 23.72 -13.95
CA GLY B 50 4.28 23.38 -13.03
C GLY B 50 4.04 21.89 -12.85
N GLU B 51 4.50 21.05 -13.77
CA GLU B 51 4.31 19.62 -13.66
C GLU B 51 5.48 18.99 -12.93
N ARG B 52 5.18 18.01 -12.07
CA ARG B 52 6.21 17.34 -11.31
C ARG B 52 6.73 16.15 -12.10
N ILE B 53 8.05 16.08 -12.25
CA ILE B 53 8.71 15.09 -13.08
C ILE B 53 9.86 14.44 -12.31
N LYS B 54 9.92 13.11 -12.38
CA LYS B 54 11.00 12.32 -11.78
C LYS B 54 12.00 11.95 -12.87
N ILE B 55 13.18 12.53 -12.79
CA ILE B 55 14.31 12.22 -13.67
C ILE B 55 15.01 11.01 -13.07
N GLN B 56 15.13 9.94 -13.86
CA GLN B 56 15.83 8.73 -13.46
C GLN B 56 17.07 8.61 -14.32
N LEU B 57 18.22 8.91 -13.74
CA LEU B 57 19.49 8.78 -14.43
C LEU B 57 20.04 7.39 -14.23
N TRP B 58 20.48 6.74 -15.30
CA TRP B 58 21.14 5.44 -15.17
C TRP B 58 22.64 5.61 -15.39
N ASP B 59 23.41 5.43 -14.33
CA ASP B 59 24.87 5.44 -14.36
C ASP B 59 25.35 4.09 -14.89
N THR B 60 25.44 3.96 -16.20
CA THR B 60 25.88 2.71 -16.79
C THR B 60 27.36 2.48 -16.51
N ALA B 61 27.80 1.25 -16.75
CA ALA B 61 29.19 0.90 -16.57
C ALA B 61 29.97 1.17 -17.85
N GLY B 62 31.28 1.31 -17.71
CA GLY B 62 32.12 1.57 -18.86
C GLY B 62 33.07 0.43 -19.15
N LEU B 63 33.30 -0.43 -18.16
CA LEU B 63 34.15 -1.60 -18.32
C LEU B 63 33.34 -2.74 -18.90
N GLU B 64 33.88 -3.38 -19.94
CA GLU B 64 33.14 -4.43 -20.63
C GLU B 64 32.83 -5.59 -19.70
N ARG B 65 33.73 -5.88 -18.76
CA ARG B 65 33.50 -6.96 -17.81
C ARG B 65 32.35 -6.64 -16.85
N PHE B 66 31.97 -5.37 -16.75
CA PHE B 66 30.92 -4.93 -15.83
C PHE B 66 29.66 -4.47 -16.53
N ARG B 67 29.56 -4.63 -17.85
CA ARG B 67 28.37 -4.18 -18.55
C ARG B 67 27.92 -5.09 -19.69
N LYS B 68 28.56 -6.24 -19.90
CA LYS B 68 28.24 -7.05 -21.07
C LYS B 68 26.83 -7.62 -21.02
N SER B 69 26.32 -7.92 -19.82
CA SER B 69 25.01 -8.54 -19.65
C SER B 69 23.89 -7.53 -19.45
N MET B 70 24.22 -6.26 -19.30
CA MET B 70 23.25 -5.24 -18.95
C MET B 70 22.87 -4.37 -20.14
N VAL B 71 23.43 -4.64 -21.31
CA VAL B 71 23.35 -3.68 -22.41
C VAL B 71 21.91 -3.43 -22.82
N GLN B 72 21.14 -4.49 -22.94
CA GLN B 72 19.77 -4.31 -23.42
C GLN B 72 18.83 -3.85 -22.30
N HIS B 73 19.22 -4.02 -21.04
CA HIS B 73 18.50 -3.39 -19.94
C HIS B 73 18.66 -1.88 -19.98
N TYR B 74 19.77 -1.38 -20.52
CA TYR B 74 19.95 0.06 -20.65
C TYR B 74 18.93 0.65 -21.60
N TYR B 75 18.79 0.05 -22.78
CA TYR B 75 18.05 0.62 -23.91
C TYR B 75 16.60 0.16 -23.99
N ARG B 76 15.85 0.12 -22.88
CA ARG B 76 14.42 -0.15 -22.92
C ARG B 76 13.69 1.04 -22.31
N ASN B 77 12.74 1.59 -23.08
CA ASN B 77 11.96 2.74 -22.65
C ASN B 77 12.83 3.94 -22.35
N VAL B 78 13.93 4.08 -23.09
CA VAL B 78 14.85 5.20 -22.89
C VAL B 78 14.22 6.46 -23.45
N HIS B 79 14.33 7.55 -22.68
CA HIS B 79 13.80 8.82 -23.12
C HIS B 79 14.87 9.79 -23.56
N ALA B 80 16.08 9.70 -22.99
CA ALA B 80 17.18 10.57 -23.37
C ALA B 80 18.49 9.85 -23.12
N VAL B 81 19.49 10.16 -23.94
CA VAL B 81 20.80 9.53 -23.86
C VAL B 81 21.85 10.62 -23.76
N VAL B 82 22.76 10.47 -22.79
CA VAL B 82 23.81 11.45 -22.56
C VAL B 82 25.14 10.75 -22.78
N PHE B 83 25.86 11.18 -23.81
CA PHE B 83 27.18 10.64 -24.10
C PHE B 83 28.21 11.47 -23.35
N VAL B 84 29.19 10.80 -22.75
CA VAL B 84 30.21 11.48 -21.98
C VAL B 84 31.59 11.05 -22.45
N TYR B 85 32.48 12.01 -22.63
CA TYR B 85 33.88 11.75 -22.91
C TYR B 85 34.73 12.57 -21.95
N ASP B 86 35.97 12.14 -21.77
CA ASP B 86 36.91 12.82 -20.89
C ASP B 86 37.73 13.80 -21.71
N MET B 87 37.64 15.08 -21.35
CA MET B 87 38.39 16.10 -22.09
C MET B 87 39.89 15.96 -21.91
N THR B 88 40.33 15.21 -20.90
CA THR B 88 41.75 14.92 -20.69
C THR B 88 42.16 13.55 -21.20
N ASN B 89 41.39 12.98 -22.13
CA ASN B 89 41.66 11.64 -22.66
C ASN B 89 41.10 11.59 -24.08
N MET B 90 41.98 11.79 -25.07
CA MET B 90 41.55 11.71 -26.45
C MET B 90 41.01 10.33 -26.80
N ALA B 91 41.54 9.28 -26.16
CA ALA B 91 41.07 7.93 -26.46
C ALA B 91 39.59 7.77 -26.12
N SER B 92 39.12 8.42 -25.05
CA SER B 92 37.71 8.33 -24.71
C SER B 92 36.84 9.11 -25.70
N PHE B 93 37.41 10.14 -26.32
CA PHE B 93 36.69 10.86 -27.36
C PHE B 93 36.59 10.03 -28.63
N HIS B 94 37.68 9.36 -29.01
CA HIS B 94 37.67 8.54 -30.21
C HIS B 94 36.75 7.33 -30.07
N SER B 95 36.35 6.97 -28.86
CA SER B 95 35.45 5.85 -28.68
C SER B 95 33.98 6.23 -28.84
N LEU B 96 33.67 7.52 -29.00
CA LEU B 96 32.27 7.93 -29.15
C LEU B 96 31.57 7.33 -30.37
N PRO B 97 32.19 7.22 -31.56
CA PRO B 97 31.49 6.55 -32.67
C PRO B 97 31.02 5.14 -32.31
N ALA B 98 31.80 4.42 -31.51
CA ALA B 98 31.37 3.08 -31.08
C ALA B 98 30.11 3.16 -30.24
N TRP B 99 30.04 4.12 -29.31
CA TRP B 99 28.84 4.24 -28.49
C TRP B 99 27.65 4.68 -29.32
N ILE B 100 27.87 5.56 -30.31
CA ILE B 100 26.78 5.99 -31.16
C ILE B 100 26.26 4.83 -31.99
N GLU B 101 27.15 3.94 -32.45
CA GLU B 101 26.70 2.74 -33.14
C GLU B 101 25.90 1.84 -32.21
N GLU B 102 26.38 1.63 -30.98
CA GLU B 102 25.63 0.84 -30.03
C GLU B 102 24.25 1.45 -29.80
N CYS B 103 24.20 2.78 -29.72
CA CYS B 103 22.94 3.48 -29.55
C CYS B 103 22.06 3.32 -30.78
N LYS B 104 22.66 3.31 -31.98
CA LYS B 104 21.90 3.08 -33.20
C LYS B 104 21.30 1.68 -33.23
N GLN B 105 22.10 0.68 -32.83
CA GLN B 105 21.66 -0.71 -32.96
C GLN B 105 20.57 -1.07 -31.96
N HIS B 106 20.58 -0.45 -30.78
CA HIS B 106 19.58 -0.73 -29.75
C HIS B 106 18.36 0.17 -29.82
N LEU B 107 18.52 1.45 -30.16
CA LEU B 107 17.34 2.28 -30.35
C LEU B 107 16.61 1.90 -31.63
N LEU B 108 15.37 2.35 -31.70
CA LEU B 108 14.62 2.22 -32.94
C LEU B 108 13.88 3.49 -33.30
N ALA B 109 14.01 4.55 -32.50
CA ALA B 109 13.52 5.88 -32.85
C ALA B 109 14.72 6.83 -32.81
N ASN B 110 15.01 7.45 -33.96
CA ASN B 110 16.18 8.32 -34.10
C ASN B 110 15.88 9.78 -33.77
N ASP B 111 14.90 10.01 -32.90
CA ASP B 111 14.51 11.36 -32.54
C ASP B 111 14.72 11.70 -31.07
N ILE B 112 14.89 10.71 -30.19
CA ILE B 112 14.95 11.00 -28.77
C ILE B 112 16.15 11.90 -28.52
N PRO B 113 16.07 12.82 -27.56
CA PRO B 113 17.16 13.79 -27.37
C PRO B 113 18.44 13.11 -26.90
N ARG B 114 19.53 13.40 -27.59
CA ARG B 114 20.86 12.90 -27.26
C ARG B 114 21.79 14.10 -27.12
N ILE B 115 22.61 14.11 -26.08
CA ILE B 115 23.53 15.20 -25.85
C ILE B 115 24.93 14.64 -25.65
N LEU B 116 25.91 15.50 -25.90
CA LEU B 116 27.32 15.18 -25.77
C LEU B 116 27.93 16.05 -24.68
N VAL B 117 28.63 15.42 -23.75
CA VAL B 117 29.19 16.09 -22.59
C VAL B 117 30.66 15.72 -22.47
N GLY B 118 31.52 16.72 -22.34
CA GLY B 118 32.92 16.51 -22.04
C GLY B 118 33.18 16.90 -20.59
N ASN B 119 33.77 15.97 -19.86
CA ASN B 119 33.95 16.14 -18.42
C ASN B 119 35.39 16.52 -18.10
N LYS B 120 35.62 16.85 -16.82
CA LYS B 120 36.95 17.14 -16.29
C LYS B 120 37.59 18.34 -16.96
N CYS B 121 36.79 19.36 -17.26
CA CYS B 121 37.31 20.57 -17.87
C CYS B 121 38.03 21.48 -16.88
N ASP B 122 37.89 21.22 -15.57
CA ASP B 122 38.63 21.99 -14.58
C ASP B 122 40.13 21.75 -14.67
N LEU B 123 40.55 20.60 -15.21
CA LEU B 123 41.95 20.27 -15.40
C LEU B 123 42.43 20.88 -16.71
N ARG B 124 42.38 22.22 -16.76
CA ARG B 124 42.67 22.95 -17.99
C ARG B 124 44.08 22.68 -18.52
N SER B 125 45.01 22.31 -17.64
CA SER B 125 46.37 22.03 -18.06
C SER B 125 46.53 20.69 -18.77
N ALA B 126 45.52 19.82 -18.73
CA ALA B 126 45.62 18.50 -19.35
C ALA B 126 44.55 18.22 -20.38
N ILE B 127 43.79 19.24 -20.80
CA ILE B 127 42.75 19.04 -21.81
C ILE B 127 43.39 18.59 -23.12
N GLN B 128 42.82 17.53 -23.71
CA GLN B 128 43.33 16.98 -24.97
C GLN B 128 42.37 17.11 -26.14
N VAL B 129 41.08 17.28 -25.89
CA VAL B 129 40.08 17.36 -26.95
C VAL B 129 39.78 18.84 -27.20
N PRO B 130 40.18 19.39 -28.35
CA PRO B 130 39.87 20.80 -28.63
C PRO B 130 38.37 21.02 -28.73
N THR B 131 37.94 22.22 -28.30
CA THR B 131 36.51 22.52 -28.28
C THR B 131 35.92 22.51 -29.68
N ASP B 132 36.68 22.95 -30.68
CA ASP B 132 36.17 23.00 -32.05
C ASP B 132 35.99 21.60 -32.62
N LEU B 133 36.92 20.70 -32.33
CA LEU B 133 36.80 19.32 -32.81
C LEU B 133 35.55 18.67 -32.25
N ALA B 134 35.37 18.74 -30.92
CA ALA B 134 34.18 18.15 -30.32
C ALA B 134 32.92 18.86 -30.79
N GLN B 135 32.99 20.17 -31.04
CA GLN B 135 31.82 20.89 -31.54
C GLN B 135 31.44 20.43 -32.94
N LYS B 136 32.45 20.21 -33.79
CA LYS B 136 32.19 19.78 -35.15
C LYS B 136 31.60 18.38 -35.15
N PHE B 137 32.13 17.51 -34.31
CA PHE B 137 31.57 16.16 -34.17
C PHE B 137 30.15 16.22 -33.63
N ALA B 138 29.95 17.02 -32.57
CA ALA B 138 28.61 17.19 -32.02
C ALA B 138 27.63 17.63 -33.10
N ASP B 139 28.07 18.51 -34.00
CA ASP B 139 27.19 18.95 -35.07
C ASP B 139 26.91 17.82 -36.07
N THR B 140 27.90 16.95 -36.33
CA THR B 140 27.72 15.88 -37.32
C THR B 140 26.57 14.97 -36.94
N HIS B 141 26.50 14.57 -35.67
CA HIS B 141 25.46 13.67 -35.20
C HIS B 141 24.25 14.42 -34.66
N SER B 142 24.18 15.73 -34.88
CA SER B 142 23.06 16.56 -34.46
C SER B 142 22.84 16.44 -32.95
N MET B 143 23.83 16.89 -32.20
CA MET B 143 23.79 16.94 -30.75
C MET B 143 24.39 18.26 -30.27
N PRO B 144 23.90 18.77 -29.14
CA PRO B 144 24.57 19.91 -28.51
C PRO B 144 25.79 19.42 -27.72
N LEU B 145 26.82 20.26 -27.73
CA LEU B 145 28.04 19.97 -26.99
C LEU B 145 28.07 20.78 -25.71
N PHE B 146 28.48 20.13 -24.62
CA PHE B 146 28.60 20.80 -23.33
C PHE B 146 29.91 20.38 -22.69
N GLU B 147 30.81 21.33 -22.48
CA GLU B 147 32.06 21.10 -21.78
C GLU B 147 31.91 21.58 -20.33
N THR B 148 32.06 20.66 -19.39
CA THR B 148 31.78 20.95 -17.99
C THR B 148 32.69 20.11 -17.12
N SER B 149 32.47 20.19 -15.80
CA SER B 149 33.25 19.46 -14.82
C SER B 149 32.35 19.08 -13.66
N ALA B 150 32.41 17.81 -13.26
CA ALA B 150 31.63 17.34 -12.12
C ALA B 150 32.20 17.85 -10.80
N LYS B 151 33.50 18.11 -10.76
CA LYS B 151 34.15 18.45 -9.50
C LYS B 151 34.01 19.92 -9.19
N ASN B 152 33.94 20.76 -10.21
CA ASN B 152 33.76 22.19 -9.97
C ASN B 152 33.19 22.84 -11.22
N PRO B 153 31.85 23.01 -11.33
CA PRO B 153 31.33 23.89 -12.38
C PRO B 153 31.55 25.33 -11.97
N ASN B 154 32.57 25.95 -12.55
CA ASN B 154 32.94 27.34 -12.25
C ASN B 154 32.75 28.17 -13.51
N ASP B 155 31.54 28.72 -13.66
CA ASP B 155 31.20 29.65 -14.74
C ASP B 155 31.38 29.01 -16.12
N ASN B 156 31.06 27.72 -16.22
CA ASN B 156 31.21 26.99 -17.49
C ASN B 156 30.19 25.85 -17.53
N ASP B 157 29.07 26.07 -18.20
CA ASP B 157 28.03 25.07 -18.42
C ASP B 157 27.73 24.27 -17.15
N HIS B 158 27.22 24.97 -16.14
CA HIS B 158 26.95 24.34 -14.85
C HIS B 158 26.10 23.09 -15.04
N VAL B 159 26.39 22.06 -14.25
CA VAL B 159 25.74 20.76 -14.44
C VAL B 159 24.25 20.90 -14.33
N GLU B 160 23.78 21.72 -13.39
CA GLU B 160 22.36 21.93 -13.19
C GLU B 160 21.70 22.38 -14.49
N ALA B 161 22.33 23.34 -15.18
CA ALA B 161 21.80 23.83 -16.46
C ALA B 161 21.73 22.73 -17.52
N ILE B 162 22.70 21.82 -17.52
CA ILE B 162 22.75 20.80 -18.58
C ILE B 162 21.58 19.83 -18.45
N PHE B 163 21.47 19.16 -17.31
CA PHE B 163 20.39 18.18 -17.16
C PHE B 163 19.01 18.84 -17.15
N MET B 164 18.89 20.05 -16.59
CA MET B 164 17.62 20.76 -16.69
C MET B 164 17.24 21.06 -18.13
N THR B 165 18.22 21.40 -18.96
CA THR B 165 17.94 21.65 -20.38
C THR B 165 17.42 20.38 -21.04
N LEU B 166 18.07 19.25 -20.78
CA LEU B 166 17.64 18.01 -21.40
C LEU B 166 16.26 17.59 -20.91
N ALA B 167 15.99 17.73 -19.61
CA ALA B 167 14.68 17.39 -19.08
C ALA B 167 13.62 18.38 -19.56
N HIS B 168 13.96 19.66 -19.64
CA HIS B 168 13.02 20.66 -20.14
C HIS B 168 12.66 20.38 -21.60
N LYS B 169 13.62 19.82 -22.36
CA LYS B 169 13.30 19.30 -23.69
C LYS B 169 12.29 18.17 -23.63
N LEU B 170 12.50 17.22 -22.70
CA LEU B 170 11.70 16.00 -22.67
C LEU B 170 10.24 16.25 -22.33
N LYS B 171 9.95 17.27 -21.52
CA LYS B 171 8.56 17.53 -21.17
C LYS B 171 7.71 17.81 -22.40
N SER B 172 8.33 18.37 -23.43
CA SER B 172 7.64 18.75 -24.66
C SER B 172 7.01 17.54 -25.36
N SER C 2 -3.13 11.03 5.67
CA SER C 2 -1.85 10.76 6.32
C SER C 2 -1.38 11.90 7.23
N ARG C 3 -0.39 11.59 8.07
CA ARG C 3 0.13 12.54 9.05
C ARG C 3 0.80 13.74 8.38
N ILE C 4 0.43 14.94 8.83
CA ILE C 4 0.91 16.20 8.26
C ILE C 4 1.66 16.99 9.33
N PHE C 5 2.87 17.47 9.00
CA PHE C 5 3.64 18.29 9.93
C PHE C 5 3.74 19.72 9.41
N LYS C 6 3.39 20.67 10.27
CA LYS C 6 3.48 22.10 9.96
C LYS C 6 4.86 22.62 10.37
N ILE C 7 5.60 23.16 9.41
CA ILE C 7 6.91 23.74 9.67
C ILE C 7 6.90 25.16 9.12
N ILE C 8 7.06 26.12 9.98
CA ILE C 8 7.07 27.52 9.59
C ILE C 8 8.50 27.97 9.38
N VAL C 9 8.67 28.96 8.51
CA VAL C 9 9.99 29.50 8.17
C VAL C 9 9.98 30.99 8.51
N ILE C 10 10.74 31.37 9.53
CA ILE C 10 10.77 32.74 10.05
C ILE C 10 12.09 33.39 9.66
N GLY C 11 12.06 34.70 9.50
CA GLY C 11 13.27 35.42 9.16
C GLY C 11 12.95 36.79 8.60
N ASP C 12 13.99 37.60 8.46
CA ASP C 12 13.84 38.93 7.89
C ASP C 12 13.44 38.85 6.42
N SER C 13 13.18 40.01 5.86
CA SER C 13 12.85 40.06 4.44
C SER C 13 14.11 39.89 3.62
N ASN C 14 13.95 39.26 2.45
CA ASN C 14 15.00 39.06 1.46
C ASN C 14 16.12 38.13 1.94
N VAL C 15 15.87 37.28 2.93
CA VAL C 15 16.90 36.35 3.37
C VAL C 15 16.87 35.05 2.58
N GLY C 16 15.75 34.70 1.97
CA GLY C 16 15.70 33.52 1.13
C GLY C 16 14.75 32.45 1.64
N LYS C 17 13.72 32.86 2.38
CA LYS C 17 12.72 31.91 2.86
C LYS C 17 11.97 31.29 1.70
N THR C 18 11.51 32.11 0.76
CA THR C 18 10.78 31.59 -0.39
C THR C 18 11.66 30.68 -1.24
N CYS C 19 12.92 31.05 -1.43
CA CYS C 19 13.81 30.24 -2.26
C CYS C 19 14.15 28.90 -1.59
N LEU C 20 14.27 28.88 -0.27
CA LEU C 20 14.57 27.63 0.41
C LEU C 20 13.35 26.71 0.40
N THR C 21 12.18 27.23 0.75
CA THR C 21 10.97 26.41 0.73
C THR C 21 10.66 25.94 -0.68
N TYR C 22 10.83 26.81 -1.68
CA TYR C 22 10.63 26.39 -3.06
C TYR C 22 11.67 25.36 -3.48
N ARG C 23 12.89 25.48 -2.94
CA ARG C 23 13.96 24.52 -3.23
C ARG C 23 13.62 23.14 -2.68
N PHE C 24 13.00 23.09 -1.51
CA PHE C 24 12.63 21.81 -0.92
C PHE C 24 11.43 21.20 -1.64
N CYS C 25 10.44 22.02 -1.99
CA CYS C 25 9.21 21.49 -2.56
C CYS C 25 9.31 21.29 -4.07
N ALA C 26 9.91 22.23 -4.81
CA ALA C 26 10.00 22.13 -6.25
C ALA C 26 11.32 21.57 -6.76
N GLY C 27 12.31 21.38 -5.88
CA GLY C 27 13.57 20.77 -6.27
C GLY C 27 14.44 21.56 -7.22
N ARG C 28 14.15 22.85 -7.40
CA ARG C 28 14.91 23.69 -8.31
C ARG C 28 14.96 25.10 -7.74
N PHE C 29 15.88 25.91 -8.26
CA PHE C 29 15.99 27.26 -7.70
C PHE C 29 15.11 28.21 -8.50
N PRO C 30 14.22 28.97 -7.85
CA PRO C 30 13.30 29.86 -8.58
C PRO C 30 14.02 31.10 -9.07
N ASP C 31 13.87 31.39 -10.37
CA ASP C 31 14.52 32.56 -10.95
C ASP C 31 13.84 33.85 -10.50
N ARG C 32 12.52 33.95 -10.70
CA ARG C 32 11.75 35.14 -10.36
C ARG C 32 11.03 34.92 -9.05
N THR C 33 11.32 35.78 -8.06
CA THR C 33 10.67 35.72 -6.74
C THR C 33 10.40 37.14 -6.27
N GLU C 34 9.16 37.43 -5.91
CA GLU C 34 8.81 38.73 -5.38
C GLU C 34 8.59 38.64 -3.87
N ALA C 35 8.27 39.78 -3.26
CA ALA C 35 8.05 39.83 -1.82
C ALA C 35 6.83 39.00 -1.43
N THR C 36 7.03 38.10 -0.47
CA THR C 36 5.95 37.22 -0.06
C THR C 36 4.89 38.01 0.70
N ILE C 37 3.64 37.88 0.28
CA ILE C 37 2.51 38.58 0.87
C ILE C 37 1.77 37.62 1.79
N GLY C 38 1.66 37.96 3.07
CA GLY C 38 0.98 37.07 3.98
C GLY C 38 1.76 35.78 4.21
N VAL C 39 1.19 34.67 3.78
CA VAL C 39 1.84 33.36 3.87
C VAL C 39 1.89 32.76 2.46
N ASP C 40 2.90 31.93 2.21
CA ASP C 40 2.94 31.07 1.02
C ASP C 40 3.02 29.62 1.52
N PHE C 41 1.97 28.85 1.27
CA PHE C 41 1.90 27.48 1.76
C PHE C 41 2.52 26.56 0.71
N ARG C 42 3.49 25.74 1.13
CA ARG C 42 4.17 24.83 0.22
C ARG C 42 4.24 23.46 0.85
N GLU C 43 3.77 22.45 0.12
CA GLU C 43 3.65 21.09 0.63
C GLU C 43 4.49 20.14 -0.20
N ARG C 44 5.02 19.12 0.47
CA ARG C 44 5.76 18.07 -0.19
C ARG C 44 5.56 16.78 0.59
N ALA C 45 5.20 15.71 -0.12
CA ALA C 45 5.02 14.41 0.49
C ALA C 45 6.37 13.70 0.51
N VAL C 46 6.66 13.04 1.62
CA VAL C 46 7.94 12.36 1.82
C VAL C 46 7.67 11.01 2.47
N ASP C 47 8.64 10.11 2.36
CA ASP C 47 8.59 8.80 3.00
C ASP C 47 9.73 8.76 4.02
N ILE C 48 9.37 8.96 5.29
CA ILE C 48 10.33 8.94 6.39
C ILE C 48 10.15 7.63 7.14
N ASP C 49 11.20 6.81 7.16
CA ASP C 49 11.19 5.53 7.86
C ASP C 49 10.01 4.67 7.43
N GLY C 50 9.70 4.71 6.13
CA GLY C 50 8.61 3.93 5.58
C GLY C 50 7.23 4.55 5.71
N GLU C 51 7.05 5.53 6.57
CA GLU C 51 5.76 6.19 6.75
C GLU C 51 5.66 7.38 5.79
N ARG C 52 4.54 7.50 5.11
CA ARG C 52 4.32 8.60 4.17
C ARG C 52 3.76 9.79 4.92
N ILE C 53 4.45 10.92 4.81
CA ILE C 53 4.16 12.12 5.58
C ILE C 53 4.21 13.33 4.66
N LYS C 54 3.23 14.22 4.81
CA LYS C 54 3.16 15.46 4.07
C LYS C 54 3.74 16.57 4.93
N ILE C 55 4.89 17.08 4.52
CA ILE C 55 5.51 18.23 5.16
C ILE C 55 4.86 19.47 4.55
N GLN C 56 4.29 20.31 5.40
CA GLN C 56 3.63 21.52 4.97
C GLN C 56 4.50 22.68 5.47
N LEU C 57 5.23 23.31 4.57
CA LEU C 57 6.06 24.46 4.92
C LEU C 57 5.29 25.75 4.76
N TRP C 58 5.38 26.63 5.75
CA TRP C 58 4.77 27.96 5.64
C TRP C 58 5.87 29.00 5.42
N ASP C 59 5.91 29.54 4.22
CA ASP C 59 6.78 30.64 3.82
C ASP C 59 6.17 31.94 4.35
N THR C 60 6.49 32.27 5.60
CA THR C 60 5.96 33.48 6.21
C THR C 60 6.56 34.72 5.55
N ALA C 61 5.95 35.86 5.83
CA ALA C 61 6.45 37.12 5.32
C ALA C 61 7.50 37.69 6.26
N GLY C 62 8.34 38.56 5.73
CA GLY C 62 9.37 39.19 6.52
C GLY C 62 9.12 40.67 6.69
N LEU C 63 8.27 41.21 5.82
CA LEU C 63 7.88 42.61 5.91
C LEU C 63 6.72 42.77 6.88
N GLU C 64 6.84 43.74 7.78
CA GLU C 64 5.84 43.92 8.82
C GLU C 64 4.48 44.26 8.23
N ARG C 65 4.47 44.99 7.12
CA ARG C 65 3.20 45.37 6.49
C ARG C 65 2.49 44.16 5.89
N PHE C 66 3.20 43.06 5.70
CA PHE C 66 2.65 41.88 5.05
C PHE C 66 2.48 40.71 6.01
N ARG C 67 2.67 40.92 7.31
CA ARG C 67 2.54 39.84 8.28
C ARG C 67 1.91 40.29 9.59
N LYS C 68 1.48 41.55 9.70
CA LYS C 68 1.01 42.05 10.99
C LYS C 68 -0.22 41.30 11.46
N SER C 69 -1.14 41.01 10.55
CA SER C 69 -2.38 40.29 10.89
C SER C 69 -2.22 38.77 10.90
N MET C 70 -1.06 38.26 10.48
CA MET C 70 -0.87 36.82 10.30
C MET C 70 -0.07 36.20 11.44
N VAL C 71 0.33 36.99 12.43
CA VAL C 71 1.28 36.53 13.43
C VAL C 71 0.69 35.34 14.20
N GLN C 72 -0.59 35.44 14.58
CA GLN C 72 -1.21 34.36 15.34
C GLN C 72 -1.56 33.17 14.49
N HIS C 73 -1.74 33.36 13.19
CA HIS C 73 -1.97 32.24 12.29
C HIS C 73 -0.71 31.39 12.09
N TYR C 74 0.47 31.99 12.24
CA TYR C 74 1.71 31.23 12.07
C TYR C 74 1.84 30.16 13.13
N TYR C 75 1.68 30.53 14.39
CA TYR C 75 2.02 29.69 15.54
C TYR C 75 0.82 28.92 16.08
N ARG C 76 -0.07 28.44 15.23
CA ARG C 76 -1.19 27.59 15.65
C ARG C 76 -0.96 26.20 15.09
N ASN C 77 -0.90 25.22 16.00
CA ASN C 77 -0.64 23.83 15.64
C ASN C 77 0.68 23.69 14.88
N VAL C 78 1.65 24.54 15.21
CA VAL C 78 2.95 24.48 14.57
C VAL C 78 3.73 23.30 15.14
N HIS C 79 4.40 22.56 14.27
CA HIS C 79 5.18 21.40 14.71
C HIS C 79 6.67 21.64 14.72
N ALA C 80 7.18 22.52 13.87
CA ALA C 80 8.60 22.83 13.85
C ALA C 80 8.79 24.25 13.35
N VAL C 81 9.84 24.92 13.83
CA VAL C 81 10.12 26.31 13.51
C VAL C 81 11.53 26.39 12.94
N VAL C 82 11.66 27.04 11.79
CA VAL C 82 12.94 27.20 11.11
C VAL C 82 13.25 28.68 11.02
N PHE C 83 14.27 29.12 11.75
CA PHE C 83 14.73 30.50 11.66
C PHE C 83 15.78 30.63 10.57
N VAL C 84 15.72 31.73 9.82
CA VAL C 84 16.60 31.92 8.68
C VAL C 84 17.27 33.28 8.78
N TYR C 85 18.58 33.31 8.54
CA TYR C 85 19.32 34.56 8.41
C TYR C 85 20.16 34.47 7.15
N ASP C 86 20.57 35.64 6.67
CA ASP C 86 21.37 35.76 5.46
C ASP C 86 22.85 35.83 5.84
N MET C 87 23.63 34.85 5.35
CA MET C 87 25.04 34.79 5.69
C MET C 87 25.83 35.95 5.11
N THR C 88 25.29 36.66 4.12
CA THR C 88 25.94 37.84 3.56
C THR C 88 25.33 39.14 4.07
N ASN C 89 24.66 39.10 5.23
CA ASN C 89 23.98 40.26 5.78
C ASN C 89 23.97 40.10 7.30
N MET C 90 24.93 40.76 7.97
CA MET C 90 25.00 40.71 9.42
C MET C 90 23.75 41.28 10.06
N ALA C 91 23.11 42.26 9.41
CA ALA C 91 21.91 42.86 9.97
C ALA C 91 20.79 41.84 10.12
N SER C 92 20.69 40.89 9.19
CA SER C 92 19.67 39.85 9.30
C SER C 92 19.99 38.88 10.43
N PHE C 93 21.28 38.71 10.73
CA PHE C 93 21.66 37.86 11.86
C PHE C 93 21.33 38.53 13.18
N HIS C 94 21.59 39.83 13.30
CA HIS C 94 21.30 40.55 14.53
C HIS C 94 19.80 40.63 14.82
N SER C 95 18.96 40.35 13.82
CA SER C 95 17.53 40.37 14.07
C SER C 95 17.02 39.06 14.66
N LEU C 96 17.87 38.05 14.76
CA LEU C 96 17.42 36.77 15.30
C LEU C 96 16.91 36.82 16.74
N PRO C 97 17.52 37.56 17.68
CA PRO C 97 16.93 37.65 19.02
C PRO C 97 15.48 38.12 19.00
N ALA C 98 15.14 39.03 18.10
CA ALA C 98 13.75 39.48 18.00
C ALA C 98 12.84 38.35 17.55
N TRP C 99 13.26 37.57 16.55
CA TRP C 99 12.43 36.47 16.06
C TRP C 99 12.30 35.37 17.11
N ILE C 100 13.37 35.08 17.84
CA ILE C 100 13.28 34.08 18.90
C ILE C 100 12.34 34.56 19.99
N GLU C 101 12.32 35.87 20.25
CA GLU C 101 11.37 36.42 21.19
C GLU C 101 9.93 36.25 20.69
N GLU C 102 9.69 36.50 19.40
CA GLU C 102 8.35 36.30 18.86
C GLU C 102 7.89 34.85 19.04
N CYS C 103 8.81 33.91 18.80
CA CYS C 103 8.49 32.50 18.95
C CYS C 103 8.20 32.15 20.42
N LYS C 104 8.94 32.76 21.35
CA LYS C 104 8.74 32.47 22.76
C LYS C 104 7.42 33.03 23.26
N GLN C 105 6.98 34.17 22.72
CA GLN C 105 5.76 34.80 23.20
C GLN C 105 4.51 34.07 22.72
N HIS C 106 4.55 33.49 21.53
CA HIS C 106 3.40 32.79 20.97
C HIS C 106 3.33 31.31 21.33
N LEU C 107 4.34 30.77 22.00
CA LEU C 107 4.33 29.37 22.43
C LEU C 107 4.52 29.31 23.94
N LEU C 108 4.24 28.14 24.51
CA LEU C 108 4.52 27.90 25.93
C LEU C 108 5.30 26.60 26.08
N ALA C 109 5.09 25.69 25.14
CA ALA C 109 5.82 24.42 25.11
C ALA C 109 7.18 24.67 24.48
N ASN C 110 8.23 24.55 25.30
CA ASN C 110 9.60 24.78 24.85
C ASN C 110 10.24 23.52 24.31
N ASP C 111 9.42 22.61 23.76
CA ASP C 111 9.89 21.33 23.27
C ASP C 111 9.90 21.19 21.76
N ILE C 112 9.12 21.99 21.04
CA ILE C 112 9.00 21.77 19.59
C ILE C 112 10.35 22.08 18.95
N PRO C 113 10.73 21.34 17.91
CA PRO C 113 12.08 21.52 17.33
C PRO C 113 12.22 22.88 16.67
N ARG C 114 13.31 23.57 17.00
CA ARG C 114 13.66 24.85 16.41
C ARG C 114 15.05 24.70 15.83
N ILE C 115 15.25 25.18 14.60
CA ILE C 115 16.56 25.11 13.97
C ILE C 115 16.92 26.49 13.46
N LEU C 116 18.21 26.71 13.29
CA LEU C 116 18.76 27.96 12.78
C LEU C 116 19.46 27.69 11.45
N VAL C 117 19.13 28.49 10.44
CA VAL C 117 19.62 28.27 9.09
C VAL C 117 20.20 29.58 8.54
N GLY C 118 21.42 29.52 8.03
CA GLY C 118 22.03 30.63 7.32
C GLY C 118 22.06 30.33 5.84
N ASN C 119 21.50 31.25 5.06
CA ASN C 119 21.30 31.05 3.64
C ASN C 119 22.33 31.81 2.82
N LYS C 120 22.32 31.57 1.50
CA LYS C 120 23.14 32.28 0.53
C LYS C 120 24.64 32.03 0.77
N CYS C 121 24.98 30.81 1.14
CA CYS C 121 26.39 30.50 1.38
C CYS C 121 27.19 30.31 0.10
N ASP C 122 26.54 30.19 -1.05
CA ASP C 122 27.30 30.09 -2.30
C ASP C 122 28.05 31.37 -2.59
N LEU C 123 27.62 32.50 -2.03
CA LEU C 123 28.29 33.78 -2.20
C LEU C 123 29.43 33.85 -1.19
N ARG C 124 30.41 32.96 -1.37
CA ARG C 124 31.51 32.84 -0.42
C ARG C 124 32.29 34.14 -0.30
N SER C 125 32.35 34.93 -1.38
CA SER C 125 33.10 36.18 -1.38
C SER C 125 32.43 37.28 -0.57
N ALA C 126 31.16 37.11 -0.18
CA ALA C 126 30.43 38.15 0.56
C ALA C 126 29.90 37.67 1.90
N ILE C 127 30.31 36.50 2.39
CA ILE C 127 29.83 36.02 3.68
C ILE C 127 30.27 36.96 4.78
N GLN C 128 29.33 37.34 5.66
CA GLN C 128 29.60 38.27 6.75
C GLN C 128 29.47 37.67 8.13
N VAL C 129 28.73 36.57 8.29
CA VAL C 129 28.48 35.97 9.60
C VAL C 129 29.48 34.82 9.79
N PRO C 130 30.44 34.95 10.69
CA PRO C 130 31.37 33.82 10.92
C PRO C 130 30.62 32.61 11.45
N THR C 131 31.10 31.43 11.06
CA THR C 131 30.44 30.19 11.46
C THR C 131 30.49 29.99 12.97
N ASP C 132 31.59 30.40 13.60
CA ASP C 132 31.72 30.19 15.04
C ASP C 132 30.76 31.08 15.82
N LEU C 133 30.60 32.33 15.39
CA LEU C 133 29.67 33.24 16.05
C LEU C 133 28.24 32.73 15.97
N ALA C 134 27.80 32.38 14.75
CA ALA C 134 26.45 31.86 14.59
C ALA C 134 26.29 30.53 15.33
N GLN C 135 27.36 29.73 15.40
CA GLN C 135 27.30 28.48 16.15
C GLN C 135 27.13 28.75 17.64
N LYS C 136 27.83 29.77 18.15
CA LYS C 136 27.76 30.12 19.56
C LYS C 136 26.34 30.56 19.90
N PHE C 137 25.77 31.46 19.09
CA PHE C 137 24.41 31.92 19.31
C PHE C 137 23.41 30.78 19.16
N ALA C 138 23.57 29.95 18.12
CA ALA C 138 22.71 28.78 17.96
C ALA C 138 22.77 27.89 19.20
N ASP C 139 23.95 27.72 19.78
CA ASP C 139 24.09 26.90 20.98
C ASP C 139 23.42 27.57 22.18
N THR C 140 23.46 28.90 22.25
CA THR C 140 22.90 29.60 23.40
C THR C 140 21.41 29.29 23.57
N HIS C 141 20.67 29.30 22.49
CA HIS C 141 19.25 29.05 22.52
C HIS C 141 18.91 27.58 22.31
N SER C 142 19.92 26.71 22.36
CA SER C 142 19.75 25.26 22.21
C SER C 142 19.02 24.92 20.90
N MET C 143 19.69 25.25 19.80
CA MET C 143 19.23 24.94 18.45
C MET C 143 20.42 24.45 17.64
N PRO C 144 20.18 23.56 16.67
CA PRO C 144 21.24 23.20 15.73
C PRO C 144 21.42 24.28 14.67
N LEU C 145 22.66 24.46 14.26
CA LEU C 145 23.01 25.42 13.21
C LEU C 145 23.22 24.71 11.89
N PHE C 146 22.68 25.28 10.84
CA PHE C 146 22.86 24.76 9.49
C PHE C 146 23.16 25.93 8.56
N GLU C 147 24.34 25.95 7.98
CA GLU C 147 24.73 26.93 6.97
C GLU C 147 24.56 26.28 5.61
N THR C 148 23.70 26.86 4.77
CA THR C 148 23.29 26.23 3.53
C THR C 148 23.06 27.27 2.44
N SER C 149 22.62 26.80 1.27
CA SER C 149 22.33 27.63 0.11
C SER C 149 21.21 26.99 -0.69
N ALA C 150 20.24 27.80 -1.11
CA ALA C 150 19.18 27.28 -1.97
C ALA C 150 19.72 27.02 -3.37
N LYS C 151 20.71 27.80 -3.80
CA LYS C 151 21.19 27.76 -5.16
C LYS C 151 22.30 26.71 -5.35
N ASN C 152 23.42 26.87 -4.64
CA ASN C 152 24.58 25.99 -4.81
C ASN C 152 25.29 25.81 -3.47
N PRO C 153 24.77 24.93 -2.61
CA PRO C 153 25.49 24.63 -1.35
C PRO C 153 26.84 23.96 -1.58
N ASN C 154 26.85 22.85 -2.29
CA ASN C 154 28.04 22.12 -2.76
C ASN C 154 28.85 21.37 -1.70
N ASP C 155 28.85 21.78 -0.45
CA ASP C 155 29.68 21.01 0.48
C ASP C 155 29.05 20.97 1.85
N ASN C 156 28.24 21.99 2.16
CA ASN C 156 27.75 22.21 3.50
C ASN C 156 26.22 22.22 3.49
N ASP C 157 25.64 21.22 4.13
CA ASP C 157 24.26 21.26 4.61
C ASP C 157 23.27 21.48 3.47
N HIS C 158 23.10 20.44 2.66
CA HIS C 158 22.15 20.52 1.56
C HIS C 158 20.77 20.77 2.14
N VAL C 159 19.96 21.54 1.42
CA VAL C 159 18.66 21.96 1.95
C VAL C 159 17.78 20.76 2.22
N GLU C 160 17.72 19.81 1.28
CA GLU C 160 16.83 18.67 1.48
C GLU C 160 17.21 17.89 2.74
N ALA C 161 18.52 17.68 2.97
CA ALA C 161 18.99 17.00 4.17
C ALA C 161 18.54 17.68 5.45
N ILE C 162 18.42 19.01 5.44
CA ILE C 162 18.02 19.76 6.64
C ILE C 162 16.58 19.43 7.01
N PHE C 163 15.65 19.63 6.08
CA PHE C 163 14.24 19.35 6.35
C PHE C 163 13.98 17.87 6.58
N MET C 164 14.71 16.98 5.90
CA MET C 164 14.60 15.55 6.18
C MET C 164 15.02 15.23 7.61
N THR C 165 16.09 15.88 8.09
CA THR C 165 16.53 15.69 9.47
C THR C 165 15.45 16.16 10.44
N LEU C 166 14.85 17.31 10.15
CA LEU C 166 13.80 17.84 11.00
C LEU C 166 12.60 16.91 11.04
N ALA C 167 12.26 16.31 9.89
CA ALA C 167 11.14 15.38 9.84
C ALA C 167 11.41 14.11 10.64
N HIS C 168 12.65 13.61 10.60
CA HIS C 168 12.98 12.44 11.42
C HIS C 168 12.84 12.74 12.90
N LYS C 169 13.32 13.90 13.34
CA LYS C 169 13.15 14.29 14.73
C LYS C 169 11.68 14.49 15.08
N LEU C 170 10.87 14.88 14.09
CA LEU C 170 9.45 15.09 14.33
C LEU C 170 8.68 13.79 14.40
N LYS C 171 8.95 12.85 13.49
CA LYS C 171 8.35 11.54 13.59
C LYS C 171 8.75 10.85 14.89
N SER C 172 10.01 11.00 15.28
CA SER C 172 10.53 10.32 16.47
C SER C 172 10.33 11.16 17.72
N SER D 2 -18.81 12.72 -11.48
CA SER D 2 -19.77 13.77 -11.20
C SER D 2 -19.68 14.90 -12.23
N ARG D 3 -20.65 14.95 -13.14
CA ARG D 3 -20.63 15.90 -14.25
C ARG D 3 -20.65 17.35 -13.75
N ILE D 4 -19.77 18.18 -14.31
CA ILE D 4 -19.60 19.57 -13.89
C ILE D 4 -19.94 20.51 -15.04
N PHE D 5 -20.76 21.53 -14.78
CA PHE D 5 -21.11 22.54 -15.78
C PHE D 5 -20.52 23.90 -15.40
N LYS D 6 -19.82 24.52 -16.36
CA LYS D 6 -19.26 25.85 -16.18
C LYS D 6 -20.26 26.91 -16.65
N ILE D 7 -20.65 27.82 -15.76
CA ILE D 7 -21.56 28.92 -16.08
C ILE D 7 -20.90 30.23 -15.67
N ILE D 8 -20.69 31.13 -16.62
CA ILE D 8 -20.07 32.43 -16.33
C ILE D 8 -21.16 33.47 -16.09
N VAL D 9 -20.85 34.46 -15.26
CA VAL D 9 -21.78 35.56 -14.95
C VAL D 9 -21.07 36.85 -15.31
N ILE D 10 -21.50 37.48 -16.41
CA ILE D 10 -20.88 38.71 -16.93
C ILE D 10 -21.85 39.87 -16.78
N GLY D 11 -21.29 41.07 -16.69
CA GLY D 11 -22.09 42.28 -16.55
C GLY D 11 -21.22 43.43 -16.07
N ASP D 12 -21.81 44.62 -16.04
CA ASP D 12 -21.05 45.77 -15.56
C ASP D 12 -20.70 45.62 -14.09
N SER D 13 -19.92 46.56 -13.60
CA SER D 13 -19.52 46.56 -12.20
C SER D 13 -20.66 47.05 -11.31
N ASN D 14 -20.72 46.47 -10.11
CA ASN D 14 -21.67 46.85 -9.06
C ASN D 14 -23.11 46.55 -9.47
N VAL D 15 -23.32 45.61 -10.41
CA VAL D 15 -24.66 45.25 -10.80
C VAL D 15 -25.23 44.15 -9.91
N GLY D 16 -24.36 43.37 -9.25
CA GLY D 16 -24.84 42.37 -8.33
C GLY D 16 -24.51 40.96 -8.72
N LYS D 17 -23.44 40.77 -9.48
CA LYS D 17 -23.02 39.43 -9.85
C LYS D 17 -22.59 38.66 -8.61
N THR D 18 -21.75 39.28 -7.78
CA THR D 18 -21.26 38.61 -6.58
C THR D 18 -22.40 38.29 -5.62
N CYS D 19 -23.35 39.21 -5.46
CA CYS D 19 -24.45 38.97 -4.54
C CYS D 19 -25.39 37.88 -5.04
N LEU D 20 -25.58 37.77 -6.36
CA LEU D 20 -26.48 36.74 -6.89
C LEU D 20 -25.87 35.35 -6.80
N THR D 21 -24.62 35.19 -7.25
CA THR D 21 -23.99 33.88 -7.19
C THR D 21 -23.81 33.41 -5.75
N TYR D 22 -23.41 34.31 -4.85
CA TYR D 22 -23.30 33.93 -3.44
C TYR D 22 -24.67 33.61 -2.86
N ARG D 23 -25.71 34.27 -3.35
CA ARG D 23 -27.08 33.99 -2.94
C ARG D 23 -27.50 32.59 -3.36
N PHE D 24 -27.05 32.14 -4.52
CA PHE D 24 -27.40 30.81 -5.01
C PHE D 24 -26.66 29.71 -4.26
N CYS D 25 -25.37 29.92 -3.96
CA CYS D 25 -24.58 28.87 -3.35
C CYS D 25 -24.71 28.82 -1.83
N ALA D 26 -24.69 29.96 -1.17
CA ALA D 26 -24.76 30.02 0.29
C ALA D 26 -26.17 30.30 0.81
N GLY D 27 -27.13 30.59 -0.07
CA GLY D 27 -28.49 30.83 0.36
C GLY D 27 -28.72 32.10 1.14
N ARG D 28 -27.66 32.78 1.56
CA ARG D 28 -27.73 34.01 2.32
C ARG D 28 -27.12 35.13 1.49
N PHE D 29 -27.50 36.37 1.81
CA PHE D 29 -27.03 37.53 1.07
C PHE D 29 -25.84 38.13 1.79
N PRO D 30 -24.66 38.23 1.16
CA PRO D 30 -23.48 38.76 1.85
C PRO D 30 -23.66 40.22 2.25
N ASP D 31 -23.29 40.53 3.49
CA ASP D 31 -23.41 41.90 3.96
C ASP D 31 -22.37 42.80 3.32
N ARG D 32 -21.09 42.42 3.42
CA ARG D 32 -19.98 43.22 2.91
C ARG D 32 -19.48 42.64 1.59
N THR D 33 -19.37 43.49 0.57
CA THR D 33 -18.84 43.07 -0.72
C THR D 33 -17.86 44.13 -1.21
N GLU D 34 -16.72 43.68 -1.71
CA GLU D 34 -15.77 44.56 -2.38
C GLU D 34 -15.80 44.25 -3.87
N ALA D 35 -15.15 45.13 -4.66
CA ALA D 35 -15.06 44.89 -6.08
C ALA D 35 -14.37 43.57 -6.37
N THR D 36 -15.03 42.71 -7.15
CA THR D 36 -14.48 41.40 -7.42
C THR D 36 -13.26 41.50 -8.33
N ILE D 37 -12.16 40.90 -7.91
CA ILE D 37 -10.90 40.94 -8.63
C ILE D 37 -10.70 39.64 -9.38
N GLY D 38 -10.54 39.71 -10.71
CA GLY D 38 -10.37 38.51 -11.48
C GLY D 38 -11.65 37.69 -11.54
N VAL D 39 -11.60 36.48 -10.99
CA VAL D 39 -12.75 35.59 -10.89
C VAL D 39 -12.94 35.24 -9.43
N ASP D 40 -14.19 34.95 -9.07
CA ASP D 40 -14.52 34.37 -7.79
C ASP D 40 -15.41 33.16 -8.07
N PHE D 41 -14.93 31.97 -7.71
CA PHE D 41 -15.57 30.71 -8.08
C PHE D 41 -16.43 30.18 -6.94
N ARG D 42 -17.66 29.77 -7.29
CA ARG D 42 -18.59 29.17 -6.34
C ARG D 42 -19.14 27.89 -6.95
N GLU D 43 -19.18 26.83 -6.15
CA GLU D 43 -19.67 25.55 -6.61
C GLU D 43 -20.89 25.19 -5.79
N ARG D 44 -21.92 24.64 -6.44
CA ARG D 44 -23.08 24.13 -5.74
C ARG D 44 -23.51 22.85 -6.45
N ALA D 45 -23.77 21.80 -5.68
CA ALA D 45 -24.24 20.55 -6.25
C ALA D 45 -25.77 20.51 -6.25
N VAL D 46 -26.34 19.97 -7.32
CA VAL D 46 -27.79 19.87 -7.47
C VAL D 46 -28.13 18.49 -8.02
N ASP D 47 -29.39 18.11 -7.87
CA ASP D 47 -29.90 16.83 -8.37
C ASP D 47 -30.96 17.12 -9.44
N ILE D 48 -30.58 16.98 -10.70
CA ILE D 48 -31.48 17.18 -11.83
C ILE D 48 -31.87 15.82 -12.38
N ASP D 49 -33.17 15.52 -12.35
CA ASP D 49 -33.72 14.26 -12.85
C ASP D 49 -33.01 13.07 -12.19
N GLY D 50 -32.73 13.22 -10.90
CA GLY D 50 -32.05 12.20 -10.14
C GLY D 50 -30.54 12.20 -10.22
N GLU D 51 -29.97 12.85 -11.24
CA GLU D 51 -28.52 12.87 -11.40
C GLU D 51 -27.89 13.95 -10.53
N ARG D 52 -26.73 13.62 -9.95
CA ARG D 52 -25.95 14.61 -9.21
C ARG D 52 -25.06 15.38 -10.18
N ILE D 53 -25.04 16.70 -10.02
CA ILE D 53 -24.30 17.59 -10.92
C ILE D 53 -23.64 18.68 -10.09
N LYS D 54 -22.38 18.98 -10.39
CA LYS D 54 -21.68 20.08 -9.72
C LYS D 54 -21.76 21.31 -10.61
N ILE D 55 -22.53 22.30 -10.21
CA ILE D 55 -22.59 23.54 -10.96
C ILE D 55 -21.48 24.48 -10.47
N GLN D 56 -20.67 25.01 -11.39
CA GLN D 56 -19.48 25.85 -11.09
C GLN D 56 -19.71 27.22 -11.69
N LEU D 57 -20.16 28.13 -10.87
CA LEU D 57 -20.43 29.50 -11.29
C LEU D 57 -19.15 30.31 -11.19
N TRP D 58 -18.85 31.06 -12.25
CA TRP D 58 -17.71 31.97 -12.25
C TRP D 58 -18.23 33.40 -12.18
N ASP D 59 -18.00 34.03 -11.03
CA ASP D 59 -18.30 35.43 -10.79
C ASP D 59 -17.20 36.28 -11.42
N THR D 60 -17.38 36.60 -12.70
CA THR D 60 -16.37 37.39 -13.38
C THR D 60 -16.34 38.82 -12.83
N ALA D 61 -15.28 39.54 -13.18
CA ALA D 61 -15.14 40.92 -12.78
C ALA D 61 -15.81 41.83 -13.81
N GLY D 62 -16.16 43.03 -13.38
CA GLY D 62 -16.82 43.99 -14.25
C GLY D 62 -15.96 45.20 -14.54
N LEU D 63 -14.95 45.39 -13.71
CA LEU D 63 -14.03 46.50 -13.89
C LEU D 63 -12.94 46.14 -14.90
N GLU D 64 -12.67 47.08 -15.81
CA GLU D 64 -11.74 46.81 -16.90
C GLU D 64 -10.36 46.49 -16.36
N ARG D 65 -9.94 47.16 -15.28
CA ARG D 65 -8.64 46.88 -14.70
C ARG D 65 -8.58 45.54 -13.98
N PHE D 66 -9.72 44.93 -13.68
CA PHE D 66 -9.75 43.68 -12.94
C PHE D 66 -10.14 42.48 -13.80
N ARG D 67 -10.25 42.64 -15.12
CA ARG D 67 -10.62 41.51 -15.96
C ARG D 67 -9.86 41.44 -17.28
N LYS D 68 -9.10 42.46 -17.66
CA LYS D 68 -8.53 42.55 -19.00
C LYS D 68 -7.46 41.49 -19.27
N SER D 69 -7.15 40.65 -18.29
CA SER D 69 -6.25 39.52 -18.50
C SER D 69 -6.93 38.18 -18.33
N MET D 70 -8.16 38.15 -17.84
CA MET D 70 -8.86 36.91 -17.53
C MET D 70 -9.94 36.57 -18.54
N VAL D 71 -10.05 37.36 -19.61
CA VAL D 71 -11.24 37.30 -20.47
C VAL D 71 -11.41 35.92 -21.07
N GLN D 72 -10.33 35.32 -21.58
CA GLN D 72 -10.51 34.01 -22.18
C GLN D 72 -10.61 32.89 -21.16
N HIS D 73 -10.14 33.12 -19.94
CA HIS D 73 -10.40 32.14 -18.89
C HIS D 73 -11.89 32.06 -18.61
N TYR D 74 -12.62 33.16 -18.84
CA TYR D 74 -14.07 33.14 -18.73
C TYR D 74 -14.69 32.25 -19.80
N TYR D 75 -14.33 32.49 -21.05
CA TYR D 75 -14.96 31.88 -22.22
C TYR D 75 -14.19 30.65 -22.71
N ARG D 76 -13.63 29.88 -21.79
CA ARG D 76 -12.95 28.64 -22.13
C ARG D 76 -13.77 27.49 -21.54
N ASN D 77 -14.23 26.59 -22.40
CA ASN D 77 -15.07 25.47 -21.99
C ASN D 77 -16.31 25.95 -21.26
N VAL D 78 -16.79 27.13 -21.63
CA VAL D 78 -17.99 27.67 -21.02
C VAL D 78 -19.21 26.94 -21.54
N HIS D 79 -20.12 26.59 -20.63
CA HIS D 79 -21.35 25.90 -21.00
C HIS D 79 -22.58 26.81 -21.00
N ALA D 80 -22.61 27.84 -20.16
CA ALA D 80 -23.75 28.75 -20.12
C ALA D 80 -23.27 30.12 -19.68
N VAL D 81 -23.94 31.16 -20.19
CA VAL D 81 -23.58 32.54 -19.92
C VAL D 81 -24.79 33.27 -19.39
N VAL D 82 -24.60 34.01 -18.29
CA VAL D 82 -25.67 34.77 -17.65
C VAL D 82 -25.29 36.24 -17.69
N PHE D 83 -26.08 37.04 -18.40
CA PHE D 83 -25.87 38.47 -18.51
C PHE D 83 -26.65 39.17 -17.41
N VAL D 84 -26.00 40.08 -16.69
CA VAL D 84 -26.62 40.73 -15.56
C VAL D 84 -26.57 42.24 -15.77
N TYR D 85 -27.71 42.91 -15.54
CA TYR D 85 -27.77 44.36 -15.51
C TYR D 85 -28.51 44.79 -14.25
N ASP D 86 -28.32 46.06 -13.89
CA ASP D 86 -28.96 46.63 -12.72
C ASP D 86 -30.26 47.32 -13.16
N MET D 87 -31.39 46.88 -12.61
CA MET D 87 -32.68 47.47 -12.98
C MET D 87 -32.80 48.93 -12.56
N THR D 88 -31.96 49.38 -11.63
CA THR D 88 -31.94 50.77 -11.21
C THR D 88 -30.82 51.56 -11.88
N ASN D 89 -30.33 51.09 -13.03
CA ASN D 89 -29.21 51.73 -13.70
C ASN D 89 -29.35 51.46 -15.19
N MET D 90 -29.91 52.44 -15.92
CA MET D 90 -30.03 52.31 -17.37
C MET D 90 -28.66 52.20 -18.03
N ALA D 91 -27.64 52.85 -17.46
CA ALA D 91 -26.30 52.80 -18.06
C ALA D 91 -25.76 51.38 -18.06
N SER D 92 -26.07 50.60 -17.02
CA SER D 92 -25.66 49.21 -16.99
C SER D 92 -26.41 48.37 -18.02
N PHE D 93 -27.63 48.79 -18.36
CA PHE D 93 -28.39 48.12 -19.41
C PHE D 93 -27.82 48.43 -20.79
N HIS D 94 -27.45 49.68 -21.04
CA HIS D 94 -26.90 50.06 -22.34
C HIS D 94 -25.56 49.40 -22.63
N SER D 95 -24.90 48.85 -21.62
CA SER D 95 -23.63 48.16 -21.86
C SER D 95 -23.82 46.72 -22.28
N LEU D 96 -25.06 46.21 -22.27
CA LEU D 96 -25.29 44.82 -22.68
C LEU D 96 -24.85 44.53 -24.12
N PRO D 97 -25.07 45.40 -25.11
CA PRO D 97 -24.55 45.10 -26.46
C PRO D 97 -23.05 44.83 -26.48
N ALA D 98 -22.27 45.51 -25.65
CA ALA D 98 -20.83 45.24 -25.60
C ALA D 98 -20.53 43.83 -25.13
N TRP D 99 -21.25 43.38 -24.10
CA TRP D 99 -21.03 42.02 -23.59
C TRP D 99 -21.46 40.97 -24.61
N ILE D 100 -22.53 41.23 -25.35
CA ILE D 100 -22.99 40.27 -26.36
C ILE D 100 -21.98 40.15 -27.48
N GLU D 101 -21.36 41.26 -27.90
CA GLU D 101 -20.29 41.17 -28.89
C GLU D 101 -19.06 40.46 -28.34
N GLU D 102 -18.70 40.76 -27.09
CA GLU D 102 -17.55 40.07 -26.50
C GLU D 102 -17.79 38.57 -26.47
N CYS D 103 -19.01 38.17 -26.12
CA CYS D 103 -19.35 36.75 -26.14
C CYS D 103 -19.37 36.21 -27.58
N LYS D 104 -19.81 37.04 -28.53
CA LYS D 104 -19.84 36.62 -29.94
C LYS D 104 -18.43 36.45 -30.51
N GLN D 105 -17.48 37.25 -30.06
CA GLN D 105 -16.11 37.15 -30.55
C GLN D 105 -15.38 35.96 -29.94
N HIS D 106 -15.73 35.59 -28.72
CA HIS D 106 -15.12 34.43 -28.08
C HIS D 106 -15.88 33.14 -28.37
N LEU D 107 -17.05 33.25 -29.01
CA LEU D 107 -17.83 32.10 -29.47
C LEU D 107 -18.22 31.13 -28.36
N ASP D 111 -23.00 28.99 -30.33
CA ASP D 111 -24.37 29.17 -29.84
C ASP D 111 -24.65 28.26 -28.64
N ILE D 112 -24.52 28.83 -27.45
CA ILE D 112 -24.66 28.13 -26.18
C ILE D 112 -25.75 28.84 -25.39
N PRO D 113 -26.39 28.16 -24.44
CA PRO D 113 -27.53 28.77 -23.75
C PRO D 113 -27.13 30.03 -23.00
N ARG D 114 -27.86 31.12 -23.27
CA ARG D 114 -27.64 32.44 -22.71
C ARG D 114 -28.92 32.95 -22.07
N ILE D 115 -28.81 33.55 -20.88
CA ILE D 115 -29.96 34.15 -20.22
C ILE D 115 -29.62 35.58 -19.82
N LEU D 116 -30.67 36.40 -19.69
CA LEU D 116 -30.54 37.80 -19.27
C LEU D 116 -31.27 38.00 -17.96
N VAL D 117 -30.59 38.63 -17.00
CA VAL D 117 -31.13 38.81 -15.65
C VAL D 117 -30.98 40.28 -15.28
N GLY D 118 -32.07 40.87 -14.78
CA GLY D 118 -32.05 42.20 -14.23
C GLY D 118 -32.16 42.12 -12.71
N ASN D 119 -31.22 42.76 -12.04
CA ASN D 119 -31.09 42.62 -10.60
C ASN D 119 -31.67 43.84 -9.89
N LYS D 120 -31.76 43.74 -8.56
CA LYS D 120 -32.14 44.85 -7.68
C LYS D 120 -33.57 45.31 -7.92
N CYS D 121 -34.49 44.36 -8.13
CA CYS D 121 -35.89 44.74 -8.32
C CYS D 121 -36.57 45.11 -7.01
N ASP D 122 -35.93 44.86 -5.87
CA ASP D 122 -36.48 45.28 -4.58
C ASP D 122 -36.51 46.80 -4.46
N LEU D 123 -35.63 47.49 -5.17
CA LEU D 123 -35.57 48.96 -5.14
C LEU D 123 -36.60 49.48 -6.15
N ARG D 124 -37.87 49.28 -5.79
CA ARG D 124 -38.98 49.54 -6.70
C ARG D 124 -39.10 51.02 -7.06
N SER D 125 -38.58 51.91 -6.23
CA SER D 125 -38.69 53.35 -6.43
C SER D 125 -37.62 53.93 -7.34
N ALA D 126 -36.56 53.18 -7.62
CA ALA D 126 -35.46 53.68 -8.43
C ALA D 126 -35.23 52.85 -9.69
N ILE D 127 -36.17 51.96 -10.03
CA ILE D 127 -36.03 51.16 -11.24
C ILE D 127 -36.02 52.08 -12.43
N GLN D 128 -35.03 51.87 -13.32
CA GLN D 128 -34.86 52.71 -14.50
C GLN D 128 -35.08 51.97 -15.81
N VAL D 129 -34.98 50.64 -15.83
CA VAL D 129 -35.10 49.87 -17.06
C VAL D 129 -36.54 49.35 -17.13
N PRO D 130 -37.37 49.86 -18.05
CA PRO D 130 -38.73 49.31 -18.18
C PRO D 130 -38.68 47.86 -18.62
N THR D 131 -39.67 47.09 -18.15
CA THR D 131 -39.70 45.67 -18.46
C THR D 131 -39.83 45.44 -19.96
N ASP D 132 -40.55 46.32 -20.66
CA ASP D 132 -40.76 46.13 -22.09
C ASP D 132 -39.46 46.31 -22.87
N LEU D 133 -38.66 47.31 -22.51
CA LEU D 133 -37.41 47.53 -23.22
C LEU D 133 -36.46 46.35 -23.04
N ALA D 134 -36.27 45.91 -21.80
CA ALA D 134 -35.41 44.75 -21.56
C ALA D 134 -36.00 43.49 -22.17
N GLN D 135 -37.33 43.38 -22.21
CA GLN D 135 -37.95 42.20 -22.80
C GLN D 135 -37.72 42.13 -24.31
N LYS D 136 -37.95 43.24 -25.01
CA LYS D 136 -37.77 43.26 -26.46
C LYS D 136 -36.33 43.02 -26.86
N PHE D 137 -35.38 43.47 -26.04
CA PHE D 137 -33.97 43.22 -26.30
C PHE D 137 -33.54 41.82 -25.87
N ALA D 138 -34.16 41.25 -24.83
CA ALA D 138 -33.99 39.83 -24.55
C ALA D 138 -34.50 38.98 -25.71
N ASP D 139 -35.63 39.37 -26.31
CA ASP D 139 -36.19 38.65 -27.44
C ASP D 139 -35.32 38.78 -28.68
N THR D 140 -34.70 39.94 -28.86
CA THR D 140 -33.90 40.18 -30.05
C THR D 140 -32.75 39.20 -30.14
N HIS D 141 -32.05 38.99 -29.02
CA HIS D 141 -30.91 38.10 -29.00
C HIS D 141 -31.29 36.68 -28.58
N SER D 142 -32.58 36.38 -28.52
CA SER D 142 -33.09 35.04 -28.17
C SER D 142 -32.53 34.59 -26.83
N MET D 143 -32.93 35.32 -25.80
CA MET D 143 -32.58 35.02 -24.42
C MET D 143 -33.81 35.19 -23.56
N PRO D 144 -33.94 34.40 -22.50
CA PRO D 144 -35.01 34.65 -21.53
C PRO D 144 -34.61 35.77 -20.57
N LEU D 145 -35.60 36.58 -20.21
CA LEU D 145 -35.42 37.69 -19.28
C LEU D 145 -35.97 37.31 -17.92
N PHE D 146 -35.24 37.67 -16.87
CA PHE D 146 -35.65 37.43 -15.50
C PHE D 146 -35.38 38.69 -14.69
N GLU D 147 -36.43 39.31 -14.16
CA GLU D 147 -36.29 40.45 -13.27
C GLU D 147 -36.39 39.96 -11.84
N THR D 148 -35.31 40.12 -11.08
CA THR D 148 -35.22 39.52 -9.75
C THR D 148 -34.37 40.42 -8.85
N SER D 149 -34.11 39.93 -7.63
CA SER D 149 -33.31 40.66 -6.65
C SER D 149 -32.54 39.68 -5.80
N ALA D 150 -31.26 39.97 -5.58
CA ALA D 150 -30.43 39.12 -4.73
C ALA D 150 -30.81 39.26 -3.26
N LYS D 151 -31.30 40.44 -2.86
CA LYS D 151 -31.56 40.66 -1.44
C LYS D 151 -32.92 40.10 -1.04
N ASN D 152 -33.96 40.57 -1.71
CA ASN D 152 -35.33 40.15 -1.41
C ASN D 152 -36.02 39.77 -2.72
N PRO D 153 -36.23 38.48 -3.02
CA PRO D 153 -36.98 38.09 -4.22
C PRO D 153 -38.44 38.56 -4.20
N ASN D 156 -40.66 37.38 -6.54
CA ASN D 156 -40.57 37.73 -7.95
C ASN D 156 -39.32 37.11 -8.59
N ASP D 157 -39.51 36.00 -9.32
CA ASP D 157 -38.44 35.31 -10.03
C ASP D 157 -37.27 34.99 -9.09
N HIS D 158 -37.56 34.11 -8.12
CA HIS D 158 -36.53 33.63 -7.19
C HIS D 158 -35.26 33.22 -7.91
N VAL D 159 -34.12 33.53 -7.27
CA VAL D 159 -32.82 33.34 -7.90
C VAL D 159 -32.58 31.86 -8.19
N GLU D 160 -32.87 31.01 -7.23
CA GLU D 160 -32.66 29.57 -7.42
C GLU D 160 -33.46 29.04 -8.59
N ALA D 161 -34.73 29.47 -8.72
CA ALA D 161 -35.56 29.03 -9.83
C ALA D 161 -34.91 29.36 -11.17
N ILE D 162 -34.20 30.49 -11.25
CA ILE D 162 -33.54 30.88 -12.48
C ILE D 162 -32.38 29.95 -12.80
N PHE D 163 -31.46 29.79 -11.84
CA PHE D 163 -30.30 28.92 -12.06
C PHE D 163 -30.73 27.46 -12.23
N MET D 164 -31.78 27.04 -11.51
CA MET D 164 -32.30 25.69 -11.73
C MET D 164 -32.83 25.54 -13.16
N THR D 165 -33.46 26.59 -13.68
CA THR D 165 -33.91 26.56 -15.07
C THR D 165 -32.73 26.42 -16.03
N LEU D 166 -31.66 27.16 -15.78
CA LEU D 166 -30.50 27.09 -16.65
C LEU D 166 -29.85 25.71 -16.59
N ALA D 167 -29.75 25.13 -15.38
CA ALA D 167 -29.18 23.79 -15.25
C ALA D 167 -30.10 22.73 -15.85
N HIS D 168 -31.42 22.88 -15.67
CA HIS D 168 -32.34 21.94 -16.27
C HIS D 168 -32.26 21.96 -17.79
N LYS D 169 -31.99 23.14 -18.36
CA LYS D 169 -31.81 23.23 -19.81
C LYS D 169 -30.46 22.66 -20.24
N LEU D 170 -29.45 22.74 -19.37
CA LEU D 170 -28.11 22.28 -19.74
C LEU D 170 -27.98 20.76 -19.64
N LYS D 171 -28.77 20.12 -18.78
CA LYS D 171 -28.75 18.67 -18.62
C LYS D 171 -29.50 17.94 -19.73
N SER D 172 -29.87 18.63 -20.81
CA SER D 172 -30.63 18.02 -21.89
C SER D 172 -29.89 18.13 -23.22
N SER E 2 -13.06 -2.67 16.36
CA SER E 2 -14.46 -3.06 16.55
C SER E 2 -14.62 -4.20 17.54
N ARG E 3 -14.99 -3.86 18.76
CA ARG E 3 -15.13 -4.85 19.82
C ARG E 3 -16.21 -5.85 19.47
N ILE E 4 -15.93 -7.13 19.75
CA ILE E 4 -16.85 -8.22 19.46
C ILE E 4 -17.34 -8.77 20.80
N PHE E 5 -18.66 -8.83 20.97
CA PHE E 5 -19.26 -9.36 22.19
C PHE E 5 -19.92 -10.69 21.86
N LYS E 6 -19.54 -11.72 22.59
CA LYS E 6 -20.06 -13.06 22.40
C LYS E 6 -21.32 -13.24 23.25
N ILE E 7 -22.44 -13.54 22.60
CA ILE E 7 -23.70 -13.78 23.27
C ILE E 7 -24.19 -15.16 22.84
N ILE E 8 -24.30 -16.06 23.79
CA ILE E 8 -24.76 -17.41 23.49
C ILE E 8 -26.27 -17.47 23.72
N VAL E 9 -26.93 -18.36 22.98
CA VAL E 9 -28.38 -18.53 23.06
C VAL E 9 -28.64 -19.97 23.45
N ILE E 10 -29.13 -20.17 24.66
CA ILE E 10 -29.34 -21.50 25.22
C ILE E 10 -30.84 -21.77 25.30
N GLY E 11 -31.20 -23.05 25.19
CA GLY E 11 -32.59 -23.45 25.28
C GLY E 11 -32.77 -24.83 24.70
N ASP E 12 -33.97 -25.38 24.91
CA ASP E 12 -34.29 -26.67 24.36
C ASP E 12 -34.35 -26.60 22.84
N SER E 13 -34.54 -27.76 22.23
CA SER E 13 -34.66 -27.82 20.79
C SER E 13 -36.05 -27.35 20.35
N ASN E 14 -36.08 -26.73 19.15
CA ASN E 14 -37.32 -26.29 18.52
C ASN E 14 -38.03 -25.19 19.33
N VAL E 15 -37.30 -24.44 20.17
CA VAL E 15 -37.91 -23.32 20.89
C VAL E 15 -37.89 -22.05 20.06
N GLY E 16 -36.98 -21.95 19.09
CA GLY E 16 -36.96 -20.81 18.22
C GLY E 16 -35.71 -19.96 18.32
N LYS E 17 -34.62 -20.61 18.71
CA LYS E 17 -33.35 -19.91 18.81
C LYS E 17 -32.86 -19.45 17.44
N THR E 18 -32.93 -20.33 16.44
CA THR E 18 -32.48 -19.97 15.11
C THR E 18 -33.31 -18.83 14.53
N CYS E 19 -34.61 -18.86 14.75
CA CYS E 19 -35.48 -17.82 14.21
C CYS E 19 -35.25 -16.47 14.87
N LEU E 20 -34.90 -16.45 16.16
CA LEU E 20 -34.64 -15.18 16.85
C LEU E 20 -33.33 -14.58 16.40
N THR E 21 -32.27 -15.39 16.35
CA THR E 21 -30.98 -14.88 15.90
C THR E 21 -31.03 -14.43 14.44
N TYR E 22 -31.72 -15.18 13.57
CA TYR E 22 -31.85 -14.78 12.18
C TYR E 22 -32.70 -13.52 12.03
N ARG E 23 -33.71 -13.34 12.89
CA ARG E 23 -34.52 -12.13 12.86
C ARG E 23 -33.71 -10.90 13.23
N PHE E 24 -32.80 -11.03 14.19
CA PHE E 24 -32.00 -9.88 14.60
C PHE E 24 -30.94 -9.53 13.56
N CYS E 25 -30.31 -10.55 12.97
CA CYS E 25 -29.20 -10.28 12.06
C CYS E 25 -29.69 -9.98 10.64
N ALA E 26 -30.64 -10.74 10.14
CA ALA E 26 -31.13 -10.56 8.78
C ALA E 26 -32.39 -9.71 8.69
N GLY E 27 -32.98 -9.33 9.82
CA GLY E 27 -34.14 -8.47 9.82
C GLY E 27 -35.42 -9.07 9.30
N ARG E 28 -35.46 -10.38 9.07
CA ARG E 28 -36.69 -11.03 8.65
C ARG E 28 -36.72 -12.44 9.24
N PHE E 29 -37.71 -13.23 8.84
CA PHE E 29 -37.97 -14.53 9.42
C PHE E 29 -37.65 -15.65 8.44
N PRO E 30 -36.85 -16.63 8.84
CA PRO E 30 -36.52 -17.74 7.93
C PRO E 30 -37.69 -18.71 7.82
N ASP E 31 -38.10 -19.01 6.60
CA ASP E 31 -39.24 -19.88 6.39
C ASP E 31 -38.92 -21.33 6.78
N ARG E 32 -37.88 -21.90 6.16
CA ARG E 32 -37.51 -23.30 6.33
C ARG E 32 -36.27 -23.38 7.21
N THR E 33 -36.41 -24.01 8.38
CA THR E 33 -35.31 -24.16 9.32
C THR E 33 -35.34 -25.57 9.91
N GLU E 34 -34.20 -26.26 9.82
CA GLU E 34 -34.07 -27.59 10.39
C GLU E 34 -33.31 -27.49 11.72
N ALA E 35 -33.05 -28.66 12.31
CA ALA E 35 -32.35 -28.71 13.59
C ALA E 35 -30.92 -28.20 13.42
N THR E 36 -30.54 -27.24 14.26
CA THR E 36 -29.21 -26.66 14.18
C THR E 36 -28.18 -27.67 14.67
N ILE E 37 -27.15 -27.91 13.85
CA ILE E 37 -26.09 -28.85 14.20
C ILE E 37 -24.89 -28.04 14.68
N GLY E 38 -24.46 -28.31 15.90
CA GLY E 38 -23.39 -27.53 16.51
C GLY E 38 -23.88 -26.13 16.82
N VAL E 39 -23.17 -25.11 16.33
CA VAL E 39 -23.57 -23.71 16.48
C VAL E 39 -23.47 -23.02 15.13
N ASP E 40 -24.54 -22.35 14.71
CA ASP E 40 -24.45 -21.43 13.58
C ASP E 40 -24.10 -20.06 14.12
N PHE E 41 -23.00 -19.48 13.63
CA PHE E 41 -22.54 -18.17 14.07
C PHE E 41 -23.13 -17.10 13.17
N ARG E 42 -23.77 -16.09 13.76
CA ARG E 42 -24.33 -15.02 12.95
C ARG E 42 -24.17 -13.69 13.69
N GLU E 43 -23.57 -12.70 13.01
CA GLU E 43 -23.20 -11.44 13.61
C GLU E 43 -23.88 -10.27 12.89
N ARG E 44 -24.18 -9.21 13.66
CA ARG E 44 -24.74 -7.96 13.15
C ARG E 44 -24.03 -6.82 13.87
N ALA E 45 -23.57 -5.84 13.10
CA ALA E 45 -22.88 -4.66 13.63
C ALA E 45 -23.88 -3.57 13.99
N VAL E 46 -23.64 -2.90 15.11
CA VAL E 46 -24.53 -1.86 15.62
C VAL E 46 -23.70 -0.70 16.14
N ASP E 47 -24.37 0.44 16.27
CA ASP E 47 -23.78 1.66 16.83
C ASP E 47 -24.51 1.98 18.12
N ILE E 48 -23.89 1.64 19.25
CA ILE E 48 -24.43 1.90 20.58
C ILE E 48 -23.62 3.03 21.20
N ASP E 49 -24.31 4.12 21.53
CA ASP E 49 -23.70 5.30 22.16
C ASP E 49 -22.54 5.83 21.33
N GLY E 50 -22.69 5.81 20.00
CA GLY E 50 -21.69 6.31 19.10
C GLY E 50 -20.56 5.37 18.77
N GLU E 51 -20.50 4.19 19.38
CA GLU E 51 -19.40 3.26 19.21
C GLU E 51 -19.82 2.07 18.36
N ARG E 52 -18.94 1.66 17.44
CA ARG E 52 -19.21 0.52 16.59
C ARG E 52 -18.94 -0.77 17.38
N ILE E 53 -19.94 -1.63 17.42
CA ILE E 53 -19.89 -2.88 18.19
C ILE E 53 -20.37 -4.01 17.30
N LYS E 54 -19.64 -5.12 17.32
CA LYS E 54 -19.99 -6.35 16.63
C LYS E 54 -20.64 -7.29 17.63
N ILE E 55 -21.94 -7.50 17.48
CA ILE E 55 -22.65 -8.51 18.28
C ILE E 55 -22.52 -9.84 17.57
N GLN E 56 -21.95 -10.81 18.29
CA GLN E 56 -21.77 -12.18 17.82
C GLN E 56 -22.71 -13.08 18.60
N LEU E 57 -23.78 -13.53 17.95
CA LEU E 57 -24.70 -14.46 18.55
C LEU E 57 -24.30 -15.88 18.20
N TRP E 58 -24.27 -16.76 19.19
CA TRP E 58 -24.02 -18.18 18.96
C TRP E 58 -25.35 -18.91 19.14
N ASP E 59 -25.88 -19.40 18.03
CA ASP E 59 -27.10 -20.22 18.00
C ASP E 59 -26.72 -21.64 18.37
N THR E 60 -26.72 -21.94 19.67
CA THR E 60 -26.38 -23.29 20.11
C THR E 60 -27.46 -24.29 19.69
N ALA E 61 -27.11 -25.57 19.80
CA ALA E 61 -28.04 -26.64 19.49
C ALA E 61 -28.86 -26.98 20.73
N GLY E 62 -30.01 -27.62 20.50
CA GLY E 62 -30.86 -28.00 21.61
C GLY E 62 -30.94 -29.49 21.80
N LEU E 63 -30.58 -30.23 20.75
CA LEU E 63 -30.53 -31.68 20.80
C LEU E 63 -29.17 -32.11 21.35
N GLU E 64 -29.20 -33.02 22.32
CA GLU E 64 -27.96 -33.44 22.97
C GLU E 64 -27.01 -34.10 21.97
N ARG E 65 -27.55 -34.76 20.94
CA ARG E 65 -26.71 -35.42 19.96
C ARG E 65 -25.93 -34.44 19.11
N PHE E 66 -26.38 -33.18 19.06
CA PHE E 66 -25.75 -32.18 18.21
C PHE E 66 -24.99 -31.14 19.01
N ARG E 67 -24.82 -31.35 20.31
CA ARG E 67 -24.09 -30.39 21.13
C ARG E 67 -23.20 -31.02 22.17
N LYS E 68 -23.09 -32.36 22.21
CA LYS E 68 -22.42 -33.02 23.33
C LYS E 68 -20.93 -32.70 23.36
N SER E 69 -20.29 -32.57 22.20
CA SER E 69 -18.85 -32.38 22.17
C SER E 69 -18.43 -30.92 22.13
N MET E 70 -19.36 -29.99 21.97
CA MET E 70 -19.04 -28.59 21.80
C MET E 70 -19.37 -27.75 23.02
N VAL E 71 -19.80 -28.36 24.12
CA VAL E 71 -20.40 -27.59 25.22
C VAL E 71 -19.41 -26.56 25.73
N GLN E 72 -18.13 -26.92 25.88
CA GLN E 72 -17.18 -25.96 26.41
C GLN E 72 -16.76 -24.94 25.37
N HIS E 73 -16.95 -25.24 24.08
CA HIS E 73 -16.78 -24.19 23.09
C HIS E 73 -17.85 -23.12 23.25
N TYR E 74 -19.03 -23.49 23.75
CA TYR E 74 -20.09 -22.52 23.99
C TYR E 74 -19.70 -21.56 25.10
N TYR E 75 -19.26 -22.10 26.24
CA TYR E 75 -19.05 -21.34 27.46
C TYR E 75 -17.61 -20.88 27.61
N ARG E 76 -16.98 -20.52 26.50
CA ARG E 76 -15.63 -19.96 26.49
C ARG E 76 -15.68 -18.52 26.04
N ASN E 77 -15.16 -17.62 26.88
CA ASN E 77 -15.15 -16.19 26.57
C ASN E 77 -16.55 -15.63 26.36
N VAL E 78 -17.53 -16.16 27.09
CA VAL E 78 -18.90 -15.68 26.95
C VAL E 78 -19.06 -14.32 27.60
N HIS E 79 -19.74 -13.41 26.91
CA HIS E 79 -20.03 -12.09 27.46
C HIS E 79 -21.46 -11.91 27.93
N ALA E 80 -22.42 -12.59 27.28
CA ALA E 80 -23.81 -12.52 27.67
C ALA E 80 -24.50 -13.81 27.26
N VAL E 81 -25.52 -14.20 28.01
CA VAL E 81 -26.25 -15.44 27.77
C VAL E 81 -27.74 -15.15 27.69
N VAL E 82 -28.39 -15.69 26.66
CA VAL E 82 -29.82 -15.52 26.42
C VAL E 82 -30.48 -16.88 26.51
N PHE E 83 -31.35 -17.05 27.50
CA PHE E 83 -32.09 -18.29 27.69
C PHE E 83 -33.42 -18.17 26.97
N VAL E 84 -33.78 -19.19 26.19
CA VAL E 84 -35.00 -19.14 25.39
C VAL E 84 -35.86 -20.34 25.73
N TYR E 85 -37.16 -20.09 25.92
CA TYR E 85 -38.14 -21.14 26.09
C TYR E 85 -39.31 -20.84 25.16
N ASP E 86 -40.09 -21.88 24.89
CA ASP E 86 -41.25 -21.79 24.02
C ASP E 86 -42.49 -21.54 24.87
N MET E 87 -43.16 -20.40 24.63
CA MET E 87 -44.34 -20.08 25.42
C MET E 87 -45.49 -21.05 25.18
N THR E 88 -45.45 -21.81 24.08
CA THR E 88 -46.45 -22.82 23.78
C THR E 88 -45.97 -24.23 24.10
N ASN E 89 -44.98 -24.36 24.99
CA ASN E 89 -44.40 -25.67 25.32
C ASN E 89 -43.89 -25.60 26.76
N MET E 90 -44.70 -26.11 27.69
CA MET E 90 -44.30 -26.12 29.10
C MET E 90 -43.04 -26.95 29.32
N ALA E 91 -42.85 -28.00 28.53
CA ALA E 91 -41.68 -28.85 28.72
C ALA E 91 -40.38 -28.08 28.50
N SER E 92 -40.38 -27.13 27.55
CA SER E 92 -39.19 -26.31 27.32
C SER E 92 -38.93 -25.34 28.45
N PHE E 93 -39.99 -24.91 29.15
CA PHE E 93 -39.81 -24.04 30.31
C PHE E 93 -39.24 -24.80 31.51
N HIS E 94 -39.74 -26.01 31.75
CA HIS E 94 -39.27 -26.81 32.87
C HIS E 94 -37.83 -27.26 32.70
N SER E 95 -37.28 -27.17 31.49
CA SER E 95 -35.88 -27.53 31.29
C SER E 95 -34.93 -26.40 31.61
N LEU E 96 -35.44 -25.21 31.92
CA LEU E 96 -34.56 -24.09 32.24
C LEU E 96 -33.65 -24.34 33.44
N PRO E 97 -34.10 -24.96 34.54
CA PRO E 97 -33.14 -25.27 35.61
C PRO E 97 -31.96 -26.10 35.13
N ALA E 98 -32.17 -27.01 34.18
CA ALA E 98 -31.07 -27.81 33.66
C ALA E 98 -30.03 -26.96 32.93
N TRP E 99 -30.48 -26.01 32.10
CA TRP E 99 -29.54 -25.16 31.38
C TRP E 99 -28.79 -24.25 32.34
N ILE E 100 -29.46 -23.77 33.38
CA ILE E 100 -28.79 -22.94 34.38
C ILE E 100 -27.72 -23.74 35.10
N GLU E 101 -27.97 -25.02 35.33
CA GLU E 101 -26.95 -25.88 35.90
C GLU E 101 -25.77 -26.02 34.95
N GLU E 102 -26.04 -26.28 33.67
CA GLU E 102 -24.95 -26.36 32.70
C GLU E 102 -24.17 -25.05 32.67
N CYS E 103 -24.87 -23.91 32.72
CA CYS E 103 -24.16 -22.64 32.75
C CYS E 103 -23.40 -22.48 34.06
N LYS E 104 -24.03 -22.81 35.18
CA LYS E 104 -23.38 -22.67 36.48
C LYS E 104 -22.19 -23.62 36.55
N GLN E 105 -22.36 -24.82 36.02
CA GLN E 105 -21.33 -25.85 36.05
C GLN E 105 -20.08 -25.41 35.31
N HIS E 106 -20.21 -24.61 34.25
CA HIS E 106 -18.99 -24.21 33.58
C HIS E 106 -18.43 -22.93 34.20
N LEU E 107 -19.00 -21.76 33.94
CA LEU E 107 -18.44 -20.57 34.57
C LEU E 107 -19.49 -19.53 34.85
N LEU E 108 -19.62 -19.24 36.14
CA LEU E 108 -20.54 -18.21 36.61
C LEU E 108 -20.13 -16.84 36.08
N ALA E 109 -18.82 -16.59 36.08
CA ALA E 109 -18.21 -15.36 35.59
C ALA E 109 -18.80 -14.12 36.26
N ASN E 110 -18.99 -14.17 37.58
CA ASN E 110 -19.47 -13.00 38.32
C ASN E 110 -20.72 -12.35 37.69
N ASP E 111 -21.75 -13.17 37.48
CA ASP E 111 -23.02 -12.71 36.90
C ASP E 111 -22.85 -12.04 35.53
N ILE E 112 -22.39 -12.82 34.56
CA ILE E 112 -22.39 -12.19 33.24
C ILE E 112 -23.85 -11.92 32.87
N PRO E 113 -24.18 -10.80 32.24
CA PRO E 113 -25.60 -10.45 32.02
C PRO E 113 -26.35 -11.56 31.30
N ARG E 114 -27.47 -11.97 31.92
CA ARG E 114 -28.32 -13.06 31.48
C ARG E 114 -29.74 -12.58 31.34
N ILE E 115 -30.42 -12.97 30.26
CA ILE E 115 -31.80 -12.60 30.05
C ILE E 115 -32.61 -13.86 29.76
N LEU E 116 -33.91 -13.76 30.02
CA LEU E 116 -34.85 -14.84 29.75
C LEU E 116 -35.84 -14.38 28.71
N VAL E 117 -36.03 -15.20 27.67
CA VAL E 117 -36.88 -14.84 26.55
C VAL E 117 -37.85 -15.98 26.30
N GLY E 118 -39.14 -15.66 26.20
CA GLY E 118 -40.16 -16.60 25.80
C GLY E 118 -40.59 -16.31 24.38
N ASN E 119 -40.53 -17.34 23.55
CA ASN E 119 -40.75 -17.19 22.12
C ASN E 119 -42.15 -17.67 21.75
N LYS E 120 -42.51 -17.43 20.49
CA LYS E 120 -43.75 -17.91 19.90
C LYS E 120 -44.97 -17.34 20.60
N CYS E 121 -44.89 -16.06 20.97
CA CYS E 121 -46.02 -15.41 21.63
C CYS E 121 -47.14 -15.05 20.66
N ASP E 122 -46.90 -15.13 19.35
CA ASP E 122 -47.96 -14.88 18.37
C ASP E 122 -49.03 -15.95 18.42
N LEU E 123 -48.70 -17.13 18.92
CA LEU E 123 -49.65 -18.24 19.04
C LEU E 123 -50.44 -18.13 20.34
N ARG E 124 -51.15 -17.01 20.47
CA ARG E 124 -51.82 -16.66 21.72
C ARG E 124 -52.96 -17.60 22.06
N SER E 125 -53.27 -18.57 21.19
CA SER E 125 -54.28 -19.57 21.47
C SER E 125 -53.69 -20.85 22.03
N ALA E 126 -52.38 -21.04 21.93
CA ALA E 126 -51.73 -22.26 22.39
C ALA E 126 -50.64 -22.00 23.42
N ILE E 127 -50.58 -20.79 23.98
CA ILE E 127 -49.57 -20.49 24.99
C ILE E 127 -49.79 -21.39 26.19
N GLN E 128 -48.71 -22.00 26.68
CA GLN E 128 -48.78 -22.91 27.81
C GLN E 128 -48.10 -22.39 29.06
N VAL E 129 -47.18 -21.44 28.93
CA VAL E 129 -46.43 -20.89 30.06
C VAL E 129 -47.11 -19.58 30.45
N PRO E 130 -47.79 -19.53 31.60
CA PRO E 130 -48.38 -18.26 32.03
C PRO E 130 -47.29 -17.23 32.29
N THR E 131 -47.64 -15.97 32.05
CA THR E 131 -46.65 -14.90 32.21
C THR E 131 -46.18 -14.77 33.65
N ASP E 132 -47.05 -15.04 34.62
CA ASP E 132 -46.69 -14.85 36.03
C ASP E 132 -45.67 -15.88 36.49
N LEU E 133 -45.84 -17.14 36.09
CA LEU E 133 -44.89 -18.18 36.48
C LEU E 133 -43.51 -17.92 35.92
N ALA E 134 -43.43 -17.61 34.61
CA ALA E 134 -42.14 -17.31 34.00
C ALA E 134 -41.51 -16.07 34.58
N GLN E 135 -42.32 -15.08 34.99
CA GLN E 135 -41.76 -13.89 35.63
C GLN E 135 -41.17 -14.25 36.99
N LYS E 136 -41.86 -15.09 37.75
CA LYS E 136 -41.40 -15.53 39.06
C LYS E 136 -40.03 -16.20 38.95
N PHE E 137 -39.90 -17.09 37.98
CA PHE E 137 -38.63 -17.78 37.74
C PHE E 137 -37.53 -16.84 37.26
N ALA E 138 -37.86 -15.94 36.34
CA ALA E 138 -36.89 -14.94 35.91
C ALA E 138 -36.41 -14.08 37.07
N ASP E 139 -37.33 -13.69 37.96
CA ASP E 139 -36.95 -12.86 39.10
C ASP E 139 -36.09 -13.65 40.08
N THR E 140 -36.37 -14.94 40.26
CA THR E 140 -35.61 -15.74 41.21
C THR E 140 -34.13 -15.77 40.85
N HIS E 141 -33.83 -15.96 39.57
CA HIS E 141 -32.47 -16.07 39.09
C HIS E 141 -31.88 -14.73 38.64
N SER E 142 -32.55 -13.61 38.96
CA SER E 142 -32.11 -12.26 38.64
C SER E 142 -31.88 -12.10 37.14
N MET E 143 -32.97 -12.22 36.39
CA MET E 143 -32.97 -12.03 34.94
C MET E 143 -34.22 -11.26 34.53
N PRO E 144 -34.12 -10.46 33.48
CA PRO E 144 -35.32 -9.84 32.90
C PRO E 144 -36.07 -10.83 32.02
N LEU E 145 -37.40 -10.70 32.02
CA LEU E 145 -38.27 -11.51 31.19
C LEU E 145 -38.70 -10.72 29.96
N PHE E 146 -38.67 -11.38 28.80
CA PHE E 146 -39.10 -10.79 27.54
C PHE E 146 -39.94 -11.81 26.80
N GLU E 147 -41.21 -11.49 26.60
CA GLU E 147 -42.11 -12.33 25.80
C GLU E 147 -42.24 -11.71 24.42
N THR E 148 -41.85 -12.46 23.39
CA THR E 148 -41.76 -11.93 22.04
C THR E 148 -42.08 -13.04 21.03
N SER E 149 -41.94 -12.72 19.75
CA SER E 149 -42.22 -13.66 18.66
C SER E 149 -41.24 -13.41 17.53
N ALA E 150 -40.70 -14.50 16.96
CA ALA E 150 -39.74 -14.34 15.87
C ALA E 150 -40.40 -13.91 14.56
N LYS E 151 -41.60 -14.40 14.25
CA LYS E 151 -42.25 -14.09 12.97
C LYS E 151 -43.40 -13.14 13.24
N ASN E 152 -43.39 -11.99 12.57
CA ASN E 152 -44.46 -11.00 12.68
C ASN E 152 -44.81 -10.58 14.12
N PRO E 153 -43.82 -10.17 14.92
CA PRO E 153 -44.15 -9.73 16.28
C PRO E 153 -44.59 -8.28 16.19
N ASN E 154 -45.87 -8.03 16.50
CA ASN E 154 -46.37 -6.67 16.43
C ASN E 154 -46.82 -6.28 17.82
N ASP E 155 -46.26 -5.17 18.30
CA ASP E 155 -46.50 -4.56 19.62
C ASP E 155 -46.24 -5.58 20.72
N ASN E 156 -45.19 -6.38 20.56
CA ASN E 156 -44.90 -7.40 21.56
C ASN E 156 -43.39 -7.58 21.72
N ASP E 157 -42.73 -6.59 22.33
CA ASP E 157 -41.30 -6.66 22.63
C ASP E 157 -40.46 -7.01 21.41
N HIS E 158 -40.42 -6.07 20.46
CA HIS E 158 -39.67 -6.31 19.23
C HIS E 158 -38.25 -6.75 19.54
N VAL E 159 -37.83 -7.80 18.82
CA VAL E 159 -36.58 -8.50 19.07
C VAL E 159 -35.39 -7.56 19.13
N GLU E 160 -35.30 -6.60 18.21
CA GLU E 160 -34.14 -5.71 18.21
C GLU E 160 -34.03 -4.95 19.54
N ALA E 161 -35.15 -4.47 20.07
CA ALA E 161 -35.09 -3.79 21.36
C ALA E 161 -34.50 -4.69 22.45
N ILE E 162 -34.76 -6.00 22.37
CA ILE E 162 -34.23 -6.92 23.37
C ILE E 162 -32.71 -7.05 23.25
N PHE E 163 -32.23 -7.43 22.07
CA PHE E 163 -30.79 -7.59 21.89
C PHE E 163 -30.04 -6.27 22.01
N MET E 164 -30.65 -5.16 21.57
CA MET E 164 -30.03 -3.86 21.80
C MET E 164 -29.89 -3.58 23.29
N THR E 165 -30.89 -3.99 24.07
CA THR E 165 -30.84 -3.82 25.52
C THR E 165 -29.68 -4.61 26.12
N LEU E 166 -29.52 -5.87 25.71
CA LEU E 166 -28.45 -6.68 26.26
C LEU E 166 -27.09 -6.14 25.86
N ALA E 167 -26.94 -5.72 24.60
CA ALA E 167 -25.67 -5.15 24.14
C ALA E 167 -25.41 -3.79 24.80
N HIS E 168 -26.46 -3.00 25.01
CA HIS E 168 -26.29 -1.72 25.70
C HIS E 168 -25.79 -1.92 27.12
N LYS E 169 -26.29 -2.96 27.80
CA LYS E 169 -25.80 -3.30 29.13
C LYS E 169 -24.38 -3.86 29.09
N LEU E 170 -23.96 -4.43 27.95
CA LEU E 170 -22.60 -4.96 27.82
C LEU E 170 -21.57 -3.85 27.65
N LYS E 171 -21.92 -2.80 26.91
CA LYS E 171 -20.95 -1.73 26.65
C LYS E 171 -20.59 -1.00 27.94
N SER E 172 -21.56 -0.78 28.81
CA SER E 172 -21.33 -0.09 30.08
C SER E 172 -20.50 -0.95 31.03
N SER F 2 -3.31 -11.69 -6.00
CA SER F 2 -2.74 -12.95 -6.41
C SER F 2 -3.78 -13.83 -7.09
N ARG F 3 -3.69 -13.94 -8.42
CA ARG F 3 -4.68 -14.69 -9.18
C ARG F 3 -4.70 -16.16 -8.75
N ILE F 4 -5.90 -16.72 -8.66
CA ILE F 4 -6.15 -18.07 -8.15
C ILE F 4 -6.54 -18.99 -9.29
N PHE F 5 -5.94 -20.17 -9.32
CA PHE F 5 -6.21 -21.17 -10.35
C PHE F 5 -6.97 -22.33 -9.72
N LYS F 6 -8.13 -22.65 -10.31
CA LYS F 6 -8.97 -23.74 -9.85
C LYS F 6 -8.57 -25.03 -10.53
N ILE F 7 -8.21 -26.04 -9.75
CA ILE F 7 -7.84 -27.34 -10.30
C ILE F 7 -8.70 -28.39 -9.64
N ILE F 8 -9.49 -29.07 -10.43
CA ILE F 8 -10.37 -30.11 -9.90
C ILE F 8 -9.68 -31.46 -10.04
N VAL F 9 -10.01 -32.37 -9.13
CA VAL F 9 -9.45 -33.72 -9.10
C VAL F 9 -10.61 -34.70 -9.23
N ILE F 10 -10.69 -35.35 -10.39
CA ILE F 10 -11.80 -36.23 -10.72
C ILE F 10 -11.31 -37.67 -10.73
N GLY F 11 -12.22 -38.59 -10.42
CA GLY F 11 -11.88 -40.01 -10.42
C GLY F 11 -12.91 -40.79 -9.67
N ASP F 12 -12.79 -42.12 -9.78
CA ASP F 12 -13.71 -43.00 -9.06
C ASP F 12 -13.49 -42.90 -7.54
N SER F 13 -14.33 -43.60 -6.80
CA SER F 13 -14.21 -43.63 -5.35
C SER F 13 -13.08 -44.56 -4.94
N ASN F 14 -12.43 -44.21 -3.83
CA ASN F 14 -11.36 -45.00 -3.21
C ASN F 14 -10.11 -45.07 -4.08
N VAL F 15 -9.93 -44.13 -5.01
CA VAL F 15 -8.73 -44.15 -5.83
C VAL F 15 -7.58 -43.38 -5.21
N GLY F 16 -7.85 -42.42 -4.33
CA GLY F 16 -6.78 -41.71 -3.65
C GLY F 16 -6.74 -40.23 -3.99
N LYS F 17 -7.90 -39.66 -4.33
CA LYS F 17 -7.97 -38.24 -4.64
C LYS F 17 -7.63 -37.42 -3.40
N THR F 18 -8.23 -37.79 -2.27
CA THR F 18 -8.00 -37.07 -1.02
C THR F 18 -6.55 -37.18 -0.58
N CYS F 19 -5.97 -38.36 -0.74
CA CYS F 19 -4.60 -38.54 -0.30
C CYS F 19 -3.62 -37.77 -1.18
N LEU F 20 -3.90 -37.64 -2.47
CA LEU F 20 -3.02 -36.89 -3.35
C LEU F 20 -3.12 -35.39 -3.08
N THR F 21 -4.34 -34.87 -3.00
CA THR F 21 -4.49 -33.45 -2.71
C THR F 21 -3.94 -33.10 -1.34
N TYR F 22 -4.20 -33.95 -0.34
CA TYR F 22 -3.62 -33.70 0.98
C TYR F 22 -2.10 -33.85 0.97
N ARG F 23 -1.57 -34.76 0.14
CA ARG F 23 -0.12 -34.88 0.03
C ARG F 23 0.50 -33.64 -0.59
N PHE F 24 -0.17 -33.05 -1.58
CA PHE F 24 0.39 -31.86 -2.22
C PHE F 24 0.25 -30.62 -1.34
N CYS F 25 -0.89 -30.46 -0.67
CA CYS F 25 -1.10 -29.23 0.08
C CYS F 25 -0.48 -29.32 1.48
N ALA F 26 -0.65 -30.45 2.15
CA ALA F 26 -0.16 -30.63 3.50
C ALA F 26 1.18 -31.35 3.56
N GLY F 27 1.70 -31.86 2.45
CA GLY F 27 3.00 -32.48 2.49
C GLY F 27 3.07 -33.81 3.23
N ARG F 28 1.98 -34.28 3.81
CA ARG F 28 1.95 -35.54 4.53
C ARG F 28 0.67 -36.31 4.25
N PHE F 29 0.79 -37.64 4.24
CA PHE F 29 -0.35 -38.51 3.99
C PHE F 29 -1.28 -38.54 5.20
N PRO F 30 -2.60 -38.53 5.00
CA PRO F 30 -3.53 -38.58 6.14
C PRO F 30 -3.73 -40.02 6.65
N ASP F 31 -3.57 -40.21 7.95
CA ASP F 31 -3.74 -41.54 8.54
C ASP F 31 -5.18 -42.03 8.47
N ARG F 32 -6.13 -41.20 8.92
CA ARG F 32 -7.54 -41.57 8.96
C ARG F 32 -8.26 -40.88 7.80
N THR F 33 -8.58 -41.64 6.76
CA THR F 33 -9.31 -41.12 5.61
C THR F 33 -10.70 -41.75 5.51
N GLU F 34 -11.68 -40.94 5.17
CA GLU F 34 -13.05 -41.39 4.99
C GLU F 34 -13.50 -41.00 3.59
N ALA F 35 -14.78 -41.23 3.31
CA ALA F 35 -15.37 -40.92 2.01
C ALA F 35 -15.64 -39.42 1.90
N THR F 36 -15.16 -38.81 0.83
CA THR F 36 -15.33 -37.38 0.64
C THR F 36 -16.80 -37.06 0.31
N ILE F 37 -17.38 -36.15 1.08
CA ILE F 37 -18.76 -35.72 0.88
C ILE F 37 -18.75 -34.36 0.20
N GLY F 38 -19.34 -34.26 -0.97
CA GLY F 38 -19.34 -33.02 -1.71
C GLY F 38 -17.98 -32.62 -2.24
N VAL F 39 -17.48 -31.48 -1.80
CA VAL F 39 -16.14 -31.01 -2.14
C VAL F 39 -15.36 -30.73 -0.86
N ASP F 40 -14.15 -31.26 -0.79
CA ASP F 40 -13.17 -30.85 0.20
C ASP F 40 -12.15 -29.98 -0.54
N PHE F 41 -12.10 -28.68 -0.20
CA PHE F 41 -11.25 -27.74 -0.90
C PHE F 41 -9.87 -27.69 -0.26
N ARG F 42 -8.83 -27.79 -1.10
CA ARG F 42 -7.44 -27.73 -0.65
C ARG F 42 -6.76 -26.60 -1.40
N GLU F 43 -6.14 -25.69 -0.65
CA GLU F 43 -5.51 -24.52 -1.23
C GLU F 43 -4.04 -24.49 -0.84
N ARG F 44 -3.19 -24.03 -1.76
CA ARG F 44 -1.76 -23.88 -1.48
C ARG F 44 -1.21 -22.72 -2.30
N ALA F 45 -0.54 -21.80 -1.62
CA ALA F 45 0.09 -20.67 -2.27
C ALA F 45 1.52 -21.04 -2.66
N VAL F 46 1.92 -20.65 -3.86
CA VAL F 46 3.25 -20.93 -4.39
C VAL F 46 3.72 -19.70 -5.15
N ASP F 47 5.03 -19.63 -5.37
CA ASP F 47 5.63 -18.55 -6.15
C ASP F 47 6.18 -19.16 -7.42
N ILE F 48 5.45 -18.97 -8.52
CA ILE F 48 5.82 -19.48 -9.83
C ILE F 48 6.34 -18.30 -10.64
N ASP F 49 7.60 -18.40 -11.06
CA ASP F 49 8.26 -17.37 -11.87
C ASP F 49 8.18 -16.01 -11.17
N GLY F 50 8.35 -16.02 -9.85
CA GLY F 50 8.32 -14.81 -9.08
C GLY F 50 6.94 -14.32 -8.69
N GLU F 51 5.89 -14.79 -9.36
CA GLU F 51 4.54 -14.35 -9.05
C GLU F 51 3.90 -15.29 -8.04
N ARG F 52 3.11 -14.71 -7.14
CA ARG F 52 2.41 -15.51 -6.15
C ARG F 52 1.11 -16.04 -6.73
N ILE F 53 0.92 -17.35 -6.64
CA ILE F 53 -0.24 -18.02 -7.22
C ILE F 53 -0.87 -18.88 -6.15
N LYS F 54 -2.20 -18.81 -6.04
CA LYS F 54 -2.97 -19.65 -5.14
C LYS F 54 -3.54 -20.82 -5.94
N ILE F 55 -3.04 -22.02 -5.67
CA ILE F 55 -3.55 -23.22 -6.30
C ILE F 55 -4.73 -23.71 -5.48
N GLN F 56 -5.87 -23.94 -6.14
CA GLN F 56 -7.10 -24.32 -5.46
C GLN F 56 -7.51 -25.71 -5.95
N LEU F 57 -7.16 -26.75 -5.19
CA LEU F 57 -7.51 -28.11 -5.56
C LEU F 57 -8.91 -28.41 -5.05
N TRP F 58 -9.77 -28.94 -5.91
CA TRP F 58 -11.09 -29.37 -5.47
C TRP F 58 -11.10 -30.89 -5.43
N ASP F 59 -11.14 -31.44 -4.23
CA ASP F 59 -11.26 -32.88 -3.98
C ASP F 59 -12.71 -33.28 -4.17
N THR F 60 -13.06 -33.59 -5.41
CA THR F 60 -14.42 -33.97 -5.75
C THR F 60 -14.77 -35.34 -5.15
N ALA F 61 -16.06 -35.66 -5.18
CA ALA F 61 -16.54 -36.95 -4.68
C ALA F 61 -16.52 -38.03 -5.76
N GLY F 62 -16.50 -39.28 -5.32
CA GLY F 62 -16.50 -40.41 -6.23
C GLY F 62 -17.77 -41.23 -6.14
N LEU F 63 -18.50 -41.04 -5.05
CA LEU F 63 -19.76 -41.72 -4.83
C LEU F 63 -20.88 -40.94 -5.52
N GLU F 64 -21.73 -41.65 -6.25
CA GLU F 64 -22.71 -41.00 -7.12
C GLU F 64 -23.69 -40.15 -6.31
N ARG F 65 -24.18 -40.70 -5.20
CA ARG F 65 -25.11 -39.98 -4.33
C ARG F 65 -24.42 -38.91 -3.50
N PHE F 66 -23.09 -38.85 -3.50
CA PHE F 66 -22.38 -37.84 -2.75
C PHE F 66 -21.85 -36.71 -3.62
N ARG F 67 -22.21 -36.70 -4.91
CA ARG F 67 -21.77 -35.65 -5.82
C ARG F 67 -22.84 -35.20 -6.81
N LYS F 68 -23.95 -35.93 -6.96
CA LYS F 68 -24.89 -35.68 -8.06
C LYS F 68 -25.43 -34.26 -8.04
N SER F 69 -25.48 -33.62 -6.88
CA SER F 69 -25.93 -32.23 -6.78
C SER F 69 -24.81 -31.23 -6.96
N MET F 70 -23.57 -31.69 -7.05
CA MET F 70 -22.40 -30.82 -7.07
C MET F 70 -21.76 -30.72 -8.43
N VAL F 71 -22.31 -31.39 -9.45
CA VAL F 71 -21.57 -31.60 -10.68
C VAL F 71 -21.24 -30.27 -11.36
N GLN F 72 -22.22 -29.38 -11.47
CA GLN F 72 -21.95 -28.12 -12.15
C GLN F 72 -21.20 -27.12 -11.31
N HIS F 73 -21.19 -27.28 -9.99
CA HIS F 73 -20.28 -26.48 -9.18
C HIS F 73 -18.83 -26.87 -9.43
N TYR F 74 -18.56 -28.12 -9.83
CA TYR F 74 -17.20 -28.55 -10.12
C TYR F 74 -16.64 -27.85 -11.34
N TYR F 75 -17.37 -27.89 -12.45
CA TYR F 75 -16.87 -27.47 -13.76
C TYR F 75 -17.26 -26.04 -14.05
N ARG F 76 -17.25 -25.19 -13.03
CA ARG F 76 -17.57 -23.78 -13.19
C ARG F 76 -16.28 -23.00 -13.01
N ASN F 77 -15.88 -22.29 -14.06
CA ASN F 77 -14.63 -21.52 -14.07
C ASN F 77 -13.42 -22.41 -13.77
N VAL F 78 -13.48 -23.66 -14.22
CA VAL F 78 -12.39 -24.61 -13.98
C VAL F 78 -11.21 -24.25 -14.86
N HIS F 79 -10.01 -24.31 -14.30
CA HIS F 79 -8.77 -24.00 -15.01
C HIS F 79 -7.94 -25.21 -15.37
N ALA F 80 -8.00 -26.28 -14.58
CA ALA F 80 -7.25 -27.49 -14.86
C ALA F 80 -7.96 -28.69 -14.26
N VAL F 81 -7.82 -29.84 -14.91
CA VAL F 81 -8.48 -31.07 -14.50
C VAL F 81 -7.47 -32.18 -14.34
N VAL F 82 -7.54 -32.89 -13.20
CA VAL F 82 -6.63 -33.98 -12.89
C VAL F 82 -7.45 -35.25 -12.73
N PHE F 83 -7.16 -36.23 -13.58
CA PHE F 83 -7.85 -37.52 -13.55
C PHE F 83 -7.03 -38.50 -12.72
N VAL F 84 -7.68 -39.18 -11.78
CA VAL F 84 -6.98 -40.11 -10.91
C VAL F 84 -7.64 -41.48 -11.03
N TYR F 85 -6.82 -42.52 -11.20
CA TYR F 85 -7.28 -43.90 -11.17
C TYR F 85 -6.38 -44.72 -10.26
N ASP F 86 -6.89 -45.86 -9.82
CA ASP F 86 -6.16 -46.77 -8.94
C ASP F 86 -5.42 -47.80 -9.78
N MET F 87 -4.09 -47.81 -9.68
CA MET F 87 -3.28 -48.76 -10.44
C MET F 87 -3.48 -50.21 -10.02
N THR F 88 -4.03 -50.44 -8.82
CA THR F 88 -4.32 -51.78 -8.35
C THR F 88 -5.79 -52.14 -8.53
N ASN F 89 -6.49 -51.46 -9.43
CA ASN F 89 -7.92 -51.67 -9.63
C ASN F 89 -8.22 -51.36 -11.10
N MET F 90 -8.29 -52.40 -11.93
CA MET F 90 -8.60 -52.20 -13.34
C MET F 90 -9.97 -51.57 -13.52
N ALA F 91 -10.92 -51.86 -12.63
CA ALA F 91 -12.27 -51.31 -12.77
C ALA F 91 -12.27 -49.79 -12.67
N SER F 92 -11.40 -49.23 -11.81
CA SER F 92 -11.32 -47.78 -11.70
C SER F 92 -10.72 -47.14 -12.94
N PHE F 93 -9.86 -47.88 -13.66
CA PHE F 93 -9.29 -47.38 -14.90
C PHE F 93 -10.33 -47.34 -16.01
N HIS F 94 -11.17 -48.38 -16.11
CA HIS F 94 -12.16 -48.46 -17.17
C HIS F 94 -13.21 -47.36 -17.07
N SER F 95 -13.31 -46.68 -15.93
CA SER F 95 -14.28 -45.59 -15.80
C SER F 95 -13.77 -44.27 -16.34
N LEU F 96 -12.50 -44.18 -16.74
CA LEU F 96 -11.98 -42.91 -17.25
C LEU F 96 -12.73 -42.38 -18.47
N PRO F 97 -13.12 -43.19 -19.47
CA PRO F 97 -13.93 -42.63 -20.56
C PRO F 97 -15.19 -41.94 -20.09
N ALA F 98 -15.81 -42.47 -19.03
CA ALA F 98 -17.01 -41.84 -18.49
C ALA F 98 -16.71 -40.45 -17.95
N TRP F 99 -15.61 -40.29 -17.21
CA TRP F 99 -15.26 -38.97 -16.69
C TRP F 99 -14.89 -38.02 -17.81
N ILE F 100 -14.23 -38.53 -18.85
CA ILE F 100 -13.87 -37.67 -19.97
C ILE F 100 -15.12 -37.16 -20.68
N GLU F 101 -16.15 -38.01 -20.77
CA GLU F 101 -17.42 -37.56 -21.34
C GLU F 101 -18.06 -36.50 -20.46
N GLU F 102 -18.08 -36.70 -19.15
CA GLU F 102 -18.67 -35.70 -18.26
C GLU F 102 -17.96 -34.36 -18.40
N CYS F 103 -16.63 -34.37 -18.51
CA CYS F 103 -15.88 -33.13 -18.69
C CYS F 103 -16.22 -32.48 -20.02
N LYS F 104 -16.19 -33.26 -21.10
CA LYS F 104 -16.50 -32.72 -22.42
C LYS F 104 -17.93 -32.18 -22.49
N GLN F 105 -18.84 -32.66 -21.65
CA GLN F 105 -20.21 -32.19 -21.67
C GLN F 105 -20.44 -30.95 -20.82
N HIS F 106 -19.68 -30.78 -19.74
CA HIS F 106 -19.80 -29.60 -18.89
C HIS F 106 -18.88 -28.46 -19.30
N LEU F 107 -17.97 -28.68 -20.23
CA LEU F 107 -17.03 -27.66 -20.66
C LEU F 107 -17.46 -26.98 -21.96
N LEU F 108 -16.73 -25.91 -22.27
CA LEU F 108 -16.79 -25.20 -23.54
C LEU F 108 -15.49 -25.29 -24.32
N ALA F 109 -14.35 -25.20 -23.64
CA ALA F 109 -13.05 -25.10 -24.29
C ALA F 109 -12.32 -26.43 -24.24
N ASN F 110 -11.53 -26.68 -25.29
CA ASN F 110 -10.62 -27.82 -25.38
C ASN F 110 -9.23 -27.45 -24.88
N ASP F 111 -9.05 -26.22 -24.39
CA ASP F 111 -7.74 -25.67 -24.11
C ASP F 111 -7.25 -25.96 -22.70
N ILE F 112 -8.13 -26.24 -21.76
CA ILE F 112 -7.68 -26.33 -20.36
C ILE F 112 -6.80 -27.56 -20.20
N PRO F 113 -5.74 -27.48 -19.39
CA PRO F 113 -4.82 -28.61 -19.24
C PRO F 113 -5.48 -29.78 -18.51
N ARG F 114 -5.33 -30.96 -19.08
CA ARG F 114 -5.85 -32.19 -18.49
C ARG F 114 -4.71 -33.17 -18.30
N ILE F 115 -4.64 -33.82 -17.12
CA ILE F 115 -3.61 -34.81 -16.86
C ILE F 115 -4.25 -36.08 -16.32
N LEU F 116 -3.55 -37.18 -16.50
CA LEU F 116 -3.97 -38.50 -16.02
C LEU F 116 -2.97 -39.00 -14.99
N VAL F 117 -3.46 -39.44 -13.83
CA VAL F 117 -2.61 -39.85 -12.72
C VAL F 117 -3.08 -41.20 -12.21
N GLY F 118 -2.16 -42.14 -12.07
CA GLY F 118 -2.43 -43.42 -11.44
C GLY F 118 -1.79 -43.48 -10.07
N ASN F 119 -2.61 -43.80 -9.07
CA ASN F 119 -2.19 -43.77 -7.67
C ASN F 119 -1.93 -45.18 -7.16
N LYS F 120 -1.40 -45.25 -5.93
CA LYS F 120 -1.19 -46.50 -5.21
C LYS F 120 -0.18 -47.40 -5.93
N CYS F 121 0.87 -46.80 -6.51
CA CYS F 121 1.88 -47.59 -7.20
C CYS F 121 2.85 -48.26 -6.24
N ASP F 122 2.83 -47.91 -4.95
CA ASP F 122 3.67 -48.59 -3.98
C ASP F 122 3.26 -50.05 -3.79
N LEU F 123 2.02 -50.40 -4.12
CA LEU F 123 1.52 -51.77 -3.98
C LEU F 123 1.93 -52.56 -5.23
N ARG F 124 3.23 -52.85 -5.30
CA ARG F 124 3.80 -53.50 -6.48
C ARG F 124 3.20 -54.89 -6.71
N SER F 125 2.84 -55.59 -5.64
CA SER F 125 2.31 -56.95 -5.72
C SER F 125 0.87 -57.01 -6.21
N ALA F 126 0.15 -55.89 -6.25
CA ALA F 126 -1.24 -55.88 -6.65
C ALA F 126 -1.54 -54.96 -7.83
N ILE F 127 -0.51 -54.47 -8.53
CA ILE F 127 -0.75 -53.60 -9.68
C ILE F 127 -1.49 -54.38 -10.76
N GLN F 128 -2.57 -53.77 -11.26
CA GLN F 128 -3.39 -54.39 -12.29
C GLN F 128 -3.40 -53.65 -13.61
N VAL F 129 -3.05 -52.36 -13.62
CA VAL F 129 -3.10 -51.53 -14.82
C VAL F 129 -1.69 -51.48 -15.41
N PRO F 130 -1.43 -52.12 -16.56
CA PRO F 130 -0.11 -52.03 -17.17
C PRO F 130 0.21 -50.61 -17.59
N THR F 131 1.50 -50.25 -17.49
CA THR F 131 1.90 -48.89 -17.84
C THR F 131 1.64 -48.59 -19.31
N ASP F 132 1.78 -49.60 -20.18
CA ASP F 132 1.58 -49.38 -21.60
C ASP F 132 0.13 -49.09 -21.92
N LEU F 133 -0.80 -49.78 -21.26
CA LEU F 133 -2.22 -49.56 -21.52
C LEU F 133 -2.63 -48.14 -21.18
N ALA F 134 -2.28 -47.68 -19.98
CA ALA F 134 -2.61 -46.31 -19.58
C ALA F 134 -1.88 -45.28 -20.43
N GLN F 135 -0.67 -45.60 -20.88
CA GLN F 135 0.08 -44.66 -21.73
C GLN F 135 -0.61 -44.48 -23.07
N LYS F 136 -1.09 -45.58 -23.65
CA LYS F 136 -1.76 -45.52 -24.96
C LYS F 136 -3.06 -44.75 -24.83
N PHE F 137 -3.75 -44.94 -23.70
CA PHE F 137 -4.97 -44.19 -23.42
C PHE F 137 -4.69 -42.71 -23.20
N ALA F 138 -3.66 -42.42 -22.40
CA ALA F 138 -3.26 -41.02 -22.20
C ALA F 138 -2.93 -40.34 -23.51
N ASP F 139 -2.26 -41.05 -24.42
CA ASP F 139 -1.93 -40.46 -25.71
C ASP F 139 -3.18 -40.27 -26.57
N THR F 140 -4.16 -41.17 -26.46
CA THR F 140 -5.37 -41.07 -27.29
C THR F 140 -6.09 -39.76 -27.02
N HIS F 141 -6.23 -39.41 -25.75
CA HIS F 141 -6.92 -38.19 -25.39
C HIS F 141 -5.97 -37.01 -25.22
N SER F 142 -4.70 -37.18 -25.63
CA SER F 142 -3.68 -36.13 -25.57
C SER F 142 -3.55 -35.57 -24.15
N MET F 143 -3.10 -36.45 -23.26
CA MET F 143 -2.82 -36.12 -21.87
C MET F 143 -1.51 -36.76 -21.44
N PRO F 144 -0.78 -36.13 -20.52
CA PRO F 144 0.38 -36.80 -19.92
C PRO F 144 -0.06 -37.78 -18.84
N LEU F 145 0.69 -38.89 -18.75
CA LEU F 145 0.45 -39.93 -17.76
C LEU F 145 1.46 -39.82 -16.63
N PHE F 146 0.98 -39.96 -15.40
CA PHE F 146 1.85 -39.93 -14.22
C PHE F 146 1.46 -41.07 -13.29
N GLU F 147 2.38 -42.00 -13.07
CA GLU F 147 2.19 -43.07 -12.09
C GLU F 147 2.94 -42.68 -10.82
N THR F 148 2.21 -42.56 -9.71
CA THR F 148 2.78 -42.02 -8.48
C THR F 148 2.10 -42.70 -7.29
N SER F 149 2.48 -42.25 -6.09
CA SER F 149 1.93 -42.80 -4.85
C SER F 149 1.86 -41.72 -3.78
N ALA F 150 0.71 -41.63 -3.12
CA ALA F 150 0.52 -40.68 -2.03
C ALA F 150 1.22 -41.13 -0.75
N LYS F 151 1.42 -42.44 -0.57
CA LYS F 151 1.88 -42.96 0.71
C LYS F 151 3.40 -42.86 0.85
N ASN F 152 4.14 -43.14 -0.21
CA ASN F 152 5.59 -42.93 -0.13
C ASN F 152 6.15 -42.72 -1.52
N PRO F 153 6.62 -41.52 -1.85
CA PRO F 153 7.30 -41.33 -3.14
C PRO F 153 8.73 -41.86 -3.10
N ASN F 154 8.95 -43.03 -3.71
CA ASN F 154 10.28 -43.64 -3.76
C ASN F 154 10.97 -43.26 -5.06
N ASP F 155 11.25 -41.96 -5.17
CA ASP F 155 12.00 -41.39 -6.29
C ASP F 155 11.27 -41.57 -7.62
N ASN F 156 9.93 -41.54 -7.60
CA ASN F 156 9.11 -41.83 -8.77
C ASN F 156 7.95 -40.85 -8.80
N ASP F 157 7.97 -39.93 -9.78
CA ASP F 157 6.87 -39.00 -10.06
C ASP F 157 6.36 -38.35 -8.77
N HIS F 158 7.24 -37.58 -8.14
CA HIS F 158 6.89 -36.95 -6.88
C HIS F 158 5.69 -36.03 -7.08
N VAL F 159 4.79 -36.03 -6.08
CA VAL F 159 3.50 -35.38 -6.25
C VAL F 159 3.66 -33.88 -6.52
N GLU F 160 4.54 -33.21 -5.77
CA GLU F 160 4.70 -31.78 -5.99
C GLU F 160 5.12 -31.48 -7.43
N ALA F 161 6.04 -32.28 -7.96
CA ALA F 161 6.47 -32.06 -9.34
C ALA F 161 5.30 -32.13 -10.31
N ILE F 162 4.31 -32.97 -10.05
CA ILE F 162 3.15 -33.09 -10.94
C ILE F 162 2.30 -31.83 -10.89
N PHE F 163 1.82 -31.47 -9.70
CA PHE F 163 0.97 -30.29 -9.56
C PHE F 163 1.73 -29.01 -9.86
N MET F 164 3.02 -28.94 -9.52
CA MET F 164 3.82 -27.78 -9.94
C MET F 164 3.87 -27.69 -11.45
N THR F 165 3.97 -28.84 -12.13
CA THR F 165 3.96 -28.84 -13.59
C THR F 165 2.64 -28.29 -14.13
N LEU F 166 1.52 -28.73 -13.55
CA LEU F 166 0.22 -28.26 -14.03
C LEU F 166 0.04 -26.77 -13.78
N ALA F 167 0.44 -26.29 -12.60
CA ALA F 167 0.32 -24.87 -12.29
C ALA F 167 1.33 -24.04 -13.09
N HIS F 168 2.53 -24.58 -13.29
CA HIS F 168 3.55 -23.87 -14.07
C HIS F 168 3.08 -23.66 -15.50
N LYS F 169 2.36 -24.63 -16.07
CA LYS F 169 1.80 -24.48 -17.41
C LYS F 169 0.60 -23.53 -17.42
N LEU F 170 -0.19 -23.53 -16.34
CA LEU F 170 -1.31 -22.61 -16.24
C LEU F 170 -0.87 -21.16 -16.24
N LYS F 171 0.38 -20.88 -15.87
CA LYS F 171 0.90 -19.53 -15.92
C LYS F 171 1.49 -19.20 -17.29
N ASN G 6 74.37 -31.23 -12.23
CA ASN G 6 73.46 -30.70 -11.23
C ASN G 6 73.39 -29.19 -11.24
N GLN G 7 74.29 -28.55 -11.98
CA GLN G 7 74.20 -27.09 -12.13
C GLN G 7 72.96 -26.70 -12.92
N THR G 8 72.50 -27.58 -13.81
CA THR G 8 71.27 -27.32 -14.55
C THR G 8 70.06 -27.35 -13.62
N LEU G 9 70.06 -28.26 -12.64
CA LEU G 9 69.01 -28.26 -11.63
C LEU G 9 69.01 -26.99 -10.80
N LYS G 10 70.21 -26.46 -10.47
CA LYS G 10 70.31 -25.29 -9.59
C LYS G 10 69.65 -24.05 -10.18
N ASP G 11 69.99 -23.68 -11.42
CA ASP G 11 69.33 -22.53 -12.03
C ASP G 11 67.85 -22.81 -12.30
N GLU G 12 67.52 -24.06 -12.64
CA GLU G 12 66.13 -24.46 -12.84
C GLU G 12 65.31 -24.17 -11.58
N TYR G 13 65.86 -24.52 -10.41
CA TYR G 13 65.25 -24.17 -9.13
C TYR G 13 65.01 -22.66 -9.04
N ASP G 14 66.06 -21.88 -9.32
CA ASP G 14 65.98 -20.42 -9.20
C ASP G 14 64.84 -19.85 -10.01
N ALA G 15 64.66 -20.33 -11.25
CA ALA G 15 63.59 -19.82 -12.09
C ALA G 15 62.23 -20.08 -11.47
N LEU G 16 62.04 -21.27 -10.90
CA LEU G 16 60.78 -21.56 -10.24
C LEU G 16 60.57 -20.64 -9.05
N GLN G 17 61.63 -20.37 -8.29
CA GLN G 17 61.51 -19.43 -7.19
C GLN G 17 61.08 -18.06 -7.67
N ILE G 18 61.68 -17.58 -8.77
CA ILE G 18 61.32 -16.27 -9.31
C ILE G 18 59.85 -16.28 -9.74
N THR G 19 59.43 -17.30 -10.47
CA THR G 19 58.03 -17.41 -10.87
C THR G 19 57.11 -17.51 -9.66
N PHE G 20 57.57 -18.20 -8.60
CA PHE G 20 56.79 -18.30 -7.38
C PHE G 20 56.54 -16.93 -6.75
N THR G 21 57.57 -16.10 -6.66
CA THR G 21 57.42 -14.76 -6.10
C THR G 21 56.45 -13.94 -6.93
N ALA G 22 56.60 -13.98 -8.25
CA ALA G 22 55.67 -13.27 -9.14
C ALA G 22 54.24 -13.75 -8.91
N LEU G 23 54.06 -15.06 -8.73
CA LEU G 23 52.74 -15.59 -8.49
C LEU G 23 52.17 -15.07 -7.19
N GLU G 24 53.01 -14.96 -6.15
CA GLU G 24 52.56 -14.35 -4.91
C GLU G 24 52.04 -12.94 -5.14
N GLU G 25 52.77 -12.15 -5.92
CA GLU G 25 52.34 -10.79 -6.19
C GLU G 25 50.97 -10.75 -6.87
N LYS G 26 50.75 -11.63 -7.86
CA LYS G 26 49.46 -11.64 -8.53
C LYS G 26 48.36 -12.11 -7.59
N LEU G 27 48.67 -13.08 -6.72
CA LEU G 27 47.66 -13.53 -5.76
C LEU G 27 47.33 -12.44 -4.74
N ARG G 28 48.31 -11.59 -4.39
CA ARG G 28 48.03 -10.46 -3.50
C ARG G 28 47.04 -9.49 -4.11
N LYS G 29 47.28 -9.09 -5.37
CA LYS G 29 46.35 -8.20 -6.06
C LYS G 29 44.97 -8.83 -6.19
N THR G 30 44.92 -10.12 -6.53
CA THR G 30 43.63 -10.79 -6.66
C THR G 30 42.92 -10.84 -5.33
N THR G 31 43.66 -11.09 -4.24
CA THR G 31 43.04 -11.05 -2.91
C THR G 31 42.58 -9.64 -2.55
N GLU G 32 43.37 -8.63 -2.95
CA GLU G 32 42.92 -7.25 -2.79
C GLU G 32 41.58 -7.03 -3.47
N GLU G 33 41.45 -7.48 -4.73
CA GLU G 33 40.21 -7.30 -5.46
C GLU G 33 39.07 -8.08 -4.80
N ASN G 34 39.38 -9.22 -4.18
CA ASN G 34 38.37 -9.93 -3.40
C ASN G 34 37.84 -9.05 -2.28
N GLN G 35 38.74 -8.46 -1.49
CA GLN G 35 38.30 -7.55 -0.44
C GLN G 35 37.54 -6.36 -1.00
N GLU G 36 37.98 -5.85 -2.15
CA GLU G 36 37.25 -4.76 -2.80
C GLU G 36 35.79 -5.16 -3.02
N LEU G 37 35.57 -6.33 -3.63
CA LEU G 37 34.23 -6.79 -3.93
C LEU G 37 33.44 -7.11 -2.68
N VAL G 38 34.02 -7.88 -1.75
CA VAL G 38 33.29 -8.32 -0.57
C VAL G 38 32.82 -7.13 0.24
N THR G 39 33.71 -6.15 0.47
CA THR G 39 33.33 -4.99 1.24
C THR G 39 32.21 -4.20 0.57
N ARG G 40 32.23 -4.11 -0.75
CA ARG G 40 31.16 -3.41 -1.46
C ARG G 40 29.82 -4.12 -1.31
N TRP G 41 29.82 -5.46 -1.38
CA TRP G 41 28.59 -6.20 -1.09
C TRP G 41 28.08 -5.91 0.31
N MET G 42 28.98 -5.86 1.29
CA MET G 42 28.57 -5.60 2.67
C MET G 42 27.97 -4.21 2.81
N ALA G 43 28.54 -3.23 2.11
CA ALA G 43 27.99 -1.88 2.14
C ALA G 43 26.54 -1.87 1.66
N GLU G 44 26.29 -2.51 0.52
CA GLU G 44 24.93 -2.56 -0.01
C GLU G 44 23.99 -3.27 0.97
N LYS G 45 24.43 -4.41 1.51
CA LYS G 45 23.58 -5.14 2.44
C LYS G 45 23.37 -4.37 3.74
N ALA G 46 24.39 -3.65 4.21
CA ALA G 46 24.25 -2.89 5.45
C ALA G 46 23.22 -1.78 5.31
N GLN G 47 23.29 -1.04 4.20
CA GLN G 47 22.29 0.01 3.98
C GLN G 47 20.89 -0.58 3.94
N GLU G 48 20.71 -1.72 3.25
CA GLU G 48 19.40 -2.36 3.21
C GLU G 48 18.96 -2.74 4.62
N ALA G 49 19.89 -3.21 5.46
CA ALA G 49 19.56 -3.53 6.84
C ALA G 49 19.09 -2.29 7.60
N ASN G 50 19.80 -1.17 7.45
CA ASN G 50 19.41 0.05 8.15
C ASN G 50 18.06 0.56 7.70
N ARG G 51 17.76 0.47 6.40
CA ARG G 51 16.44 0.86 5.95
C ARG G 51 15.38 0.01 6.62
N LEU G 52 15.61 -1.31 6.68
CA LEU G 52 14.64 -2.20 7.30
C LEU G 52 14.61 -2.03 8.82
N ASN G 53 15.73 -1.67 9.44
CA ASN G 53 15.71 -1.46 10.88
C ASN G 53 14.91 -0.22 11.28
N ALA G 54 14.59 0.65 10.33
CA ALA G 54 13.78 1.81 10.65
C ALA G 54 12.33 1.44 10.91
N GLU G 55 11.90 0.27 10.46
CA GLU G 55 10.52 -0.18 10.68
C GLU G 55 10.50 -1.39 11.62
N ASN H 6 72.43 -32.55 -6.73
CA ASN H 6 72.56 -33.85 -6.06
C ASN H 6 71.28 -34.04 -5.22
N GLN H 7 71.27 -35.12 -4.42
CA GLN H 7 70.14 -35.45 -3.55
C GLN H 7 69.51 -34.25 -2.86
N THR H 8 70.33 -33.52 -2.10
CA THR H 8 69.83 -32.41 -1.31
C THR H 8 69.23 -31.31 -2.17
N LEU H 9 69.84 -31.01 -3.31
CA LEU H 9 69.21 -30.05 -4.21
C LEU H 9 67.87 -30.57 -4.72
N LYS H 10 67.80 -31.88 -5.02
CA LYS H 10 66.59 -32.46 -5.61
C LYS H 10 65.38 -32.35 -4.70
N ASP H 11 65.49 -32.75 -3.42
CA ASP H 11 64.34 -32.67 -2.53
C ASP H 11 63.95 -31.22 -2.23
N GLU H 12 64.92 -30.30 -2.16
CA GLU H 12 64.58 -28.89 -1.93
C GLU H 12 63.65 -28.39 -3.02
N TYR H 13 64.06 -28.58 -4.28
CA TYR H 13 63.23 -28.19 -5.43
C TYR H 13 61.87 -28.89 -5.41
N ASP H 14 61.85 -30.18 -5.07
CA ASP H 14 60.60 -30.93 -5.06
C ASP H 14 59.62 -30.32 -4.06
N ALA H 15 60.10 -29.92 -2.89
CA ALA H 15 59.25 -29.28 -1.90
C ALA H 15 58.73 -27.93 -2.40
N LEU H 16 59.60 -27.15 -3.06
CA LEU H 16 59.18 -25.88 -3.63
C LEU H 16 58.09 -26.06 -4.68
N GLN H 17 58.22 -27.11 -5.50
CA GLN H 17 57.22 -27.43 -6.50
C GLN H 17 55.86 -27.66 -5.86
N ILE H 18 55.83 -28.38 -4.73
CA ILE H 18 54.57 -28.65 -4.05
C ILE H 18 53.95 -27.34 -3.57
N THR H 19 54.75 -26.49 -2.93
CA THR H 19 54.25 -25.20 -2.48
C THR H 19 53.75 -24.34 -3.63
N PHE H 20 54.46 -24.40 -4.77
CA PHE H 20 54.04 -23.66 -5.96
C PHE H 20 52.65 -24.10 -6.42
N THR H 21 52.44 -25.41 -6.49
CA THR H 21 51.15 -25.95 -6.91
C THR H 21 50.03 -25.55 -5.96
N ALA H 22 50.26 -25.72 -4.65
CA ALA H 22 49.27 -25.33 -3.66
C ALA H 22 48.94 -23.84 -3.77
N LEU H 23 49.95 -23.01 -3.98
CA LEU H 23 49.75 -21.57 -4.09
C LEU H 23 48.91 -21.22 -5.31
N GLU H 24 49.13 -21.91 -6.44
CA GLU H 24 48.30 -21.72 -7.62
C GLU H 24 46.84 -22.00 -7.32
N GLU H 25 46.56 -23.11 -6.64
CA GLU H 25 45.18 -23.46 -6.33
C GLU H 25 44.49 -22.38 -5.52
N LYS H 26 45.21 -21.76 -4.58
CA LYS H 26 44.64 -20.68 -3.79
C LYS H 26 44.34 -19.47 -4.66
N LEU H 27 45.16 -19.21 -5.68
CA LEU H 27 44.82 -18.16 -6.64
C LEU H 27 43.57 -18.54 -7.43
N ARG H 28 43.42 -19.82 -7.77
CA ARG H 28 42.24 -20.27 -8.50
C ARG H 28 40.98 -20.05 -7.68
N LYS H 29 41.01 -20.44 -6.40
CA LYS H 29 39.84 -20.25 -5.53
C LYS H 29 39.47 -18.77 -5.43
N THR H 30 40.47 -17.91 -5.25
CA THR H 30 40.18 -16.48 -5.11
C THR H 30 39.58 -15.90 -6.38
N THR H 31 40.10 -16.31 -7.54
CA THR H 31 39.53 -15.83 -8.80
C THR H 31 38.11 -16.37 -9.01
N GLU H 32 37.88 -17.63 -8.64
CA GLU H 32 36.52 -18.16 -8.65
C GLU H 32 35.59 -17.29 -7.81
N GLU H 33 36.03 -16.93 -6.61
CA GLU H 33 35.20 -16.16 -5.71
C GLU H 33 34.93 -14.76 -6.26
N ASN H 34 35.92 -14.16 -6.94
CA ASN H 34 35.68 -12.88 -7.60
C ASN H 34 34.61 -12.98 -8.68
N GLN H 35 34.75 -13.98 -9.57
CA GLN H 35 33.75 -14.16 -10.62
C GLN H 35 32.37 -14.39 -10.04
N GLU H 36 32.28 -15.16 -8.96
CA GLU H 36 31.01 -15.34 -8.26
C GLU H 36 30.43 -14.00 -7.84
N LEU H 37 31.25 -13.16 -7.20
CA LEU H 37 30.75 -11.89 -6.68
C LEU H 37 30.29 -10.99 -7.81
N VAL H 38 31.12 -10.82 -8.84
CA VAL H 38 30.78 -9.91 -9.92
C VAL H 38 29.52 -10.37 -10.65
N THR H 39 29.47 -11.65 -11.02
CA THR H 39 28.31 -12.17 -11.74
C THR H 39 27.04 -12.11 -10.89
N ARG H 40 27.15 -12.38 -9.59
CA ARG H 40 25.98 -12.27 -8.71
C ARG H 40 25.50 -10.83 -8.59
N TRP H 41 26.43 -9.88 -8.50
CA TRP H 41 26.04 -8.47 -8.53
C TRP H 41 25.25 -8.15 -9.78
N MET H 42 25.66 -8.72 -10.92
CA MET H 42 24.96 -8.48 -12.18
C MET H 42 23.53 -8.98 -12.11
N ALA H 43 23.32 -10.14 -11.48
CA ALA H 43 21.97 -10.65 -11.31
C ALA H 43 21.15 -9.69 -10.47
N GLU H 44 21.76 -9.09 -9.43
CA GLU H 44 21.07 -8.12 -8.60
C GLU H 44 20.64 -6.92 -9.42
N LYS H 45 21.60 -6.26 -10.09
CA LYS H 45 21.28 -5.05 -10.84
C LYS H 45 20.37 -5.35 -12.03
N ALA H 46 20.44 -6.55 -12.59
CA ALA H 46 19.55 -6.90 -13.70
C ALA H 46 18.10 -6.96 -13.24
N GLN H 47 17.85 -7.63 -12.10
CA GLN H 47 16.50 -7.68 -11.56
C GLN H 47 15.98 -6.27 -11.26
N GLU H 48 16.81 -5.45 -10.62
CA GLU H 48 16.41 -4.07 -10.32
C GLU H 48 16.12 -3.30 -11.60
N ALA H 49 16.92 -3.52 -12.65
CA ALA H 49 16.66 -2.85 -13.93
C ALA H 49 15.31 -3.24 -14.50
N ASN H 50 14.98 -4.54 -14.48
CA ASN H 50 13.69 -4.98 -14.99
C ASN H 50 12.53 -4.42 -14.19
N ARG H 51 12.70 -4.32 -12.87
CA ARG H 51 11.67 -3.72 -12.04
C ARG H 51 11.39 -2.29 -12.48
N LEU H 52 12.44 -1.49 -12.69
CA LEU H 52 12.25 -0.10 -13.06
C LEU H 52 11.74 0.06 -14.49
N ASN H 53 12.15 -0.82 -15.40
CA ASN H 53 11.66 -0.72 -16.76
C ASN H 53 10.20 -1.11 -16.86
N ALA H 54 9.67 -1.81 -15.86
CA ALA H 54 8.25 -2.15 -15.86
C ALA H 54 7.39 -0.94 -15.54
N GLU H 55 7.97 0.13 -15.02
CA GLU H 55 7.19 1.30 -14.64
C GLU H 55 7.46 2.48 -15.56
N ASN I 6 6.57 90.77 -11.04
CA ASN I 6 6.08 90.11 -9.84
C ASN I 6 4.77 89.38 -10.07
N GLN I 7 3.81 90.09 -10.70
CA GLN I 7 2.45 89.56 -10.83
C GLN I 7 2.43 88.29 -11.67
N THR I 8 3.37 88.16 -12.60
CA THR I 8 3.47 86.93 -13.37
C THR I 8 3.94 85.77 -12.50
N LEU I 9 4.85 86.03 -11.56
CA LEU I 9 5.23 84.99 -10.60
C LEU I 9 4.04 84.58 -9.74
N LYS I 10 3.20 85.54 -9.34
CA LYS I 10 2.10 85.25 -8.41
C LYS I 10 1.13 84.22 -8.96
N ASP I 11 0.65 84.41 -10.20
CA ASP I 11 -0.24 83.40 -10.77
C ASP I 11 0.50 82.09 -11.02
N GLU I 12 1.79 82.16 -11.36
CA GLU I 12 2.58 80.95 -11.52
C GLU I 12 2.56 80.11 -10.25
N TYR I 13 2.87 80.73 -9.11
CA TYR I 13 2.81 80.05 -7.82
C TYR I 13 1.41 79.52 -7.51
N ASP I 14 0.37 80.31 -7.78
CA ASP I 14 -0.98 79.89 -7.42
C ASP I 14 -1.42 78.66 -8.20
N ALA I 15 -1.23 78.69 -9.53
CA ALA I 15 -1.59 77.54 -10.35
C ALA I 15 -0.90 76.28 -9.86
N LEU I 16 0.38 76.39 -9.47
CA LEU I 16 1.09 75.24 -8.93
C LEU I 16 0.43 74.75 -7.65
N GLN I 17 -0.04 75.67 -6.80
CA GLN I 17 -0.74 75.28 -5.58
C GLN I 17 -1.99 74.47 -5.89
N ILE I 18 -2.79 74.91 -6.86
CA ILE I 18 -4.02 74.18 -7.22
C ILE I 18 -3.70 72.78 -7.74
N THR I 19 -2.77 72.69 -8.69
CA THR I 19 -2.35 71.39 -9.19
C THR I 19 -1.73 70.54 -8.08
N PHE I 20 -1.02 71.19 -7.16
CA PHE I 20 -0.43 70.49 -6.02
C PHE I 20 -1.49 69.77 -5.19
N THR I 21 -2.57 70.48 -4.84
CA THR I 21 -3.65 69.85 -4.09
C THR I 21 -4.29 68.72 -4.89
N ALA I 22 -4.57 68.97 -6.17
CA ALA I 22 -5.13 67.91 -7.00
C ALA I 22 -4.24 66.69 -7.04
N LEU I 23 -2.93 66.90 -7.16
CA LEU I 23 -2.01 65.77 -7.18
C LEU I 23 -2.03 65.03 -5.85
N GLU I 24 -2.09 65.76 -4.74
CA GLU I 24 -2.24 65.11 -3.43
C GLU I 24 -3.50 64.25 -3.36
N GLU I 25 -4.62 64.79 -3.85
CA GLU I 25 -5.87 64.03 -3.80
C GLU I 25 -5.77 62.72 -4.56
N LYS I 26 -5.11 62.72 -5.71
CA LYS I 26 -4.91 61.46 -6.44
C LYS I 26 -3.96 60.54 -5.69
N LEU I 27 -3.02 61.10 -4.92
CA LEU I 27 -2.19 60.26 -4.06
C LEU I 27 -3.01 59.65 -2.94
N ARG I 28 -3.92 60.44 -2.34
CA ARG I 28 -4.75 59.91 -1.27
C ARG I 28 -5.57 58.73 -1.75
N LYS I 29 -6.23 58.85 -2.90
CA LYS I 29 -7.08 57.79 -3.40
C LYS I 29 -6.28 56.52 -3.71
N THR I 30 -5.12 56.66 -4.35
CA THR I 30 -4.30 55.50 -4.69
C THR I 30 -3.78 54.78 -3.46
N THR I 31 -3.33 55.53 -2.45
CA THR I 31 -2.88 54.90 -1.20
C THR I 31 -4.04 54.21 -0.48
N GLU I 32 -5.24 54.81 -0.51
CA GLU I 32 -6.42 54.13 0.02
C GLU I 32 -6.62 52.80 -0.70
N GLU I 33 -6.47 52.78 -2.02
CA GLU I 33 -6.64 51.54 -2.77
C GLU I 33 -5.61 50.49 -2.35
N ASN I 34 -4.39 50.93 -2.01
CA ASN I 34 -3.41 50.01 -1.45
C ASN I 34 -3.90 49.39 -0.15
N GLN I 35 -4.40 50.22 0.77
CA GLN I 35 -4.89 49.70 2.04
C GLN I 35 -6.00 48.68 1.82
N GLU I 36 -6.93 48.97 0.91
CA GLU I 36 -7.98 48.01 0.59
C GLU I 36 -7.39 46.72 0.03
N LEU I 37 -6.47 46.84 -0.95
CA LEU I 37 -5.92 45.64 -1.59
C LEU I 37 -5.13 44.80 -0.59
N VAL I 38 -4.22 45.42 0.16
CA VAL I 38 -3.38 44.67 1.08
C VAL I 38 -4.23 43.97 2.13
N THR I 39 -5.17 44.70 2.73
CA THR I 39 -6.04 44.09 3.73
C THR I 39 -6.87 42.96 3.13
N ARG I 40 -7.33 43.13 1.89
CA ARG I 40 -8.08 42.06 1.24
C ARG I 40 -7.21 40.83 1.00
N TRP I 41 -5.97 41.04 0.55
CA TRP I 41 -5.06 39.90 0.39
C TRP I 41 -4.88 39.17 1.73
N MET I 42 -4.71 39.93 2.82
CA MET I 42 -4.52 39.34 4.13
C MET I 42 -5.75 38.58 4.59
N ALA I 43 -6.94 39.11 4.31
CA ALA I 43 -8.16 38.39 4.66
C ALA I 43 -8.22 37.06 3.94
N GLU I 44 -7.81 37.04 2.66
CA GLU I 44 -7.82 35.80 1.90
C GLU I 44 -6.77 34.82 2.43
N LYS I 45 -5.56 35.31 2.70
CA LYS I 45 -4.56 34.43 3.29
C LYS I 45 -4.94 34.01 4.71
N ALA I 46 -5.75 34.82 5.40
CA ALA I 46 -6.21 34.41 6.74
C ALA I 46 -7.17 33.24 6.67
N GLN I 47 -8.14 33.31 5.75
CA GLN I 47 -9.09 32.20 5.62
C GLN I 47 -8.37 30.91 5.23
N GLU I 48 -7.51 30.96 4.23
CA GLU I 48 -6.81 29.75 3.82
C GLU I 48 -5.91 29.23 4.93
N ALA I 49 -5.26 30.12 5.67
CA ALA I 49 -4.44 29.69 6.80
C ALA I 49 -5.30 28.98 7.84
N ASN I 50 -6.45 29.57 8.18
CA ASN I 50 -7.35 28.95 9.14
C ASN I 50 -7.89 27.63 8.63
N ARG I 51 -8.18 27.54 7.33
CA ARG I 51 -8.64 26.29 6.74
C ARG I 51 -7.60 25.19 6.93
N LEU I 52 -6.33 25.49 6.66
CA LEU I 52 -5.29 24.48 6.79
C LEU I 52 -5.01 24.12 8.25
N ASN I 53 -5.22 25.05 9.18
CA ASN I 53 -5.01 24.74 10.60
C ASN I 53 -6.02 23.74 11.14
N ALA I 54 -7.09 23.45 10.41
CA ALA I 54 -8.04 22.44 10.88
C ALA I 54 -7.48 21.02 10.82
N GLU I 55 -6.41 20.81 10.05
CA GLU I 55 -5.80 19.49 9.94
C GLU I 55 -4.41 19.46 10.58
N ASN J 6 8.38 89.79 -4.67
CA ASN J 6 8.77 89.54 -3.28
C ASN J 6 9.92 88.55 -3.16
N GLN J 7 10.81 88.83 -2.20
CA GLN J 7 11.92 87.93 -1.91
C GLN J 7 11.40 86.63 -1.30
N THR J 8 10.49 86.76 -0.33
CA THR J 8 9.93 85.59 0.33
C THR J 8 9.08 84.75 -0.60
N LEU J 9 8.26 85.40 -1.43
CA LEU J 9 7.45 84.67 -2.40
C LEU J 9 8.34 83.91 -3.38
N LYS J 10 9.46 84.50 -3.79
CA LYS J 10 10.37 83.81 -4.70
C LYS J 10 10.87 82.50 -4.08
N ASP J 11 11.26 82.53 -2.81
CA ASP J 11 11.67 81.31 -2.14
C ASP J 11 10.52 80.32 -1.97
N GLU J 12 9.31 80.83 -1.73
CA GLU J 12 8.16 79.94 -1.55
C GLU J 12 7.92 79.09 -2.79
N TYR J 13 7.81 79.74 -3.95
CA TYR J 13 7.57 79.01 -5.19
C TYR J 13 8.60 77.93 -5.45
N ASP J 14 9.86 78.16 -5.06
CA ASP J 14 10.89 77.12 -5.22
C ASP J 14 10.63 75.94 -4.28
N ALA J 15 10.27 76.23 -3.03
CA ALA J 15 10.00 75.15 -2.07
C ALA J 15 8.79 74.33 -2.48
N LEU J 16 7.75 75.00 -2.97
CA LEU J 16 6.56 74.28 -3.42
C LEU J 16 6.86 73.36 -4.59
N GLN J 17 7.70 73.82 -5.53
CA GLN J 17 8.08 72.98 -6.65
C GLN J 17 8.79 71.71 -6.17
N ILE J 18 9.71 71.85 -5.21
CA ILE J 18 10.44 70.69 -4.70
C ILE J 18 9.50 69.68 -4.05
N THR J 19 8.63 70.16 -3.15
CA THR J 19 7.67 69.28 -2.52
C THR J 19 6.72 68.65 -3.53
N PHE J 20 6.35 69.42 -4.57
CA PHE J 20 5.49 68.89 -5.63
C PHE J 20 6.13 67.69 -6.33
N THR J 21 7.40 67.83 -6.71
CA THR J 21 8.09 66.73 -7.38
C THR J 21 8.19 65.52 -6.46
N ALA J 22 8.54 65.74 -5.18
CA ALA J 22 8.63 64.64 -4.22
C ALA J 22 7.30 63.90 -4.10
N LEU J 23 6.18 64.63 -4.03
CA LEU J 23 4.89 63.96 -3.92
C LEU J 23 4.57 63.16 -5.16
N GLU J 24 4.90 63.68 -6.35
CA GLU J 24 4.71 62.89 -7.56
C GLU J 24 5.45 61.56 -7.48
N GLU J 25 6.70 61.58 -7.03
CA GLU J 25 7.44 60.33 -6.90
C GLU J 25 6.76 59.37 -5.93
N LYS J 26 6.21 59.91 -4.83
CA LYS J 26 5.47 59.07 -3.90
C LYS J 26 4.24 58.47 -4.57
N LEU J 27 3.51 59.28 -5.36
CA LEU J 27 2.37 58.75 -6.09
C LEU J 27 2.82 57.70 -7.10
N ARG J 28 3.96 57.93 -7.74
CA ARG J 28 4.45 56.97 -8.73
C ARG J 28 4.76 55.64 -8.05
N LYS J 29 5.46 55.68 -6.92
CA LYS J 29 5.80 54.46 -6.19
C LYS J 29 4.55 53.71 -5.77
N THR J 30 3.57 54.42 -5.23
CA THR J 30 2.35 53.77 -4.77
C THR J 30 1.59 53.14 -5.93
N THR J 31 1.51 53.83 -7.07
CA THR J 31 0.87 53.23 -8.24
C THR J 31 1.66 52.04 -8.75
N GLU J 32 3.00 52.12 -8.71
CA GLU J 32 3.82 50.94 -9.03
C GLU J 32 3.43 49.77 -8.14
N GLU J 33 3.30 50.01 -6.84
CA GLU J 33 2.94 48.94 -5.92
C GLU J 33 1.53 48.44 -6.19
N ASN J 34 0.62 49.33 -6.60
CA ASN J 34 -0.71 48.92 -7.03
C ASN J 34 -0.63 47.97 -8.22
N GLN J 35 0.15 48.35 -9.25
CA GLN J 35 0.30 47.48 -10.41
C GLN J 35 0.85 46.12 -10.01
N GLU J 36 1.85 46.11 -9.12
CA GLU J 36 2.41 44.85 -8.65
C GLU J 36 1.35 43.97 -7.99
N LEU J 37 0.59 44.54 -7.06
CA LEU J 37 -0.38 43.74 -6.31
C LEU J 37 -1.47 43.20 -7.21
N VAL J 38 -2.06 44.04 -8.04
CA VAL J 38 -3.17 43.60 -8.89
C VAL J 38 -2.73 42.51 -9.86
N THR J 39 -1.59 42.71 -10.53
CA THR J 39 -1.12 41.70 -11.48
C THR J 39 -0.83 40.38 -10.78
N ARG J 40 -0.28 40.44 -9.57
CA ARG J 40 -0.04 39.21 -8.81
C ARG J 40 -1.35 38.53 -8.44
N TRP J 41 -2.35 39.31 -8.03
CA TRP J 41 -3.66 38.72 -7.76
C TRP J 41 -4.18 37.99 -8.99
N MET J 42 -3.99 38.60 -10.17
CA MET J 42 -4.43 38.00 -11.42
C MET J 42 -3.69 36.70 -11.70
N ALA J 43 -2.40 36.66 -11.40
CA ALA J 43 -1.64 35.44 -11.58
C ALA J 43 -2.22 34.32 -10.74
N GLU J 44 -2.55 34.61 -9.47
CA GLU J 44 -3.18 33.61 -8.61
C GLU J 44 -4.52 33.18 -9.19
N LYS J 45 -5.35 34.15 -9.57
CA LYS J 45 -6.66 33.80 -10.12
C LYS J 45 -6.54 33.13 -11.49
N ALA J 46 -5.49 33.44 -12.25
CA ALA J 46 -5.33 32.81 -13.56
C ALA J 46 -4.94 31.35 -13.42
N GLN J 47 -3.97 31.05 -12.56
CA GLN J 47 -3.56 29.66 -12.33
C GLN J 47 -4.73 28.83 -11.81
N GLU J 48 -5.45 29.36 -10.82
CA GLU J 48 -6.60 28.65 -10.27
C GLU J 48 -7.64 28.45 -11.36
N ALA J 49 -7.82 29.42 -12.23
CA ALA J 49 -8.73 29.27 -13.36
C ALA J 49 -8.29 28.13 -14.27
N ASN J 50 -7.00 28.04 -14.57
CA ASN J 50 -6.51 26.97 -15.43
C ASN J 50 -6.71 25.60 -14.80
N ARG J 51 -6.53 25.50 -13.48
CA ARG J 51 -6.77 24.24 -12.79
C ARG J 51 -8.21 23.77 -12.96
N LEU J 52 -9.17 24.69 -12.75
CA LEU J 52 -10.58 24.33 -12.88
C LEU J 52 -10.97 24.07 -14.32
N ASN J 53 -10.27 24.67 -15.27
CA ASN J 53 -10.56 24.38 -16.67
C ASN J 53 -10.20 22.95 -17.06
N ALA J 54 -9.50 22.21 -16.18
CA ALA J 54 -9.17 20.82 -16.46
C ALA J 54 -10.39 19.90 -16.44
N GLU J 55 -11.51 20.35 -15.89
CA GLU J 55 -12.71 19.52 -15.85
C GLU J 55 -13.80 20.09 -16.77
N ASN K 6 -47.41 -78.12 11.16
CA ASN K 6 -47.00 -78.58 12.48
C ASN K 6 -45.61 -78.06 12.86
N GLN K 7 -44.60 -78.78 12.37
CA GLN K 7 -43.20 -78.50 12.63
C GLN K 7 -42.66 -77.37 11.75
N THR K 8 -43.41 -77.00 10.71
CA THR K 8 -43.00 -75.95 9.78
C THR K 8 -42.83 -74.61 10.50
N LEU K 9 -43.68 -74.31 11.49
CA LEU K 9 -43.53 -73.08 12.24
C LEU K 9 -42.16 -72.97 12.90
N LYS K 10 -41.65 -74.09 13.42
CA LYS K 10 -40.34 -74.08 14.06
C LYS K 10 -39.26 -73.59 13.10
N ASP K 11 -39.30 -74.06 11.85
CA ASP K 11 -38.34 -73.61 10.84
C ASP K 11 -38.51 -72.12 10.53
N GLU K 12 -39.75 -71.62 10.51
CA GLU K 12 -39.98 -70.19 10.25
C GLU K 12 -39.33 -69.32 11.31
N TYR K 13 -39.60 -69.60 12.58
CA TYR K 13 -39.04 -68.81 13.66
C TYR K 13 -37.52 -68.73 13.57
N ASP K 14 -36.86 -69.82 13.20
CA ASP K 14 -35.41 -69.78 13.05
C ASP K 14 -35.00 -68.78 11.97
N ALA K 15 -35.66 -68.84 10.81
CA ALA K 15 -35.32 -67.94 9.73
C ALA K 15 -35.48 -66.48 10.15
N LEU K 16 -36.54 -66.18 10.90
CA LEU K 16 -36.73 -64.82 11.39
C LEU K 16 -35.60 -64.42 12.35
N GLN K 17 -35.14 -65.36 13.18
CA GLN K 17 -34.02 -65.08 14.08
C GLN K 17 -32.76 -64.68 13.32
N ILE K 18 -32.40 -65.43 12.28
CA ILE K 18 -31.21 -65.10 11.50
C ILE K 18 -31.39 -63.75 10.81
N THR K 19 -32.53 -63.53 10.15
CA THR K 19 -32.78 -62.24 9.52
C THR K 19 -32.78 -61.12 10.56
N PHE K 20 -33.28 -61.41 11.76
CA PHE K 20 -33.24 -60.45 12.85
C PHE K 20 -31.80 -60.04 13.15
N THR K 21 -30.91 -61.03 13.26
CA THR K 21 -29.50 -60.75 13.51
C THR K 21 -28.90 -59.88 12.40
N ALA K 22 -29.18 -60.23 11.14
CA ALA K 22 -28.71 -59.42 10.03
C ALA K 22 -29.19 -57.99 10.14
N LEU K 23 -30.45 -57.81 10.55
CA LEU K 23 -30.99 -56.46 10.69
C LEU K 23 -30.25 -55.71 11.78
N GLU K 24 -29.91 -56.38 12.89
CA GLU K 24 -29.09 -55.75 13.91
C GLU K 24 -27.76 -55.27 13.35
N GLU K 25 -27.11 -56.11 12.54
CA GLU K 25 -25.83 -55.71 11.95
C GLU K 25 -25.98 -54.49 11.06
N LYS K 26 -27.01 -54.43 10.21
CA LYS K 26 -27.23 -53.24 9.40
C LYS K 26 -27.50 -52.02 10.28
N LEU K 27 -28.19 -52.21 11.40
CA LEU K 27 -28.41 -51.09 12.30
C LEU K 27 -27.11 -50.65 12.94
N ARG K 28 -26.22 -51.60 13.25
CA ARG K 28 -24.91 -51.24 13.79
C ARG K 28 -24.11 -50.46 12.75
N LYS K 29 -24.10 -50.93 11.51
CA LYS K 29 -23.38 -50.23 10.45
C LYS K 29 -23.97 -48.86 10.19
N THR K 30 -25.30 -48.76 10.15
CA THR K 30 -25.95 -47.48 9.90
C THR K 30 -25.67 -46.50 11.04
N THR K 31 -25.66 -47.00 12.27
CA THR K 31 -25.33 -46.15 13.41
C THR K 31 -23.88 -45.67 13.33
N GLU K 32 -22.97 -46.51 12.84
CA GLU K 32 -21.61 -46.09 12.58
C GLU K 32 -21.60 -44.88 11.64
N GLU K 33 -22.39 -44.95 10.57
CA GLU K 33 -22.41 -43.86 9.60
C GLU K 33 -22.94 -42.57 10.22
N ASN K 34 -23.92 -42.68 11.13
CA ASN K 34 -24.35 -41.51 11.90
C ASN K 34 -23.22 -40.95 12.74
N GLN K 35 -22.53 -41.80 13.50
CA GLN K 35 -21.42 -41.33 14.30
C GLN K 35 -20.37 -40.66 13.43
N GLU K 36 -20.08 -41.24 12.27
CA GLU K 36 -19.14 -40.64 11.35
C GLU K 36 -19.61 -39.26 10.90
N LEU K 37 -20.87 -39.14 10.48
CA LEU K 37 -21.38 -37.87 9.98
C LEU K 37 -21.40 -36.81 11.06
N VAL K 38 -21.98 -37.13 12.21
CA VAL K 38 -22.08 -36.16 13.30
C VAL K 38 -20.69 -35.73 13.76
N THR K 39 -19.79 -36.69 13.97
CA THR K 39 -18.45 -36.36 14.45
C THR K 39 -17.71 -35.47 13.47
N ARG K 40 -17.87 -35.72 12.17
CA ARG K 40 -17.23 -34.85 11.18
C ARG K 40 -17.84 -33.46 11.19
N TRP K 41 -19.17 -33.35 11.28
CA TRP K 41 -19.79 -32.04 11.36
C TRP K 41 -19.28 -31.29 12.58
N MET K 42 -19.17 -31.99 13.72
CA MET K 42 -18.70 -31.36 14.94
C MET K 42 -17.25 -30.91 14.82
N ALA K 43 -16.41 -31.70 14.15
CA ALA K 43 -15.02 -31.32 13.96
C ALA K 43 -14.90 -30.01 13.19
N GLU K 44 -15.72 -29.84 12.16
CA GLU K 44 -15.66 -28.62 11.37
C GLU K 44 -16.22 -27.44 12.15
N LYS K 45 -17.36 -27.64 12.83
CA LYS K 45 -17.89 -26.57 13.66
C LYS K 45 -17.00 -26.26 14.85
N ALA K 46 -16.26 -27.26 15.34
CA ALA K 46 -15.32 -27.01 16.43
C ALA K 46 -14.19 -26.09 16.00
N GLN K 47 -13.61 -26.33 14.82
CA GLN K 47 -12.56 -25.44 14.32
C GLN K 47 -13.07 -24.02 14.19
N GLU K 48 -14.24 -23.85 13.57
CA GLU K 48 -14.80 -22.53 13.40
C GLU K 48 -15.04 -21.85 14.74
N ALA K 49 -15.50 -22.61 15.74
CA ALA K 49 -15.68 -22.04 17.06
C ALA K 49 -14.35 -21.58 17.67
N ASN K 50 -13.31 -22.42 17.57
CA ASN K 50 -12.01 -22.04 18.10
C ASN K 50 -11.41 -20.87 17.34
N ARG K 51 -11.63 -20.81 16.01
CA ARG K 51 -11.16 -19.68 15.23
C ARG K 51 -11.76 -18.38 15.73
N LEU K 52 -13.08 -18.38 15.98
CA LEU K 52 -13.75 -17.18 16.46
C LEU K 52 -13.36 -16.84 17.90
N ASN K 53 -13.01 -17.83 18.71
CA ASN K 53 -12.60 -17.53 20.07
C ASN K 53 -11.27 -16.77 20.13
N ALA K 54 -10.54 -16.69 19.02
CA ALA K 54 -9.29 -15.95 18.98
C ALA K 54 -9.50 -14.44 19.01
N GLU K 55 -10.70 -13.95 18.73
CA GLU K 55 -10.95 -12.51 18.76
C GLU K 55 -11.91 -12.15 19.89
N GLN L 7 -49.30 -74.49 21.09
CA GLN L 7 -49.21 -73.22 20.38
C GLN L 7 -48.36 -72.20 21.12
N THR L 8 -47.50 -72.68 22.02
CA THR L 8 -46.58 -71.78 22.71
C THR L 8 -45.60 -71.16 21.72
N LEU L 9 -45.15 -71.96 20.75
CA LEU L 9 -44.28 -71.46 19.69
C LEU L 9 -44.99 -70.37 18.89
N LYS L 10 -46.29 -70.55 18.64
CA LYS L 10 -47.06 -69.56 17.89
C LYS L 10 -47.04 -68.20 18.59
N ASP L 11 -47.18 -68.18 19.90
CA ASP L 11 -47.12 -66.93 20.65
C ASP L 11 -45.74 -66.29 20.55
N GLU L 12 -44.69 -67.10 20.60
CA GLU L 12 -43.32 -66.60 20.50
C GLU L 12 -43.06 -65.90 19.17
N TYR L 13 -43.36 -66.60 18.06
CA TYR L 13 -43.13 -66.03 16.73
C TYR L 13 -43.83 -64.69 16.56
N ASP L 14 -45.06 -64.58 17.08
CA ASP L 14 -45.77 -63.31 17.00
C ASP L 14 -45.03 -62.22 17.75
N ALA L 15 -44.37 -62.57 18.87
CA ALA L 15 -43.64 -61.57 19.64
C ALA L 15 -42.37 -61.12 18.92
N LEU L 16 -41.63 -62.07 18.33
CA LEU L 16 -40.42 -61.70 17.59
C LEU L 16 -40.76 -60.84 16.38
N GLN L 17 -41.87 -61.14 15.70
CA GLN L 17 -42.28 -60.32 14.56
C GLN L 17 -42.44 -58.86 14.97
N ILE L 18 -43.06 -58.63 16.14
CA ILE L 18 -43.20 -57.27 16.63
C ILE L 18 -41.84 -56.65 16.89
N THR L 19 -40.95 -57.39 17.57
CA THR L 19 -39.60 -56.89 17.82
C THR L 19 -38.85 -56.63 16.52
N PHE L 20 -39.05 -57.50 15.53
CA PHE L 20 -38.44 -57.29 14.22
C PHE L 20 -38.93 -55.98 13.60
N THR L 21 -40.23 -55.72 13.69
CA THR L 21 -40.80 -54.48 13.17
C THR L 21 -40.18 -53.26 13.85
N ALA L 22 -40.02 -53.32 15.18
CA ALA L 22 -39.46 -52.19 15.91
C ALA L 22 -38.08 -51.80 15.40
N LEU L 23 -37.19 -52.78 15.15
CA LEU L 23 -35.87 -52.43 14.63
C LEU L 23 -35.97 -51.87 13.22
N GLU L 24 -36.86 -52.41 12.39
CA GLU L 24 -37.06 -51.84 11.06
C GLU L 24 -37.43 -50.37 11.14
N GLU L 25 -38.35 -50.03 12.05
CA GLU L 25 -38.73 -48.62 12.20
C GLU L 25 -37.54 -47.78 12.60
N LYS L 26 -36.78 -48.23 13.61
CA LYS L 26 -35.64 -47.44 14.05
C LYS L 26 -34.55 -47.41 13.00
N LEU L 27 -34.39 -48.48 12.21
CA LEU L 27 -33.45 -48.42 11.11
C LEU L 27 -33.92 -47.42 10.04
N ARG L 28 -35.22 -47.39 9.77
CA ARG L 28 -35.78 -46.38 8.87
C ARG L 28 -35.49 -44.98 9.38
N LYS L 29 -35.80 -44.72 10.65
CA LYS L 29 -35.52 -43.42 11.26
C LYS L 29 -34.04 -43.07 11.15
N THR L 30 -33.17 -44.05 11.44
CA THR L 30 -31.74 -43.82 11.37
C THR L 30 -31.29 -43.55 9.94
N THR L 31 -31.83 -44.29 8.97
CA THR L 31 -31.50 -44.05 7.57
C THR L 31 -32.02 -42.69 7.10
N GLU L 32 -33.23 -42.33 7.54
CA GLU L 32 -33.74 -40.99 7.25
C GLU L 32 -32.79 -39.91 7.74
N GLU L 33 -32.29 -40.05 8.97
CA GLU L 33 -31.41 -39.02 9.53
C GLU L 33 -30.09 -38.93 8.78
N ASN L 34 -29.56 -40.06 8.29
CA ASN L 34 -28.35 -39.99 7.46
C ASN L 34 -28.59 -39.16 6.20
N GLN L 35 -29.67 -39.45 5.48
CA GLN L 35 -29.99 -38.67 4.28
C GLN L 35 -30.15 -37.20 4.61
N GLU L 36 -30.80 -36.90 5.73
CA GLU L 36 -30.92 -35.50 6.16
C GLU L 36 -29.54 -34.89 6.36
N LEU L 37 -28.65 -35.60 7.06
CA LEU L 37 -27.31 -35.08 7.34
C LEU L 37 -26.55 -34.89 6.04
N VAL L 38 -26.55 -35.91 5.18
CA VAL L 38 -25.83 -35.83 3.91
C VAL L 38 -26.38 -34.68 3.06
N THR L 39 -27.72 -34.58 2.98
CA THR L 39 -28.32 -33.52 2.17
C THR L 39 -27.95 -32.14 2.70
N ARG L 40 -27.90 -31.99 4.02
CA ARG L 40 -27.49 -30.72 4.59
C ARG L 40 -26.03 -30.42 4.30
N TRP L 41 -25.16 -31.43 4.40
CA TRP L 41 -23.76 -31.23 4.03
C TRP L 41 -23.66 -30.75 2.58
N MET L 42 -24.49 -31.31 1.69
CA MET L 42 -24.47 -30.88 0.30
C MET L 42 -24.84 -29.41 0.18
N ALA L 43 -25.82 -28.97 0.97
CA ALA L 43 -26.19 -27.56 0.99
C ALA L 43 -25.02 -26.71 1.43
N GLU L 44 -24.35 -27.11 2.51
CA GLU L 44 -23.18 -26.38 3.00
C GLU L 44 -22.14 -26.20 1.90
N LYS L 45 -21.67 -27.31 1.34
CA LYS L 45 -20.60 -27.24 0.35
C LYS L 45 -21.05 -26.58 -0.95
N ALA L 46 -22.33 -26.72 -1.31
CA ALA L 46 -22.85 -26.00 -2.48
C ALA L 46 -22.70 -24.50 -2.30
N GLN L 47 -23.09 -23.99 -1.14
CA GLN L 47 -22.94 -22.56 -0.87
C GLN L 47 -21.47 -22.14 -0.93
N GLU L 48 -20.58 -22.93 -0.31
CA GLU L 48 -19.16 -22.63 -0.35
C GLU L 48 -18.63 -22.63 -1.79
N ALA L 49 -19.11 -23.57 -2.61
CA ALA L 49 -18.68 -23.61 -4.00
C ALA L 49 -19.08 -22.34 -4.74
N ASN L 50 -20.32 -21.87 -4.54
CA ASN L 50 -20.75 -20.64 -5.18
C ASN L 50 -19.95 -19.44 -4.69
N ARG L 51 -19.61 -19.43 -3.40
CA ARG L 51 -18.79 -18.37 -2.86
C ARG L 51 -17.44 -18.29 -3.57
N LEU L 52 -16.77 -19.44 -3.73
CA LEU L 52 -15.48 -19.45 -4.40
C LEU L 52 -15.59 -19.19 -5.89
N ASN L 53 -16.72 -19.53 -6.51
CA ASN L 53 -16.88 -19.23 -7.93
C ASN L 53 -16.98 -17.73 -8.19
N ALA L 54 -17.14 -16.93 -7.14
CA ALA L 54 -17.21 -15.48 -7.25
C ALA L 54 -15.87 -14.83 -7.62
N GLU L 55 -14.76 -15.56 -7.54
CA GLU L 55 -13.46 -15.01 -7.88
C GLU L 55 -12.92 -15.61 -9.17
#